data_6MPB
#
_entry.id   6MPB
#
_cell.length_a   1
_cell.length_b   1
_cell.length_c   1
_cell.angle_alpha   90.00
_cell.angle_beta   90.00
_cell.angle_gamma   90.00
#
_symmetry.space_group_name_H-M   'P 1'
#
loop_
_entity.id
_entity.type
_entity.pdbx_description
1 polymer 'Neutral amino acid transporter B(0)'
2 non-polymer GLUTAMINE
3 non-polymer 2-acetamido-2-deoxy-beta-D-glucopyranose
#
_entity_poly.entity_id   1
_entity_poly.type   'polypeptide(L)'
_entity_poly.pdbx_seq_one_letter_code
;MVADPPRDSKGLAAAEPTANGGLALASIEDQGAAAGGYCGSRDQVRRCLRANLLVLLTVVAVVAGVALGLGVSGAGGALA
LGPERLSAFVFPGELLLRLLRMIILPLVVCSLIGGAASLDPGALGRLGAWALLFFLVTTLLASALGVGLALALQPGAASA
AINASVGAAGSAENAPSKEVLDSFLDLARNIFPSNLVSAAFRSYSTTYEERNITGTRVKVPVGQEVEGMNILGLVVFAIV
FGVALRKLGPEGELLIRFFNSFNEATMVLVSWIMWYAPVGIMFLVAGKIVEMEDVGLLFARLGKYILCCLLGHAIHGLLV
LPLIYFLFTRKNPYRFLWGIVTPLATAFGTSSSSATLPLMMKCVEENNGVAKHISRFILPIGATVNMDGAALFQCVAAVF
IAQLSQQSLDFVKIITILVTATASSVGAAGIPAGGVLTLAIILEAVNLPVDHISLILAVDWLVDRSCTVLNVEGDALGAG
LLQNYVDRTESRSTEPELIQVKSELPLDPLPVPTEEGNPLLKHYRGPAGDATVASEKESVM
;
_entity_poly.pdbx_strand_id   B,C,A
#
# COMPACT_ATOMS: atom_id res chain seq x y z
N ASP A 43 -33.83 -44.40 5.72
CA ASP A 43 -34.23 -43.67 6.92
C ASP A 43 -34.59 -42.22 6.60
N GLN A 44 -35.65 -41.72 7.24
CA GLN A 44 -36.02 -40.33 7.09
C GLN A 44 -35.06 -39.40 7.81
N VAL A 45 -34.34 -39.91 8.81
CA VAL A 45 -33.37 -39.11 9.53
C VAL A 45 -32.14 -38.81 8.67
N ARG A 46 -31.89 -39.61 7.63
CA ARG A 46 -30.83 -39.30 6.69
C ARG A 46 -31.17 -38.11 5.80
N ARG A 47 -32.45 -37.78 5.66
CA ARG A 47 -32.85 -36.69 4.78
C ARG A 47 -32.54 -35.34 5.40
N CYS A 48 -32.79 -35.17 6.70
CA CYS A 48 -32.55 -33.89 7.35
C CYS A 48 -31.06 -33.63 7.54
N LEU A 49 -30.25 -34.67 7.65
CA LEU A 49 -28.82 -34.47 7.86
C LEU A 49 -28.12 -34.03 6.59
N ARG A 50 -28.63 -34.44 5.42
CA ARG A 50 -28.06 -33.98 4.17
C ARG A 50 -28.40 -32.51 3.91
N ALA A 51 -29.56 -32.05 4.37
CA ALA A 51 -29.94 -30.66 4.22
C ALA A 51 -29.38 -29.78 5.32
N ASN A 52 -28.78 -30.35 6.35
CA ASN A 52 -28.19 -29.62 7.46
C ASN A 52 -26.75 -30.03 7.63
N LEU A 53 -26.02 -30.09 6.52
CA LEU A 53 -24.67 -30.61 6.54
C LEU A 53 -23.69 -29.61 7.15
N LEU A 54 -23.82 -28.33 6.79
CA LEU A 54 -22.94 -27.31 7.34
C LEU A 54 -23.23 -27.07 8.82
N VAL A 55 -24.50 -27.17 9.21
CA VAL A 55 -24.88 -26.98 10.61
C VAL A 55 -24.30 -28.10 11.47
N LEU A 56 -24.36 -29.33 10.98
CA LEU A 56 -23.89 -30.47 11.76
C LEU A 56 -22.37 -30.49 11.84
N LEU A 57 -21.68 -30.15 10.74
CA LEU A 57 -20.22 -30.24 10.71
C LEU A 57 -19.56 -29.13 11.51
N THR A 58 -20.23 -27.99 11.66
CA THR A 58 -19.60 -26.87 12.34
C THR A 58 -19.61 -27.09 13.86
N VAL A 59 -20.75 -27.49 14.42
CA VAL A 59 -20.83 -27.67 15.86
C VAL A 59 -20.16 -28.95 16.33
N VAL A 60 -19.92 -29.91 15.43
CA VAL A 60 -19.22 -31.12 15.85
C VAL A 60 -17.72 -30.87 15.87
N ALA A 61 -17.25 -29.82 15.21
CA ALA A 61 -15.83 -29.52 15.16
C ALA A 61 -15.39 -28.60 16.29
N VAL A 62 -16.27 -27.72 16.75
CA VAL A 62 -15.91 -26.83 17.86
C VAL A 62 -15.81 -27.61 19.15
N VAL A 63 -16.53 -28.72 19.28
CA VAL A 63 -16.34 -29.63 20.41
C VAL A 63 -15.24 -30.65 20.13
N ALA A 64 -14.82 -30.80 18.88
CA ALA A 64 -13.75 -31.75 18.57
C ALA A 64 -12.40 -31.22 19.03
N GLY A 65 -12.13 -29.94 18.82
CA GLY A 65 -10.86 -29.37 19.20
C GLY A 65 -10.67 -29.26 20.70
N VAL A 66 -11.78 -29.07 21.43
CA VAL A 66 -11.71 -29.07 22.89
C VAL A 66 -11.31 -30.46 23.39
N ALA A 67 -11.90 -31.50 22.80
CA ALA A 67 -11.45 -32.86 23.10
C ALA A 67 -10.06 -33.12 22.54
N LEU A 68 -9.70 -32.46 21.44
CA LEU A 68 -8.37 -32.64 20.87
C LEU A 68 -7.32 -31.91 21.70
N GLY A 69 -7.60 -30.66 22.06
CA GLY A 69 -6.59 -29.84 22.70
C GLY A 69 -6.33 -30.23 24.15
N LEU A 70 -7.37 -30.65 24.86
CA LEU A 70 -7.18 -31.10 26.24
C LEU A 70 -6.39 -32.39 26.31
N GLY A 71 -6.51 -33.25 25.29
CA GLY A 71 -5.63 -34.40 25.19
C GLY A 71 -4.21 -34.02 24.88
N VAL A 72 -4.02 -32.91 24.17
CA VAL A 72 -2.67 -32.40 23.93
C VAL A 72 -2.15 -31.68 25.18
N SER A 73 -2.99 -30.87 25.81
CA SER A 73 -2.55 -30.13 26.98
C SER A 73 -2.39 -31.05 28.20
N GLY A 74 -3.22 -32.06 28.30
CA GLY A 74 -3.10 -33.02 29.39
C GLY A 74 -1.91 -33.95 29.19
N ALA A 75 -1.96 -34.76 28.14
CA ALA A 75 -0.88 -35.70 27.85
C ALA A 75 0.23 -34.95 27.12
N GLY A 76 1.34 -34.74 27.80
CA GLY A 76 2.49 -34.06 27.21
C GLY A 76 2.55 -32.57 27.42
N GLY A 77 1.44 -31.88 27.18
CA GLY A 77 1.40 -30.45 27.37
C GLY A 77 2.00 -29.68 26.20
N ALA A 78 2.14 -28.37 26.42
CA ALA A 78 2.67 -27.50 25.38
C ALA A 78 4.16 -27.71 25.17
N LEU A 79 4.88 -28.13 26.21
CA LEU A 79 6.32 -28.31 26.10
C LEU A 79 6.70 -29.56 25.33
N ALA A 80 5.78 -30.52 25.18
CA ALA A 80 6.10 -31.76 24.48
C ALA A 80 6.19 -31.54 22.97
N LEU A 81 5.55 -30.49 22.46
CA LEU A 81 5.55 -30.26 21.02
C LEU A 81 6.77 -29.46 20.56
N GLY A 82 7.20 -28.48 21.34
CA GLY A 82 8.29 -27.62 20.95
C GLY A 82 7.80 -26.44 20.16
N PRO A 83 8.48 -25.29 20.30
CA PRO A 83 8.05 -24.08 19.59
C PRO A 83 8.24 -24.17 18.08
N GLU A 84 9.20 -24.97 17.61
CA GLU A 84 9.40 -25.11 16.17
C GLU A 84 8.33 -25.97 15.53
N ARG A 85 7.57 -26.72 16.31
CA ARG A 85 6.48 -27.53 15.79
C ARG A 85 5.11 -26.96 16.12
N LEU A 86 5.02 -26.13 17.16
CA LEU A 86 3.73 -25.58 17.60
C LEU A 86 3.12 -24.66 16.56
N SER A 87 3.96 -23.90 15.84
CA SER A 87 3.46 -23.07 14.77
C SER A 87 2.97 -23.90 13.60
N ALA A 88 3.57 -25.07 13.37
CA ALA A 88 3.07 -25.97 12.34
C ALA A 88 1.76 -26.62 12.74
N PHE A 89 1.50 -26.77 14.04
CA PHE A 89 0.25 -27.37 14.48
C PHE A 89 -0.92 -26.40 14.36
N VAL A 90 -0.69 -25.12 14.69
CA VAL A 90 -1.75 -24.14 14.68
C VAL A 90 -2.02 -23.60 13.28
N PHE A 91 -1.21 -23.98 12.30
CA PHE A 91 -1.33 -23.42 10.96
C PHE A 91 -2.64 -23.72 10.21
N PRO A 92 -3.23 -24.94 10.22
CA PRO A 92 -4.49 -25.12 9.48
C PRO A 92 -5.66 -24.35 10.05
N GLY A 93 -5.58 -23.90 11.30
CA GLY A 93 -6.54 -22.96 11.81
C GLY A 93 -6.15 -21.54 11.45
N GLU A 94 -4.86 -21.24 11.54
CA GLU A 94 -4.37 -19.90 11.22
C GLU A 94 -4.46 -19.62 9.72
N LEU A 95 -4.48 -20.65 8.88
CA LEU A 95 -4.71 -20.44 7.46
C LEU A 95 -6.16 -20.04 7.19
N LEU A 96 -7.09 -20.50 8.02
CA LEU A 96 -8.51 -20.15 7.83
C LEU A 96 -8.74 -18.67 8.08
N LEU A 97 -8.17 -18.13 9.16
CA LEU A 97 -8.33 -16.71 9.48
C LEU A 97 -7.64 -15.81 8.46
N ARG A 98 -6.69 -16.35 7.69
CA ARG A 98 -5.99 -15.55 6.71
C ARG A 98 -6.82 -15.34 5.45
N LEU A 99 -7.21 -16.43 4.78
CA LEU A 99 -7.85 -16.28 3.47
C LEU A 99 -9.28 -15.80 3.58
N LEU A 100 -9.91 -15.98 4.74
CA LEU A 100 -11.25 -15.46 4.98
C LEU A 100 -11.24 -13.98 5.30
N ARG A 101 -10.05 -13.40 5.49
CA ARG A 101 -9.91 -11.98 5.72
C ARG A 101 -9.54 -11.21 4.47
N MET A 102 -8.99 -11.88 3.45
CA MET A 102 -8.57 -11.16 2.26
C MET A 102 -9.73 -10.74 1.37
N ILE A 103 -10.93 -11.29 1.59
CA ILE A 103 -12.05 -11.00 0.72
C ILE A 103 -12.94 -9.90 1.26
N ILE A 104 -12.68 -9.40 2.48
CA ILE A 104 -13.52 -8.33 2.98
C ILE A 104 -13.17 -7.00 2.34
N LEU A 105 -11.97 -6.86 1.76
CA LEU A 105 -11.66 -5.63 1.05
C LEU A 105 -12.39 -5.52 -0.28
N PRO A 106 -12.46 -6.57 -1.16
CA PRO A 106 -13.29 -6.40 -2.37
C PRO A 106 -14.76 -6.68 -2.14
N LEU A 107 -15.18 -6.74 -0.88
CA LEU A 107 -16.60 -6.89 -0.57
C LEU A 107 -17.20 -5.64 0.05
N VAL A 108 -16.60 -5.13 1.13
CA VAL A 108 -17.20 -4.05 1.89
C VAL A 108 -17.21 -2.76 1.08
N VAL A 109 -16.11 -2.46 0.38
CA VAL A 109 -16.09 -1.27 -0.46
C VAL A 109 -16.88 -1.50 -1.75
N CYS A 110 -17.23 -2.74 -2.06
CA CYS A 110 -17.99 -3.06 -3.27
C CYS A 110 -19.47 -3.26 -3.02
N SER A 111 -19.83 -4.00 -1.96
CA SER A 111 -21.23 -4.32 -1.74
C SER A 111 -22.01 -3.13 -1.21
N LEU A 112 -21.36 -2.18 -0.55
CA LEU A 112 -22.07 -1.00 -0.09
C LEU A 112 -22.41 -0.04 -1.21
N ILE A 113 -21.76 -0.16 -2.37
CA ILE A 113 -22.10 0.69 -3.51
C ILE A 113 -23.45 0.29 -4.07
N GLY A 114 -23.57 -0.97 -4.50
CA GLY A 114 -24.81 -1.45 -5.08
C GLY A 114 -25.96 -1.49 -4.09
N GLY A 115 -25.67 -1.59 -2.81
CA GLY A 115 -26.70 -1.44 -1.80
C GLY A 115 -27.19 -0.02 -1.73
N ALA A 116 -26.29 0.91 -1.41
CA ALA A 116 -26.69 2.30 -1.21
C ALA A 116 -26.59 3.12 -2.49
N ALA A 117 -27.09 2.57 -3.58
CA ALA A 117 -27.36 3.37 -4.76
C ALA A 117 -28.68 2.97 -5.43
N SER A 118 -29.36 1.95 -4.92
CA SER A 118 -30.63 1.55 -5.49
C SER A 118 -31.75 2.50 -5.08
N LEU A 119 -31.97 2.62 -3.78
CA LEU A 119 -33.03 3.46 -3.26
C LEU A 119 -32.64 4.94 -3.34
N ASP A 120 -33.59 5.79 -3.01
CA ASP A 120 -33.40 7.24 -3.04
C ASP A 120 -32.69 7.71 -1.78
N PRO A 121 -31.93 8.82 -1.86
CA PRO A 121 -31.31 9.36 -0.64
C PRO A 121 -32.30 9.94 0.35
N GLY A 122 -33.51 10.30 -0.09
CA GLY A 122 -34.54 10.66 0.86
C GLY A 122 -35.05 9.47 1.64
N ALA A 123 -35.10 8.31 1.01
CA ALA A 123 -35.51 7.09 1.70
C ALA A 123 -34.38 6.47 2.50
N LEU A 124 -33.13 6.79 2.17
CA LEU A 124 -32.00 6.27 2.94
C LEU A 124 -31.94 6.91 4.32
N GLY A 125 -32.35 8.18 4.44
CA GLY A 125 -32.50 8.78 5.75
C GLY A 125 -33.60 8.13 6.56
N ARG A 126 -34.67 7.70 5.88
CA ARG A 126 -35.70 6.90 6.52
C ARG A 126 -35.24 5.47 6.78
N LEU A 127 -34.10 5.07 6.25
CA LEU A 127 -33.49 3.79 6.57
C LEU A 127 -32.33 3.94 7.54
N GLY A 128 -31.55 5.01 7.41
CA GLY A 128 -30.36 5.19 8.23
C GLY A 128 -30.62 5.66 9.64
N ALA A 129 -31.59 6.57 9.79
CA ALA A 129 -31.85 7.13 11.11
C ALA A 129 -32.51 6.11 12.03
N TRP A 130 -33.41 5.29 11.50
CA TRP A 130 -33.96 4.18 12.28
C TRP A 130 -32.90 3.12 12.57
N ALA A 131 -31.88 3.01 11.72
CA ALA A 131 -30.81 2.05 11.92
C ALA A 131 -29.89 2.46 13.05
N LEU A 132 -29.32 3.67 12.98
CA LEU A 132 -28.35 4.12 13.98
C LEU A 132 -29.01 4.33 15.34
N LEU A 133 -30.32 4.56 15.37
CA LEU A 133 -31.04 4.54 16.63
C LEU A 133 -31.06 3.14 17.22
N PHE A 134 -31.13 2.11 16.37
CA PHE A 134 -31.21 0.75 16.88
C PHE A 134 -29.86 0.28 17.40
N PHE A 135 -28.77 0.67 16.75
CA PHE A 135 -27.46 0.27 17.23
C PHE A 135 -27.10 0.98 18.53
N LEU A 136 -27.65 2.18 18.74
CA LEU A 136 -27.37 2.90 19.97
C LEU A 136 -28.12 2.29 21.15
N VAL A 137 -29.36 1.86 20.93
CA VAL A 137 -30.16 1.30 22.02
C VAL A 137 -29.63 -0.06 22.43
N THR A 138 -29.32 -0.91 21.44
CA THR A 138 -28.86 -2.27 21.73
C THR A 138 -27.50 -2.27 22.41
N THR A 139 -26.63 -1.32 22.05
CA THR A 139 -25.34 -1.23 22.72
C THR A 139 -25.50 -0.69 24.15
N LEU A 140 -26.38 0.30 24.32
CA LEU A 140 -26.56 0.91 25.64
C LEU A 140 -27.28 -0.02 26.59
N LEU A 141 -28.25 -0.79 26.07
CA LEU A 141 -28.98 -1.72 26.92
C LEU A 141 -28.10 -2.89 27.34
N ALA A 142 -27.14 -3.27 26.50
CA ALA A 142 -26.19 -4.31 26.88
C ALA A 142 -25.25 -3.82 27.97
N SER A 143 -24.82 -2.56 27.89
CA SER A 143 -23.94 -2.02 28.91
C SER A 143 -24.69 -1.76 30.21
N ALA A 144 -26.00 -1.53 30.13
CA ALA A 144 -26.80 -1.39 31.34
C ALA A 144 -26.92 -2.70 32.08
N LEU A 145 -26.83 -3.82 31.37
CA LEU A 145 -26.80 -5.13 32.02
C LEU A 145 -25.49 -5.34 32.77
N GLY A 146 -24.41 -4.69 32.33
CA GLY A 146 -23.11 -4.88 32.97
C GLY A 146 -23.06 -4.33 34.37
N VAL A 147 -23.66 -3.17 34.60
CA VAL A 147 -23.77 -2.65 35.95
C VAL A 147 -24.77 -3.47 36.76
N GLY A 148 -25.91 -3.80 36.15
CA GLY A 148 -26.98 -4.49 36.85
C GLY A 148 -26.67 -5.92 37.22
N LEU A 149 -25.68 -6.53 36.58
CA LEU A 149 -25.31 -7.90 36.91
C LEU A 149 -24.08 -7.96 37.80
N ALA A 150 -23.13 -7.04 37.63
CA ALA A 150 -21.93 -7.06 38.47
C ALA A 150 -22.21 -6.57 39.88
N LEU A 151 -23.16 -5.63 40.04
CA LEU A 151 -23.48 -5.13 41.37
C LEU A 151 -24.28 -6.16 42.16
N ALA A 152 -25.12 -6.93 41.49
CA ALA A 152 -25.92 -7.96 42.16
C ALA A 152 -25.17 -9.27 42.36
N LEU A 153 -23.90 -9.34 41.98
CA LEU A 153 -23.14 -10.57 42.12
C LEU A 153 -21.85 -10.29 42.89
N GLN A 154 -21.32 -9.06 42.76
CA GLN A 154 -20.10 -8.58 43.39
C GLN A 154 -18.90 -9.48 43.11
N PRO A 155 -18.32 -9.44 41.90
CA PRO A 155 -17.21 -10.34 41.58
C PRO A 155 -15.93 -10.02 42.35
N GLY A 156 -15.81 -8.83 42.92
CA GLY A 156 -14.69 -8.54 43.80
C GLY A 156 -14.95 -9.08 45.19
N ALA A 157 -14.92 -10.40 45.33
CA ALA A 157 -15.27 -11.07 46.57
C ALA A 157 -14.01 -11.61 47.25
N ALA A 158 -14.18 -12.02 48.51
CA ALA A 158 -13.09 -12.56 49.30
C ALA A 158 -12.75 -13.95 48.76
N SER A 159 -11.72 -14.01 47.92
CA SER A 159 -11.36 -15.22 47.21
C SER A 159 -9.90 -15.11 46.80
N ALA A 160 -9.48 -15.97 45.88
CA ALA A 160 -8.16 -15.83 45.28
C ALA A 160 -8.10 -14.71 44.25
N ALA A 161 -9.25 -14.18 43.85
CA ALA A 161 -9.29 -13.07 42.91
C ALA A 161 -8.74 -11.79 43.53
N ILE A 162 -8.85 -11.65 44.86
CA ILE A 162 -8.33 -10.46 45.51
C ILE A 162 -6.81 -10.52 45.65
N ASN A 163 -6.20 -11.69 45.41
CA ASN A 163 -4.75 -11.80 45.33
C ASN A 163 -4.30 -11.33 43.95
N ALA A 164 -4.35 -10.02 43.76
CA ALA A 164 -3.89 -9.39 42.52
C ALA A 164 -2.45 -8.90 42.61
N SER A 165 -1.86 -8.87 43.82
CA SER A 165 -0.48 -8.42 43.97
C SER A 165 0.49 -9.40 43.32
N VAL A 166 0.16 -10.69 43.33
CA VAL A 166 0.96 -11.68 42.62
C VAL A 166 0.77 -11.55 41.11
N GLY A 167 -0.36 -10.98 40.67
CA GLY A 167 -0.63 -10.85 39.26
C GLY A 167 -0.26 -9.51 38.67
N ALA A 168 -0.10 -8.49 39.52
CA ALA A 168 0.18 -7.15 39.00
C ALA A 168 1.65 -7.02 38.59
N ALA A 169 2.55 -7.08 39.57
CA ALA A 169 4.00 -7.06 39.44
C ALA A 169 4.56 -5.81 38.75
N GLY A 170 3.75 -4.78 38.55
CA GLY A 170 4.17 -3.61 37.78
C GLY A 170 4.50 -3.88 36.33
N SER A 171 3.94 -4.95 35.76
CA SER A 171 4.36 -5.40 34.43
C SER A 171 3.71 -4.58 33.33
N ALA A 172 2.38 -4.57 33.29
CA ALA A 172 1.62 -3.91 32.23
C ALA A 172 1.43 -2.42 32.49
N GLU A 173 2.15 -1.85 33.45
CA GLU A 173 2.15 -0.39 33.63
C GLU A 173 2.84 0.29 32.47
N ASN A 174 3.85 -0.36 31.88
CA ASN A 174 4.54 0.17 30.70
C ASN A 174 3.62 0.00 29.49
N ALA A 175 2.70 0.94 29.35
CA ALA A 175 1.69 0.97 28.31
C ALA A 175 1.64 2.36 27.70
N PRO A 176 1.24 2.49 26.42
CA PRO A 176 1.08 3.83 25.83
C PRO A 176 -0.01 4.64 26.52
N SER A 177 -1.24 4.11 26.54
CA SER A 177 -2.40 4.65 27.26
C SER A 177 -2.68 6.10 26.87
N LYS A 178 -3.07 6.27 25.60
CA LYS A 178 -3.37 7.58 25.07
C LYS A 178 -4.59 8.20 25.77
N GLU A 179 -4.65 9.52 25.75
CA GLU A 179 -5.65 10.25 26.52
C GLU A 179 -7.02 10.13 25.90
N VAL A 180 -8.04 10.41 26.71
CA VAL A 180 -9.43 10.21 26.27
C VAL A 180 -9.83 11.28 25.28
N LEU A 181 -9.21 12.45 25.33
CA LEU A 181 -9.52 13.49 24.35
C LEU A 181 -8.87 13.18 23.01
N ASP A 182 -7.74 12.47 23.03
CA ASP A 182 -7.01 12.24 21.80
C ASP A 182 -7.59 11.08 21.01
N SER A 183 -7.98 10.00 21.70
CA SER A 183 -8.53 8.83 21.01
C SER A 183 -9.91 9.12 20.44
N PHE A 184 -10.70 9.95 21.13
CA PHE A 184 -11.96 10.40 20.56
C PHE A 184 -11.72 11.32 19.37
N LEU A 185 -10.62 12.08 19.40
CA LEU A 185 -10.25 12.88 18.25
C LEU A 185 -9.67 12.01 17.15
N ASP A 186 -9.04 10.90 17.53
CA ASP A 186 -8.42 10.02 16.55
C ASP A 186 -9.46 9.27 15.73
N LEU A 187 -10.61 8.98 16.32
CA LEU A 187 -11.64 8.22 15.60
C LEU A 187 -12.29 9.08 14.53
N ALA A 188 -12.44 10.38 14.78
CA ALA A 188 -12.96 11.27 13.75
C ALA A 188 -11.97 11.48 12.63
N ARG A 189 -10.68 11.38 12.93
CA ARG A 189 -9.65 11.49 11.90
C ARG A 189 -9.46 10.16 11.17
N ASN A 190 -9.83 9.05 11.79
CA ASN A 190 -9.77 7.76 11.11
C ASN A 190 -10.91 7.63 10.10
N ILE A 191 -12.08 8.17 10.44
CA ILE A 191 -13.09 8.46 9.44
C ILE A 191 -12.55 9.55 8.53
N PHE A 192 -12.95 9.53 7.24
CA PHE A 192 -12.42 10.36 6.15
C PHE A 192 -10.92 10.18 6.04
N PRO A 193 -10.45 9.07 5.47
CA PRO A 193 -9.03 8.74 5.52
C PRO A 193 -8.17 9.70 4.70
N SER A 194 -6.87 9.61 4.95
CA SER A 194 -5.91 10.48 4.27
C SER A 194 -5.78 10.09 2.80
N ASN A 195 -5.39 8.85 2.54
CA ASN A 195 -5.25 8.34 1.19
C ASN A 195 -6.11 7.09 1.03
N LEU A 196 -6.69 6.93 -0.16
CA LEU A 196 -7.69 5.89 -0.36
C LEU A 196 -7.05 4.51 -0.46
N VAL A 197 -5.90 4.41 -1.14
CA VAL A 197 -5.19 3.14 -1.20
C VAL A 197 -4.57 2.80 0.14
N SER A 198 -4.05 3.82 0.84
CA SER A 198 -3.38 3.60 2.10
C SER A 198 -4.33 3.18 3.21
N ALA A 199 -5.63 3.40 3.06
CA ALA A 199 -6.61 3.01 4.06
C ALA A 199 -7.11 1.59 3.85
N ALA A 200 -6.51 0.86 2.90
CA ALA A 200 -6.90 -0.52 2.69
C ALA A 200 -6.11 -1.48 3.57
N PHE A 201 -4.96 -1.07 4.07
CA PHE A 201 -4.16 -1.91 4.94
C PHE A 201 -3.59 -1.18 6.15
N ARG A 202 -3.65 0.15 6.18
CA ARG A 202 -2.90 0.93 7.16
C ARG A 202 -3.82 1.98 7.76
N SER A 203 -4.19 1.80 9.02
CA SER A 203 -5.09 2.71 9.71
C SER A 203 -4.31 3.91 10.23
N TYR A 204 -4.94 4.71 11.07
CA TYR A 204 -4.28 5.86 11.70
C TYR A 204 -4.43 5.75 13.21
N SER A 205 -3.38 6.17 13.92
CA SER A 205 -3.40 6.21 15.37
C SER A 205 -2.51 7.37 15.81
N THR A 206 -2.15 7.38 17.09
CA THR A 206 -1.30 8.44 17.62
C THR A 206 -0.46 7.92 18.77
N THR A 207 0.73 8.51 18.92
CA THR A 207 1.67 8.21 19.98
C THR A 207 2.05 9.49 20.70
N TYR A 208 3.10 9.43 21.52
CA TYR A 208 3.56 10.59 22.27
C TYR A 208 5.08 10.64 22.29
N GLU A 209 5.61 11.85 22.20
CA GLU A 209 7.05 12.11 22.30
C GLU A 209 7.28 13.21 23.33
N GLU A 210 8.55 13.47 23.62
CA GLU A 210 8.95 14.44 24.63
C GLU A 210 10.10 15.31 24.11
N ARG A 211 9.94 15.87 22.91
CA ARG A 211 11.01 16.65 22.27
C ARG A 211 11.06 18.10 22.78
N ASN A 212 11.04 18.27 24.10
CA ASN A 212 10.62 19.51 24.73
C ASN A 212 11.69 20.04 25.67
N ILE A 213 12.92 20.18 25.17
CA ILE A 213 13.99 20.75 25.98
C ILE A 213 13.78 22.26 25.95
N THR A 214 12.95 22.77 26.86
CA THR A 214 12.71 24.19 27.02
C THR A 214 12.58 24.50 28.51
N GLY A 215 12.71 23.49 29.36
CA GLY A 215 12.26 23.57 30.73
C GLY A 215 10.82 23.12 30.81
N THR A 216 10.50 22.31 31.83
CA THR A 216 9.19 21.67 32.03
C THR A 216 8.81 20.83 30.81
N ARG A 217 9.57 19.74 30.64
CA ARG A 217 9.37 18.78 29.56
C ARG A 217 7.96 18.20 29.55
N VAL A 218 7.24 18.47 28.46
CA VAL A 218 5.85 18.03 28.33
C VAL A 218 5.77 16.97 27.23
N LYS A 219 4.57 16.40 27.04
CA LYS A 219 4.34 15.43 25.99
C LYS A 219 3.78 16.11 24.75
N VAL A 220 4.07 15.53 23.60
CA VAL A 220 3.58 16.08 22.33
C VAL A 220 2.96 14.96 21.50
N PRO A 221 1.77 15.16 20.94
CA PRO A 221 1.16 14.13 20.11
C PRO A 221 1.74 14.10 18.70
N VAL A 222 1.79 12.89 18.14
CA VAL A 222 2.28 12.68 16.79
C VAL A 222 1.63 11.42 16.24
N GLY A 223 1.25 11.46 14.97
CA GLY A 223 0.61 10.33 14.31
C GLY A 223 1.52 9.74 13.25
N GLN A 224 1.44 8.43 13.08
CA GLN A 224 2.39 7.75 12.22
C GLN A 224 1.83 6.63 11.35
N GLU A 225 0.52 6.39 11.37
CA GLU A 225 -0.18 5.41 10.52
C GLU A 225 0.36 3.99 10.72
N VAL A 226 0.04 3.44 11.89
CA VAL A 226 0.46 2.08 12.24
C VAL A 226 -0.27 1.04 11.39
N GLU A 227 0.22 -0.21 11.46
CA GLU A 227 -0.34 -1.31 10.70
C GLU A 227 -1.74 -1.67 11.18
N GLY A 228 -2.62 -1.99 10.23
CA GLY A 228 -3.97 -2.40 10.56
C GLY A 228 -5.00 -1.93 9.55
N MET A 229 -5.92 -2.80 9.16
CA MET A 229 -6.87 -2.46 8.11
C MET A 229 -7.94 -1.51 8.64
N ASN A 230 -8.20 -0.45 7.88
CA ASN A 230 -9.20 0.55 8.24
C ASN A 230 -10.53 0.13 7.63
N ILE A 231 -11.32 -0.61 8.41
CA ILE A 231 -12.64 -1.00 7.94
C ILE A 231 -13.58 0.20 7.96
N LEU A 232 -13.55 0.97 9.05
CA LEU A 232 -14.49 2.09 9.21
C LEU A 232 -14.19 3.22 8.23
N GLY A 233 -12.94 3.40 7.85
CA GLY A 233 -12.59 4.46 6.91
C GLY A 233 -13.11 4.22 5.50
N LEU A 234 -13.36 2.96 5.13
CA LEU A 234 -13.87 2.66 3.80
C LEU A 234 -15.37 2.49 3.76
N VAL A 235 -16.02 2.23 4.90
CA VAL A 235 -17.47 2.17 4.94
C VAL A 235 -18.05 3.56 4.69
N VAL A 236 -17.48 4.58 5.33
CA VAL A 236 -17.97 5.94 5.15
C VAL A 236 -17.64 6.47 3.77
N PHE A 237 -16.64 5.91 3.10
CA PHE A 237 -16.35 6.35 1.74
C PHE A 237 -17.35 5.77 0.75
N ALA A 238 -17.66 4.48 0.88
CA ALA A 238 -18.51 3.82 -0.10
C ALA A 238 -19.96 4.28 -0.01
N ILE A 239 -20.40 4.68 1.17
CA ILE A 239 -21.77 5.19 1.30
C ILE A 239 -21.90 6.55 0.62
N VAL A 240 -20.93 7.44 0.85
CA VAL A 240 -20.93 8.74 0.19
C VAL A 240 -20.74 8.58 -1.32
N PHE A 241 -19.89 7.63 -1.71
CA PHE A 241 -19.70 7.39 -3.14
C PHE A 241 -20.91 6.72 -3.77
N GLY A 242 -21.67 5.97 -2.97
CA GLY A 242 -22.87 5.34 -3.51
C GLY A 242 -24.00 6.31 -3.75
N VAL A 243 -24.08 7.36 -2.94
CA VAL A 243 -25.13 8.36 -3.13
C VAL A 243 -24.85 9.17 -4.39
N ALA A 244 -23.58 9.42 -4.70
CA ALA A 244 -23.24 10.25 -5.85
C ALA A 244 -23.58 9.57 -7.17
N LEU A 245 -23.64 8.24 -7.20
CA LEU A 245 -24.10 7.57 -8.41
C LEU A 245 -25.61 7.72 -8.58
N ARG A 246 -26.34 7.85 -7.48
CA ARG A 246 -27.78 8.04 -7.57
C ARG A 246 -28.13 9.43 -8.07
N LYS A 247 -27.31 10.44 -7.74
CA LYS A 247 -27.53 11.77 -8.27
C LYS A 247 -27.23 11.85 -9.76
N LEU A 248 -26.32 11.01 -10.24
CA LEU A 248 -26.10 10.89 -11.67
C LEU A 248 -27.27 10.18 -12.33
N GLY A 249 -27.46 10.44 -13.61
CA GLY A 249 -28.55 9.85 -14.35
C GLY A 249 -28.16 8.49 -14.90
N PRO A 250 -28.34 8.31 -16.21
CA PRO A 250 -27.95 7.04 -16.83
C PRO A 250 -26.46 6.88 -17.06
N GLU A 251 -25.64 7.88 -16.74
CA GLU A 251 -24.20 7.72 -16.85
C GLU A 251 -23.67 6.77 -15.78
N GLY A 252 -24.29 6.74 -14.62
CA GLY A 252 -23.91 5.81 -13.59
C GLY A 252 -24.49 4.43 -13.74
N GLU A 253 -25.34 4.22 -14.75
CA GLU A 253 -25.95 2.90 -14.96
C GLU A 253 -24.92 1.86 -15.37
N LEU A 254 -23.92 2.26 -16.14
CA LEU A 254 -22.80 1.37 -16.43
C LEU A 254 -22.00 1.06 -15.18
N LEU A 255 -21.81 2.07 -14.32
CA LEU A 255 -20.91 1.91 -13.19
C LEU A 255 -21.55 1.07 -12.10
N ILE A 256 -22.88 1.20 -11.90
CA ILE A 256 -23.53 0.46 -10.83
C ILE A 256 -23.64 -1.02 -11.17
N ARG A 257 -23.75 -1.35 -12.46
CA ARG A 257 -23.81 -2.75 -12.86
C ARG A 257 -22.44 -3.39 -12.82
N PHE A 258 -21.38 -2.59 -12.90
CA PHE A 258 -20.03 -3.09 -12.69
C PHE A 258 -19.83 -3.56 -11.27
N PHE A 259 -20.13 -2.70 -10.30
CA PHE A 259 -19.99 -3.07 -8.90
C PHE A 259 -21.06 -4.04 -8.43
N ASN A 260 -22.17 -4.18 -9.17
CA ASN A 260 -23.13 -5.21 -8.83
C ASN A 260 -22.60 -6.58 -9.22
N SER A 261 -21.92 -6.67 -10.38
CA SER A 261 -21.38 -7.95 -10.81
C SER A 261 -20.15 -8.33 -10.01
N PHE A 262 -19.31 -7.34 -9.67
CA PHE A 262 -18.10 -7.62 -8.90
C PHE A 262 -18.44 -7.98 -7.46
N ASN A 263 -19.60 -7.55 -6.98
CA ASN A 263 -20.11 -8.03 -5.70
C ASN A 263 -20.47 -9.50 -5.77
N GLU A 264 -21.13 -9.91 -6.86
CA GLU A 264 -21.68 -11.25 -6.94
C GLU A 264 -20.60 -12.30 -7.11
N ALA A 265 -19.49 -11.95 -7.76
CA ALA A 265 -18.40 -12.89 -7.95
C ALA A 265 -17.70 -13.22 -6.64
N THR A 266 -17.63 -12.26 -5.72
CA THR A 266 -17.07 -12.53 -4.40
C THR A 266 -17.99 -13.44 -3.60
N MET A 267 -19.30 -13.28 -3.77
CA MET A 267 -20.27 -14.11 -3.05
C MET A 267 -20.23 -15.56 -3.51
N VAL A 268 -19.79 -15.81 -4.74
CA VAL A 268 -19.49 -17.18 -5.14
C VAL A 268 -18.28 -17.69 -4.39
N LEU A 269 -17.25 -16.85 -4.25
CA LEU A 269 -15.98 -17.29 -3.68
C LEU A 269 -16.06 -17.47 -2.17
N VAL A 270 -17.01 -16.81 -1.49
CA VAL A 270 -17.15 -17.00 -0.06
C VAL A 270 -17.83 -18.33 0.24
N SER A 271 -18.56 -18.90 -0.73
CA SER A 271 -19.22 -20.18 -0.51
C SER A 271 -18.21 -21.31 -0.42
N TRP A 272 -17.09 -21.20 -1.12
CA TRP A 272 -16.10 -22.27 -1.11
C TRP A 272 -15.26 -22.25 0.15
N ILE A 273 -15.05 -21.07 0.74
CA ILE A 273 -14.33 -20.98 2.00
C ILE A 273 -15.20 -21.48 3.14
N MET A 274 -16.53 -21.39 2.97
CA MET A 274 -17.48 -21.86 3.97
C MET A 274 -17.38 -23.37 4.19
N TRP A 275 -17.06 -24.13 3.14
CA TRP A 275 -16.86 -25.56 3.31
C TRP A 275 -15.58 -25.86 4.05
N TYR A 276 -14.55 -25.01 3.90
CA TYR A 276 -13.32 -25.21 4.64
C TYR A 276 -13.46 -24.83 6.11
N ALA A 277 -14.47 -24.03 6.43
CA ALA A 277 -14.63 -23.50 7.78
C ALA A 277 -14.81 -24.54 8.90
N PRO A 278 -15.50 -25.68 8.73
CA PRO A 278 -15.47 -26.68 9.82
C PRO A 278 -14.11 -27.32 10.04
N VAL A 279 -13.21 -27.28 9.06
CA VAL A 279 -11.87 -27.84 9.29
C VAL A 279 -11.04 -26.89 10.14
N GLY A 280 -11.15 -25.58 9.89
CA GLY A 280 -10.27 -24.63 10.54
C GLY A 280 -10.60 -24.38 11.99
N ILE A 281 -11.90 -24.30 12.31
CA ILE A 281 -12.37 -24.02 13.67
C ILE A 281 -11.95 -25.12 14.64
N MET A 282 -11.80 -26.35 14.12
CA MET A 282 -11.20 -27.44 14.89
C MET A 282 -9.78 -27.13 15.33
N PHE A 283 -9.04 -26.34 14.55
CA PHE A 283 -7.68 -25.99 14.92
C PHE A 283 -7.55 -24.61 15.52
N LEU A 284 -8.58 -23.76 15.44
CA LEU A 284 -8.54 -22.51 16.19
C LEU A 284 -8.60 -22.76 17.68
N VAL A 285 -9.58 -23.56 18.11
CA VAL A 285 -9.79 -23.79 19.54
C VAL A 285 -8.68 -24.66 20.10
N ALA A 286 -8.28 -25.69 19.34
CA ALA A 286 -7.23 -26.59 19.78
C ALA A 286 -5.83 -26.02 19.59
N GLY A 287 -5.70 -24.77 19.18
CA GLY A 287 -4.41 -24.12 19.17
C GLY A 287 -4.29 -23.13 20.30
N LYS A 288 -5.39 -22.42 20.57
CA LYS A 288 -5.39 -21.44 21.65
C LYS A 288 -5.36 -22.11 23.02
N ILE A 289 -5.96 -23.30 23.13
CA ILE A 289 -6.04 -24.01 24.40
C ILE A 289 -4.70 -24.61 24.82
N VAL A 290 -3.73 -24.67 23.90
CA VAL A 290 -2.41 -25.23 24.20
C VAL A 290 -1.62 -24.18 24.95
N GLU A 291 -1.97 -22.91 24.76
CA GLU A 291 -1.24 -21.79 25.34
C GLU A 291 -1.41 -21.70 26.85
N MET A 292 -2.65 -21.52 27.32
CA MET A 292 -2.92 -21.41 28.74
C MET A 292 -3.51 -22.73 29.27
N GLU A 293 -3.81 -22.74 30.56
CA GLU A 293 -4.38 -23.92 31.20
C GLU A 293 -5.41 -23.50 32.23
N ASP A 294 -6.56 -24.17 32.22
CA ASP A 294 -7.64 -23.87 33.15
C ASP A 294 -8.27 -25.15 33.67
N VAL A 295 -7.43 -26.12 34.02
CA VAL A 295 -7.89 -27.40 34.55
C VAL A 295 -7.99 -27.34 36.08
N GLY A 296 -8.03 -26.13 36.64
CA GLY A 296 -7.99 -25.95 38.07
C GLY A 296 -7.18 -24.74 38.49
N LEU A 297 -6.62 -24.01 37.52
CA LEU A 297 -5.78 -22.86 37.81
C LEU A 297 -6.44 -21.53 37.52
N LEU A 298 -6.92 -21.32 36.29
CA LEU A 298 -7.55 -20.05 35.96
C LEU A 298 -8.97 -19.95 36.50
N PHE A 299 -9.70 -21.06 36.54
CA PHE A 299 -11.05 -21.04 37.10
C PHE A 299 -11.02 -20.92 38.62
N ALA A 300 -9.90 -21.24 39.25
CA ALA A 300 -9.81 -21.14 40.71
C ALA A 300 -9.67 -19.69 41.16
N ARG A 301 -8.85 -18.90 40.48
CA ARG A 301 -8.56 -17.55 40.94
C ARG A 301 -9.72 -16.60 40.70
N LEU A 302 -10.09 -16.40 39.44
CA LEU A 302 -11.07 -15.40 39.07
C LEU A 302 -12.25 -15.99 38.30
N GLY A 303 -12.57 -17.26 38.60
CA GLY A 303 -13.69 -17.92 37.94
C GLY A 303 -15.05 -17.32 38.25
N LYS A 304 -15.17 -16.57 39.35
CA LYS A 304 -16.40 -15.84 39.61
C LYS A 304 -16.58 -14.71 38.60
N TYR A 305 -15.49 -14.07 38.22
CA TYR A 305 -15.54 -13.03 37.18
C TYR A 305 -15.86 -13.61 35.81
N ILE A 306 -15.32 -14.79 35.51
CA ILE A 306 -15.60 -15.41 34.22
C ILE A 306 -17.06 -15.81 34.11
N LEU A 307 -17.61 -16.37 35.20
CA LEU A 307 -19.03 -16.69 35.23
C LEU A 307 -19.87 -15.43 35.25
N CYS A 308 -19.33 -14.31 35.73
CA CYS A 308 -20.08 -13.06 35.73
C CYS A 308 -20.24 -12.51 34.32
N CYS A 309 -19.21 -12.62 33.49
CA CYS A 309 -19.26 -12.01 32.17
C CYS A 309 -19.84 -12.93 31.12
N LEU A 310 -19.67 -14.24 31.26
CA LEU A 310 -20.34 -15.19 30.38
C LEU A 310 -21.84 -15.16 30.59
N LEU A 311 -22.28 -14.94 31.83
CA LEU A 311 -23.71 -14.80 32.09
C LEU A 311 -24.23 -13.48 31.53
N GLY A 312 -23.38 -12.46 31.47
CA GLY A 312 -23.76 -11.22 30.81
C GLY A 312 -23.98 -11.41 29.32
N HIS A 313 -23.23 -12.32 28.71
CA HIS A 313 -23.50 -12.72 27.34
C HIS A 313 -24.63 -13.73 27.24
N ALA A 314 -25.09 -14.27 28.37
CA ALA A 314 -26.16 -15.27 28.31
C ALA A 314 -27.53 -14.61 28.23
N ILE A 315 -27.80 -13.64 29.13
CA ILE A 315 -29.10 -12.97 29.10
C ILE A 315 -29.24 -12.10 27.86
N HIS A 316 -28.23 -11.26 27.61
CA HIS A 316 -28.28 -10.42 26.42
C HIS A 316 -27.96 -11.27 25.19
N GLY A 317 -28.79 -11.14 24.16
CA GLY A 317 -28.57 -11.84 22.91
C GLY A 317 -29.06 -13.27 22.87
N LEU A 318 -29.62 -13.78 23.96
CA LEU A 318 -30.31 -15.06 23.94
C LEU A 318 -31.66 -15.01 24.62
N LEU A 319 -31.89 -14.04 25.49
CA LEU A 319 -33.18 -13.78 26.11
C LEU A 319 -33.70 -12.39 25.79
N VAL A 320 -32.82 -11.41 25.63
CA VAL A 320 -33.25 -10.04 25.40
C VAL A 320 -33.52 -9.80 23.92
N LEU A 321 -32.53 -10.09 23.08
CA LEU A 321 -32.69 -9.91 21.63
C LEU A 321 -33.76 -10.78 20.99
N PRO A 322 -34.03 -12.03 21.40
CA PRO A 322 -35.27 -12.66 20.93
C PRO A 322 -36.52 -11.96 21.41
N LEU A 323 -36.50 -11.36 22.60
CA LEU A 323 -37.68 -10.66 23.10
C LEU A 323 -37.88 -9.36 22.35
N ILE A 324 -36.80 -8.69 21.93
CA ILE A 324 -36.94 -7.48 21.13
C ILE A 324 -37.42 -7.83 19.73
N TYR A 325 -36.91 -8.92 19.17
CA TYR A 325 -37.27 -9.32 17.82
C TYR A 325 -38.71 -9.80 17.75
N PHE A 326 -39.20 -10.47 18.80
CA PHE A 326 -40.59 -10.90 18.81
C PHE A 326 -41.53 -9.71 19.06
N LEU A 327 -41.04 -8.68 19.73
CA LEU A 327 -41.90 -7.53 20.04
C LEU A 327 -42.16 -6.67 18.81
N PHE A 328 -41.30 -6.75 17.79
CA PHE A 328 -41.50 -5.99 16.57
C PHE A 328 -41.93 -6.84 15.38
N THR A 329 -41.74 -8.15 15.41
CA THR A 329 -42.11 -8.99 14.30
C THR A 329 -43.23 -9.97 14.60
N ARG A 330 -43.36 -10.39 15.86
CA ARG A 330 -44.28 -11.45 16.31
C ARG A 330 -44.06 -12.73 15.52
N LYS A 331 -42.79 -13.05 15.29
CA LYS A 331 -42.37 -14.25 14.57
C LYS A 331 -41.39 -15.01 15.44
N ASN A 332 -41.15 -16.25 15.08
CA ASN A 332 -40.27 -17.13 15.86
C ASN A 332 -38.82 -16.69 15.71
N PRO A 333 -38.16 -16.23 16.77
CA PRO A 333 -36.78 -15.75 16.60
C PRO A 333 -35.78 -16.88 16.49
N TYR A 334 -36.10 -18.03 17.05
CA TYR A 334 -35.15 -19.14 17.08
C TYR A 334 -35.10 -19.87 15.75
N ARG A 335 -36.19 -19.85 14.99
CA ARG A 335 -36.12 -20.33 13.61
C ARG A 335 -35.28 -19.39 12.76
N PHE A 336 -35.31 -18.09 13.07
CA PHE A 336 -34.37 -17.16 12.45
C PHE A 336 -32.96 -17.40 12.97
N LEU A 337 -32.84 -17.75 14.25
CA LEU A 337 -31.53 -17.93 14.86
C LEU A 337 -30.88 -19.24 14.44
N TRP A 338 -31.68 -20.26 14.15
CA TRP A 338 -31.11 -21.53 13.71
C TRP A 338 -30.58 -21.45 12.29
N GLY A 339 -31.12 -20.55 11.48
CA GLY A 339 -30.60 -20.33 10.14
C GLY A 339 -29.24 -19.68 10.12
N ILE A 340 -28.84 -19.04 11.21
CA ILE A 340 -27.52 -18.45 11.34
C ILE A 340 -26.87 -19.09 12.57
N VAL A 341 -26.21 -20.22 12.34
CA VAL A 341 -25.40 -20.85 13.38
C VAL A 341 -24.00 -21.17 12.93
N THR A 342 -23.76 -21.32 11.62
CA THR A 342 -22.40 -21.43 11.11
C THR A 342 -21.57 -20.15 11.28
N PRO A 343 -22.09 -18.92 11.03
CA PRO A 343 -21.24 -17.76 11.33
C PRO A 343 -21.04 -17.52 12.82
N LEU A 344 -22.07 -17.78 13.63
CA LEU A 344 -21.96 -17.51 15.06
C LEU A 344 -20.98 -18.46 15.73
N ALA A 345 -20.90 -19.71 15.26
CA ALA A 345 -19.86 -20.59 15.76
C ALA A 345 -18.50 -20.26 15.18
N THR A 346 -18.46 -19.62 14.01
CA THR A 346 -17.20 -19.21 13.43
C THR A 346 -16.62 -18.02 14.18
N ALA A 347 -17.50 -17.12 14.65
CA ALA A 347 -17.06 -15.99 15.45
C ALA A 347 -16.50 -16.44 16.80
N PHE A 348 -16.96 -17.58 17.31
CA PHE A 348 -16.35 -18.14 18.50
C PHE A 348 -14.97 -18.70 18.20
N GLY A 349 -14.73 -19.14 16.98
CA GLY A 349 -13.44 -19.68 16.62
C GLY A 349 -12.46 -18.61 16.19
N THR A 350 -12.88 -17.75 15.26
CA THR A 350 -11.99 -16.73 14.73
C THR A 350 -11.72 -15.63 15.75
N SER A 351 -12.66 -15.40 16.66
CA SER A 351 -12.60 -14.34 17.68
C SER A 351 -12.39 -12.96 17.06
N SER A 352 -13.13 -12.69 15.99
CA SER A 352 -13.02 -11.41 15.30
C SER A 352 -14.33 -11.13 14.58
N SER A 353 -14.95 -9.99 14.89
CA SER A 353 -16.19 -9.61 14.22
C SER A 353 -15.96 -9.28 12.75
N SER A 354 -14.84 -8.60 12.45
CA SER A 354 -14.53 -8.24 11.09
C SER A 354 -14.11 -9.42 10.24
N ALA A 355 -13.75 -10.55 10.87
CA ALA A 355 -13.46 -11.75 10.10
C ALA A 355 -14.74 -12.33 9.50
N THR A 356 -15.71 -12.66 10.35
CA THR A 356 -16.90 -13.40 9.95
C THR A 356 -17.95 -12.54 9.26
N LEU A 357 -17.59 -11.35 8.80
CA LEU A 357 -18.53 -10.49 8.08
C LEU A 357 -19.03 -11.06 6.75
N PRO A 358 -18.18 -11.59 5.83
CA PRO A 358 -18.78 -12.17 4.62
C PRO A 358 -19.48 -13.48 4.84
N LEU A 359 -19.14 -14.21 5.91
CA LEU A 359 -19.77 -15.50 6.14
C LEU A 359 -21.21 -15.34 6.59
N MET A 360 -21.51 -14.28 7.35
CA MET A 360 -22.88 -14.04 7.74
C MET A 360 -23.71 -13.50 6.58
N MET A 361 -23.08 -12.71 5.70
CA MET A 361 -23.78 -12.14 4.56
C MET A 361 -24.24 -13.20 3.57
N LYS A 362 -23.60 -14.37 3.57
CA LYS A 362 -24.12 -15.47 2.76
C LYS A 362 -25.30 -16.15 3.44
N CYS A 363 -25.20 -16.40 4.75
CA CYS A 363 -26.21 -17.19 5.44
C CYS A 363 -27.52 -16.43 5.64
N VAL A 364 -27.45 -15.11 5.75
CA VAL A 364 -28.67 -14.33 6.02
C VAL A 364 -29.52 -14.25 4.77
N GLU A 365 -28.91 -13.94 3.63
CA GLU A 365 -29.68 -13.75 2.41
C GLU A 365 -30.13 -15.06 1.79
N GLU A 366 -29.51 -16.19 2.15
CA GLU A 366 -29.88 -17.48 1.60
C GLU A 366 -30.87 -18.23 2.48
N ASN A 367 -30.50 -18.49 3.73
CA ASN A 367 -31.31 -19.33 4.60
C ASN A 367 -32.57 -18.60 5.06
N ASN A 368 -32.40 -17.47 5.72
CA ASN A 368 -33.54 -16.72 6.22
C ASN A 368 -34.10 -15.84 5.12
N GLY A 369 -35.40 -15.55 5.23
CA GLY A 369 -36.09 -14.80 4.21
C GLY A 369 -35.94 -13.30 4.33
N VAL A 370 -34.78 -12.77 3.95
CA VAL A 370 -34.56 -11.33 3.92
C VAL A 370 -34.43 -10.88 2.47
N ALA A 371 -34.41 -9.56 2.28
CA ALA A 371 -34.26 -9.01 0.95
C ALA A 371 -32.79 -9.05 0.53
N LYS A 372 -32.58 -8.95 -0.78
CA LYS A 372 -31.23 -9.11 -1.32
C LYS A 372 -30.39 -7.85 -1.10
N HIS A 373 -30.94 -6.68 -1.41
CA HIS A 373 -30.14 -5.47 -1.38
C HIS A 373 -29.98 -4.92 0.05
N ILE A 374 -31.02 -5.03 0.87
CA ILE A 374 -30.96 -4.38 2.17
C ILE A 374 -30.16 -5.21 3.17
N SER A 375 -30.00 -6.51 2.92
CA SER A 375 -29.17 -7.33 3.80
C SER A 375 -27.70 -7.03 3.61
N ARG A 376 -27.31 -6.61 2.40
CA ARG A 376 -25.93 -6.29 2.09
C ARG A 376 -25.58 -4.83 2.38
N PHE A 377 -26.45 -4.11 3.09
CA PHE A 377 -26.14 -2.74 3.51
C PHE A 377 -26.07 -2.63 5.02
N ILE A 378 -27.12 -3.04 5.73
CA ILE A 378 -27.17 -2.85 7.19
C ILE A 378 -26.21 -3.78 7.92
N LEU A 379 -25.89 -4.92 7.34
CA LEU A 379 -25.00 -5.86 8.01
C LEU A 379 -23.52 -5.48 7.89
N PRO A 380 -22.99 -5.00 6.74
CA PRO A 380 -21.58 -4.53 6.78
C PRO A 380 -21.37 -3.26 7.59
N ILE A 381 -22.34 -2.34 7.64
CA ILE A 381 -22.15 -1.16 8.47
C ILE A 381 -22.26 -1.53 9.93
N GLY A 382 -22.95 -2.63 10.25
CA GLY A 382 -23.01 -3.14 11.58
C GLY A 382 -21.81 -3.92 12.04
N ALA A 383 -20.79 -4.05 11.19
CA ALA A 383 -19.61 -4.79 11.59
C ALA A 383 -18.78 -4.02 12.62
N THR A 384 -18.70 -2.70 12.46
CA THR A 384 -17.83 -1.88 13.29
C THR A 384 -18.60 -0.72 13.92
N VAL A 385 -19.84 -0.95 14.34
CA VAL A 385 -20.58 0.12 15.00
C VAL A 385 -21.28 -0.33 16.27
N ASN A 386 -21.47 -1.63 16.53
CA ASN A 386 -22.30 -2.07 17.65
C ASN A 386 -21.57 -3.10 18.50
N MET A 387 -20.35 -2.80 18.93
CA MET A 387 -19.63 -3.71 19.80
C MET A 387 -20.23 -3.74 21.20
N ASP A 388 -21.44 -4.30 21.32
CA ASP A 388 -22.15 -4.32 22.58
C ASP A 388 -21.59 -5.39 23.51
N GLY A 389 -20.99 -6.44 22.96
CA GLY A 389 -20.21 -7.33 23.79
C GLY A 389 -19.04 -6.62 24.44
N ALA A 390 -18.34 -5.78 23.68
CA ALA A 390 -17.31 -4.93 24.25
C ALA A 390 -17.91 -3.90 25.20
N ALA A 391 -19.12 -3.43 24.92
CA ALA A 391 -19.82 -2.60 25.88
C ALA A 391 -20.29 -3.40 27.09
N LEU A 392 -20.37 -4.72 26.97
CA LEU A 392 -20.64 -5.57 28.12
C LEU A 392 -19.35 -6.07 28.75
N PHE A 393 -18.27 -6.20 27.97
CA PHE A 393 -17.00 -6.62 28.52
C PHE A 393 -16.32 -5.50 29.28
N GLN A 394 -16.21 -4.32 28.66
CA GLN A 394 -15.53 -3.21 29.29
C GLN A 394 -16.35 -2.56 30.40
N CYS A 395 -17.65 -2.87 30.50
CA CYS A 395 -18.44 -2.37 31.61
C CYS A 395 -18.18 -3.18 32.88
N VAL A 396 -18.23 -4.52 32.76
CA VAL A 396 -18.06 -5.38 33.92
C VAL A 396 -16.63 -5.32 34.43
N ALA A 397 -15.67 -5.32 33.53
CA ALA A 397 -14.25 -5.28 33.91
C ALA A 397 -13.87 -3.95 34.56
N ALA A 398 -14.62 -2.90 34.30
CA ALA A 398 -14.39 -1.63 34.99
C ALA A 398 -15.14 -1.53 36.30
N VAL A 399 -16.04 -2.48 36.59
CA VAL A 399 -16.67 -2.56 37.90
C VAL A 399 -15.87 -3.56 38.73
N PHE A 400 -15.30 -4.55 38.03
CA PHE A 400 -14.57 -5.65 38.68
C PHE A 400 -13.37 -5.15 39.47
N ILE A 401 -12.59 -4.24 38.88
CA ILE A 401 -11.45 -3.69 39.60
C ILE A 401 -11.90 -2.67 40.64
N ALA A 402 -13.14 -2.19 40.55
CA ALA A 402 -13.67 -1.26 41.54
C ALA A 402 -14.51 -1.95 42.60
N GLN A 403 -15.00 -3.16 42.33
CA GLN A 403 -15.55 -3.98 43.42
C GLN A 403 -14.47 -4.32 44.41
N LEU A 404 -13.27 -4.59 43.93
CA LEU A 404 -12.11 -4.67 44.80
C LEU A 404 -11.53 -3.28 44.98
N SER A 405 -10.54 -3.19 45.87
CA SER A 405 -9.76 -1.98 46.19
C SER A 405 -10.61 -0.82 46.71
N GLN A 406 -11.83 -1.12 47.18
CA GLN A 406 -12.67 -0.23 48.00
C GLN A 406 -12.97 1.10 47.31
N GLN A 407 -13.72 1.02 46.21
CA GLN A 407 -14.11 2.22 45.48
C GLN A 407 -15.62 2.34 45.44
N SER A 408 -16.11 3.59 45.43
CA SER A 408 -17.52 3.84 45.72
C SER A 408 -18.42 3.63 44.50
N LEU A 409 -18.25 4.47 43.47
CA LEU A 409 -19.12 4.57 42.29
C LEU A 409 -20.61 4.59 42.67
N ASP A 410 -21.01 5.65 43.37
CA ASP A 410 -22.36 5.67 43.94
C ASP A 410 -23.43 5.94 42.87
N PHE A 411 -23.44 7.15 42.29
CA PHE A 411 -24.33 7.39 41.17
C PHE A 411 -23.73 8.24 40.05
N VAL A 412 -22.75 9.09 40.34
CA VAL A 412 -22.25 10.02 39.32
C VAL A 412 -21.32 9.30 38.37
N LYS A 413 -20.48 8.41 38.89
CA LYS A 413 -19.59 7.65 38.02
C LYS A 413 -20.33 6.58 37.23
N ILE A 414 -21.53 6.21 37.66
CA ILE A 414 -22.27 5.13 37.00
C ILE A 414 -22.78 5.59 35.64
N ILE A 415 -23.25 6.83 35.54
CA ILE A 415 -23.71 7.32 34.25
C ILE A 415 -22.55 7.67 33.33
N THR A 416 -21.35 7.91 33.87
CA THR A 416 -20.19 8.16 33.03
C THR A 416 -19.59 6.85 32.53
N ILE A 417 -19.56 5.83 33.38
CA ILE A 417 -19.03 4.53 32.97
C ILE A 417 -20.00 3.83 32.04
N LEU A 418 -21.27 4.25 32.01
CA LEU A 418 -22.24 3.69 31.09
C LEU A 418 -22.11 4.31 29.70
N VAL A 419 -21.87 5.61 29.65
CA VAL A 419 -21.84 6.32 28.37
C VAL A 419 -20.46 6.24 27.71
N THR A 420 -19.41 5.96 28.47
CA THR A 420 -18.08 5.87 27.87
C THR A 420 -17.91 4.56 27.13
N ALA A 421 -18.39 3.46 27.70
CA ALA A 421 -18.22 2.14 27.09
C ALA A 421 -19.06 2.00 25.83
N THR A 422 -20.22 2.65 25.77
CA THR A 422 -21.00 2.63 24.54
C THR A 422 -20.46 3.59 23.48
N ALA A 423 -19.51 4.46 23.83
CA ALA A 423 -18.88 5.32 22.86
C ALA A 423 -17.59 4.71 22.30
N SER A 424 -16.77 4.13 23.17
CA SER A 424 -15.53 3.51 22.73
C SER A 424 -15.77 2.21 21.99
N SER A 425 -16.96 1.61 22.12
CA SER A 425 -17.31 0.44 21.35
C SER A 425 -17.41 0.74 19.87
N VAL A 426 -17.84 1.96 19.52
CA VAL A 426 -17.85 2.37 18.12
C VAL A 426 -16.42 2.49 17.59
N GLY A 427 -15.54 3.08 18.39
CA GLY A 427 -14.16 3.22 17.99
C GLY A 427 -13.35 1.94 17.98
N ALA A 428 -13.89 0.86 18.52
CA ALA A 428 -13.19 -0.42 18.51
C ALA A 428 -13.13 -0.98 17.10
N ALA A 429 -12.12 -1.81 16.87
CA ALA A 429 -11.92 -2.44 15.58
C ALA A 429 -12.39 -3.89 15.64
N GLY A 430 -12.19 -4.60 14.54
CA GLY A 430 -12.52 -6.01 14.48
C GLY A 430 -11.30 -6.87 14.71
N ILE A 431 -10.22 -6.26 15.19
CA ILE A 431 -8.97 -6.95 15.49
C ILE A 431 -9.21 -7.83 16.72
N PRO A 432 -8.77 -9.09 16.71
CA PRO A 432 -8.86 -9.91 17.92
C PRO A 432 -8.02 -9.36 19.05
N ALA A 433 -8.59 -9.37 20.26
CA ALA A 433 -8.02 -8.78 21.48
C ALA A 433 -7.67 -7.31 21.29
N GLY A 434 -8.55 -6.57 20.62
CA GLY A 434 -8.33 -5.16 20.38
C GLY A 434 -9.04 -4.29 21.39
N GLY A 435 -10.06 -4.84 22.04
CA GLY A 435 -10.83 -4.08 23.02
C GLY A 435 -10.16 -3.89 24.35
N VAL A 436 -9.04 -4.57 24.58
CA VAL A 436 -8.31 -4.42 25.83
C VAL A 436 -7.61 -3.06 25.87
N LEU A 437 -7.20 -2.55 24.70
CA LEU A 437 -6.53 -1.26 24.64
C LEU A 437 -7.49 -0.12 24.96
N THR A 438 -8.76 -0.26 24.57
CA THR A 438 -9.76 0.75 24.86
C THR A 438 -10.33 0.62 26.27
N LEU A 439 -9.85 -0.32 27.07
CA LEU A 439 -10.30 -0.41 28.44
C LEU A 439 -9.62 0.61 29.34
N ALA A 440 -8.36 0.95 29.02
CA ALA A 440 -7.60 1.86 29.86
C ALA A 440 -8.10 3.30 29.76
N ILE A 441 -8.67 3.67 28.62
CA ILE A 441 -9.16 5.04 28.48
C ILE A 441 -10.48 5.25 29.20
N ILE A 442 -11.21 4.17 29.52
CA ILE A 442 -12.39 4.31 30.35
C ILE A 442 -11.99 4.58 31.79
N LEU A 443 -10.95 3.90 32.26
CA LEU A 443 -10.61 3.90 33.68
C LEU A 443 -10.02 5.24 34.12
N GLU A 444 -9.24 5.87 33.25
CA GLU A 444 -8.69 7.18 33.59
C GLU A 444 -9.77 8.25 33.58
N ALA A 445 -10.77 8.13 32.69
CA ALA A 445 -11.85 9.10 32.66
C ALA A 445 -12.77 8.95 33.87
N VAL A 446 -12.86 7.75 34.43
CA VAL A 446 -13.65 7.52 35.63
C VAL A 446 -12.74 7.42 36.87
N ASN A 447 -11.47 7.81 36.72
CA ASN A 447 -10.38 7.90 37.72
C ASN A 447 -10.38 6.77 38.76
N LEU A 448 -10.50 5.56 38.28
CA LEU A 448 -10.28 4.31 38.97
C LEU A 448 -8.83 3.87 38.81
N PRO A 449 -8.28 3.11 39.76
CA PRO A 449 -6.88 2.70 39.64
C PRO A 449 -6.68 1.66 38.54
N VAL A 450 -5.56 1.79 37.84
CA VAL A 450 -5.20 0.90 36.74
C VAL A 450 -4.02 0.07 37.25
N ASP A 451 -3.98 -0.12 38.57
CA ASP A 451 -2.83 -0.71 39.26
C ASP A 451 -2.63 -2.17 38.85
N HIS A 452 -3.69 -2.85 38.42
CA HIS A 452 -3.54 -4.18 37.82
C HIS A 452 -4.64 -4.35 36.77
N ILE A 453 -4.28 -4.03 35.52
CA ILE A 453 -5.14 -4.37 34.39
C ILE A 453 -4.80 -5.76 33.88
N SER A 454 -3.69 -6.34 34.33
CA SER A 454 -3.22 -7.63 33.83
C SER A 454 -4.05 -8.81 34.33
N LEU A 455 -5.02 -8.57 35.21
CA LEU A 455 -5.96 -9.63 35.57
C LEU A 455 -7.05 -9.77 34.52
N ILE A 456 -7.54 -8.64 34.01
CA ILE A 456 -8.47 -8.67 32.88
C ILE A 456 -7.73 -9.12 31.62
N LEU A 457 -6.48 -8.74 31.49
CA LEU A 457 -5.63 -9.31 30.46
C LEU A 457 -5.31 -10.76 30.82
N ALA A 458 -4.92 -11.53 29.79
CA ALA A 458 -4.52 -12.94 29.83
C ALA A 458 -5.65 -13.90 30.21
N VAL A 459 -6.88 -13.40 30.35
CA VAL A 459 -8.07 -14.24 30.34
C VAL A 459 -8.95 -13.94 29.16
N ASP A 460 -8.50 -13.08 28.25
CA ASP A 460 -9.25 -12.69 27.08
C ASP A 460 -9.06 -13.63 25.90
N TRP A 461 -8.40 -14.76 26.09
CA TRP A 461 -8.45 -15.78 25.05
C TRP A 461 -9.75 -16.56 25.10
N LEU A 462 -10.47 -16.49 26.21
CA LEU A 462 -11.72 -17.22 26.40
C LEU A 462 -12.94 -16.30 26.37
N VAL A 463 -12.89 -15.18 27.11
CA VAL A 463 -14.07 -14.35 27.25
C VAL A 463 -14.31 -13.52 25.99
N ASP A 464 -13.26 -13.22 25.24
CA ASP A 464 -13.42 -12.45 24.01
C ASP A 464 -14.04 -13.28 22.90
N ARG A 465 -13.88 -14.60 22.96
CA ARG A 465 -14.55 -15.45 21.99
C ARG A 465 -16.06 -15.47 22.21
N SER A 466 -16.49 -15.36 23.46
CA SER A 466 -17.90 -15.14 23.74
C SER A 466 -18.33 -13.73 23.37
N CYS A 467 -17.39 -12.79 23.34
CA CYS A 467 -17.74 -11.41 23.02
C CYS A 467 -18.11 -11.25 21.55
N THR A 468 -17.39 -11.93 20.66
CA THR A 468 -17.63 -11.74 19.23
C THR A 468 -18.93 -12.39 18.79
N VAL A 469 -19.36 -13.45 19.49
CA VAL A 469 -20.62 -14.11 19.15
C VAL A 469 -21.79 -13.20 19.47
N LEU A 470 -21.75 -12.57 20.64
CA LEU A 470 -22.77 -11.58 20.99
C LEU A 470 -22.65 -10.34 20.13
N ASN A 471 -21.44 -10.03 19.64
CA ASN A 471 -21.22 -8.83 18.87
C ASN A 471 -21.88 -8.93 17.49
N VAL A 472 -21.65 -10.05 16.80
CA VAL A 472 -22.12 -10.19 15.43
C VAL A 472 -23.57 -10.64 15.36
N GLU A 473 -24.16 -11.03 16.51
CA GLU A 473 -25.53 -11.53 16.49
C GLU A 473 -26.53 -10.40 16.32
N GLY A 474 -26.29 -9.26 16.96
CA GLY A 474 -27.22 -8.14 16.90
C GLY A 474 -27.32 -7.50 15.53
N ASP A 475 -26.37 -7.76 14.64
CA ASP A 475 -26.46 -7.27 13.28
C ASP A 475 -27.56 -7.97 12.52
N ALA A 476 -27.54 -9.30 12.51
CA ALA A 476 -28.52 -10.05 11.74
C ALA A 476 -29.90 -10.00 12.37
N LEU A 477 -29.97 -9.88 13.70
CA LEU A 477 -31.25 -9.63 14.34
C LEU A 477 -31.78 -8.25 13.97
N GLY A 478 -30.88 -7.26 13.86
CA GLY A 478 -31.26 -5.98 13.32
C GLY A 478 -31.53 -6.01 11.83
N ALA A 479 -30.92 -6.96 11.11
CA ALA A 479 -31.17 -7.07 9.68
C ALA A 479 -32.57 -7.59 9.42
N GLY A 480 -32.97 -8.65 10.13
CA GLY A 480 -34.33 -9.15 10.01
C GLY A 480 -35.38 -8.23 10.59
N LEU A 481 -34.97 -7.34 11.49
CA LEU A 481 -35.93 -6.39 12.07
C LEU A 481 -36.35 -5.34 11.04
N LEU A 482 -35.50 -5.06 10.06
CA LEU A 482 -35.86 -4.12 9.01
C LEU A 482 -36.67 -4.76 7.89
N GLN A 483 -36.80 -6.09 7.91
CA GLN A 483 -37.67 -6.75 6.93
C GLN A 483 -39.14 -6.49 7.25
N ASN A 484 -39.50 -6.44 8.53
CA ASN A 484 -40.86 -6.08 8.91
C ASN A 484 -41.12 -4.60 8.65
N TYR A 485 -40.09 -3.77 8.72
CA TYR A 485 -40.26 -2.33 8.56
C TYR A 485 -40.59 -1.95 7.13
N VAL A 486 -40.16 -2.75 6.14
CA VAL A 486 -40.47 -2.46 4.75
C VAL A 486 -41.81 -3.06 4.35
N ASP A 487 -42.39 -3.93 5.19
CA ASP A 487 -43.69 -4.53 4.87
C ASP A 487 -44.81 -3.52 5.03
N ARG A 488 -44.65 -2.55 5.92
CA ARG A 488 -45.66 -1.50 6.09
C ARG A 488 -45.35 -0.31 5.18
N ASP B 43 19.50 -4.06 -52.43
CA ASP B 43 19.98 -5.34 -51.94
C ASP B 43 18.86 -6.13 -51.26
N GLN B 44 18.84 -7.44 -51.50
CA GLN B 44 17.88 -8.31 -50.84
C GLN B 44 18.23 -8.53 -49.37
N VAL B 45 19.49 -8.33 -49.00
CA VAL B 45 19.90 -8.46 -47.61
C VAL B 45 19.36 -7.32 -46.75
N ARG B 46 19.00 -6.18 -47.37
CA ARG B 46 18.37 -5.10 -46.62
C ARG B 46 16.93 -5.44 -46.25
N ARG B 47 16.31 -6.40 -46.95
CA ARG B 47 14.92 -6.73 -46.68
C ARG B 47 14.78 -7.53 -45.38
N CYS B 48 15.68 -8.49 -45.15
CA CYS B 48 15.58 -9.32 -43.96
C CYS B 48 15.99 -8.56 -42.71
N LEU B 49 16.85 -7.54 -42.85
CA LEU B 49 17.28 -6.79 -41.67
C LEU B 49 16.19 -5.85 -41.18
N ARG B 50 15.34 -5.35 -42.07
CA ARG B 50 14.23 -4.51 -41.65
C ARG B 50 13.16 -5.33 -40.93
N ALA B 51 12.99 -6.59 -41.31
CA ALA B 51 12.03 -7.46 -40.65
C ALA B 51 12.59 -8.12 -39.40
N ASN B 52 13.89 -8.00 -39.16
CA ASN B 52 14.54 -8.57 -38.00
C ASN B 52 15.28 -7.49 -37.23
N LEU B 53 14.60 -6.35 -37.04
CA LEU B 53 15.25 -5.19 -36.45
C LEU B 53 15.47 -5.36 -34.95
N LEU B 54 14.46 -5.89 -34.25
CA LEU B 54 14.60 -6.11 -32.81
C LEU B 54 15.59 -7.22 -32.51
N VAL B 55 15.63 -8.25 -33.36
CA VAL B 55 16.56 -9.36 -33.18
C VAL B 55 18.00 -8.89 -33.36
N LEU B 56 18.23 -8.03 -34.36
CA LEU B 56 19.59 -7.57 -34.63
C LEU B 56 20.06 -6.58 -33.57
N LEU B 57 19.17 -5.70 -33.13
CA LEU B 57 19.57 -4.65 -32.19
C LEU B 57 19.80 -5.19 -30.78
N THR B 58 19.14 -6.29 -30.42
CA THR B 58 19.27 -6.80 -29.06
C THR B 58 20.60 -7.52 -28.87
N VAL B 59 20.97 -8.39 -29.82
CA VAL B 59 22.21 -9.13 -29.66
C VAL B 59 23.45 -8.31 -29.97
N VAL B 60 23.29 -7.18 -30.68
CA VAL B 60 24.45 -6.33 -30.92
C VAL B 60 24.73 -5.45 -29.71
N ALA B 61 23.76 -5.30 -28.81
CA ALA B 61 23.94 -4.47 -27.63
C ALA B 61 24.47 -5.23 -26.44
N VAL B 62 24.14 -6.53 -26.34
CA VAL B 62 24.65 -7.33 -25.24
C VAL B 62 26.15 -7.58 -25.41
N VAL B 63 26.65 -7.57 -26.64
CA VAL B 63 28.09 -7.61 -26.86
C VAL B 63 28.69 -6.22 -26.87
N ALA B 64 27.87 -5.16 -26.97
CA ALA B 64 28.40 -3.80 -26.96
C ALA B 64 28.85 -3.41 -25.56
N GLY B 65 28.07 -3.76 -24.54
CA GLY B 65 28.40 -3.38 -23.19
C GLY B 65 29.60 -4.14 -22.64
N VAL B 66 29.80 -5.37 -23.10
CA VAL B 66 31.01 -6.12 -22.74
C VAL B 66 32.24 -5.43 -23.29
N ALA B 67 32.17 -4.98 -24.54
CA ALA B 67 33.25 -4.17 -25.09
C ALA B 67 33.30 -2.79 -24.44
N LEU B 68 32.15 -2.27 -23.99
CA LEU B 68 32.14 -0.98 -23.33
C LEU B 68 32.69 -1.09 -21.92
N GLY B 69 32.25 -2.11 -21.17
CA GLY B 69 32.60 -2.17 -19.76
C GLY B 69 34.03 -2.60 -19.51
N LEU B 70 34.56 -3.47 -20.37
CA LEU B 70 35.96 -3.87 -20.23
C LEU B 70 36.91 -2.72 -20.55
N GLY B 71 36.51 -1.83 -21.46
CA GLY B 71 37.27 -0.61 -21.66
C GLY B 71 37.19 0.33 -20.49
N VAL B 72 36.07 0.30 -19.76
CA VAL B 72 35.96 1.08 -18.54
C VAL B 72 36.73 0.40 -17.40
N SER B 73 36.59 -0.92 -17.27
CA SER B 73 37.26 -1.64 -16.20
C SER B 73 38.76 -1.72 -16.43
N GLY B 74 39.18 -1.84 -17.69
CA GLY B 74 40.59 -1.87 -18.01
C GLY B 74 41.22 -0.50 -17.87
N ALA B 75 40.80 0.44 -18.71
CA ALA B 75 41.33 1.80 -18.66
C ALA B 75 40.63 2.57 -17.55
N GLY B 76 41.37 2.85 -16.49
CA GLY B 76 40.83 3.61 -15.37
C GLY B 76 40.23 2.78 -14.25
N GLY B 77 39.38 1.82 -14.60
CA GLY B 77 38.77 0.98 -13.60
C GLY B 77 37.58 1.64 -12.93
N ALA B 78 37.09 0.96 -11.88
CA ALA B 78 35.92 1.45 -11.15
C ALA B 78 36.25 2.68 -10.32
N LEU B 79 37.50 2.81 -9.87
CA LEU B 79 37.88 3.93 -9.02
C LEU B 79 38.03 5.24 -9.79
N ALA B 80 38.17 5.17 -11.11
CA ALA B 80 38.34 6.38 -11.90
C ALA B 80 37.04 7.15 -12.04
N LEU B 81 35.89 6.49 -11.88
CA LEU B 81 34.62 7.15 -12.05
C LEU B 81 34.14 7.82 -10.77
N GLY B 82 34.37 7.19 -9.61
CA GLY B 82 33.88 7.71 -8.36
C GLY B 82 32.49 7.23 -8.07
N PRO B 83 32.17 7.04 -6.78
CA PRO B 83 30.83 6.54 -6.42
C PRO B 83 29.72 7.53 -6.68
N GLU B 84 30.01 8.83 -6.67
CA GLU B 84 28.97 9.81 -6.95
C GLU B 84 28.63 9.88 -8.44
N ARG B 85 29.47 9.31 -9.30
CA ARG B 85 29.19 9.26 -10.73
C ARG B 85 28.80 7.87 -11.21
N LEU B 86 29.17 6.83 -10.46
CA LEU B 86 28.91 5.45 -10.87
C LEU B 86 27.41 5.14 -10.89
N SER B 87 26.66 5.72 -9.96
CA SER B 87 25.21 5.56 -9.98
C SER B 87 24.59 6.28 -11.16
N ALA B 88 25.18 7.39 -11.60
CA ALA B 88 24.69 8.06 -12.80
C ALA B 88 25.02 7.29 -14.06
N PHE B 89 26.07 6.47 -14.04
CA PHE B 89 26.43 5.69 -15.21
C PHE B 89 25.52 4.49 -15.38
N VAL B 90 25.17 3.82 -14.28
CA VAL B 90 24.36 2.61 -14.33
C VAL B 90 22.87 2.93 -14.46
N PHE B 91 22.49 4.20 -14.39
CA PHE B 91 21.08 4.57 -14.40
C PHE B 91 20.29 4.25 -15.68
N PRO B 92 20.79 4.45 -16.92
CA PRO B 92 19.96 4.09 -18.09
C PRO B 92 19.71 2.61 -18.23
N GLY B 93 20.50 1.76 -17.58
CA GLY B 93 20.17 0.36 -17.48
C GLY B 93 19.23 0.12 -16.32
N GLU B 94 19.48 0.79 -15.20
CA GLU B 94 18.63 0.63 -14.02
C GLU B 94 17.26 1.23 -14.22
N LEU B 95 17.12 2.19 -15.15
CA LEU B 95 15.79 2.71 -15.47
C LEU B 95 14.99 1.68 -16.26
N LEU B 96 15.66 0.83 -17.05
CA LEU B 96 14.97 -0.20 -17.82
C LEU B 96 14.31 -1.22 -16.91
N LEU B 97 15.03 -1.70 -15.90
CA LEU B 97 14.51 -2.68 -14.96
C LEU B 97 13.39 -2.12 -14.11
N ARG B 98 13.31 -0.80 -13.99
CA ARG B 98 12.27 -0.19 -13.17
C ARG B 98 10.92 -0.16 -13.90
N LEU B 99 10.86 0.49 -15.07
CA LEU B 99 9.56 0.69 -15.71
C LEU B 99 9.01 -0.57 -16.33
N LEU B 100 9.88 -1.54 -16.63
CA LEU B 100 9.45 -2.83 -17.14
C LEU B 100 8.93 -3.73 -16.04
N ARG B 101 9.09 -3.34 -14.78
CA ARG B 101 8.56 -4.08 -13.66
C ARG B 101 7.24 -3.51 -13.15
N MET B 102 6.91 -2.26 -13.47
CA MET B 102 5.68 -1.68 -12.96
C MET B 102 4.44 -2.19 -13.67
N ILE B 103 4.59 -2.85 -14.82
CA ILE B 103 3.45 -3.28 -15.61
C ILE B 103 3.08 -4.73 -15.33
N ILE B 104 3.86 -5.45 -14.54
CA ILE B 104 3.48 -6.83 -14.26
C ILE B 104 2.35 -6.91 -13.26
N LEU B 105 2.12 -5.86 -12.47
CA LEU B 105 0.97 -5.87 -11.57
C LEU B 105 -0.36 -5.69 -12.31
N PRO B 106 -0.53 -4.73 -13.28
CA PRO B 106 -1.81 -4.73 -14.00
C PRO B 106 -1.85 -5.71 -15.16
N LEU B 107 -0.92 -6.65 -15.21
CA LEU B 107 -0.96 -7.70 -16.22
C LEU B 107 -1.27 -9.07 -15.63
N VAL B 108 -0.52 -9.49 -14.62
CA VAL B 108 -0.63 -10.86 -14.12
C VAL B 108 -1.97 -11.07 -13.43
N VAL B 109 -2.40 -10.08 -12.62
CA VAL B 109 -3.72 -10.21 -11.99
C VAL B 109 -4.83 -9.93 -12.98
N CYS B 110 -4.53 -9.37 -14.14
CA CYS B 110 -5.53 -9.07 -15.15
C CYS B 110 -5.59 -10.11 -16.26
N SER B 111 -4.44 -10.55 -16.78
CA SER B 111 -4.47 -11.47 -17.91
C SER B 111 -4.87 -12.88 -17.52
N LEU B 112 -4.67 -13.26 -16.26
CA LEU B 112 -5.11 -14.59 -15.83
C LEU B 112 -6.61 -14.68 -15.67
N ILE B 113 -7.31 -13.55 -15.57
CA ILE B 113 -8.77 -13.58 -15.47
C ILE B 113 -9.37 -13.99 -16.81
N GLY B 114 -9.08 -13.21 -17.86
CA GLY B 114 -9.62 -13.50 -19.18
C GLY B 114 -9.10 -14.79 -19.78
N GLY B 115 -7.93 -15.24 -19.35
CA GLY B 115 -7.46 -16.55 -19.73
C GLY B 115 -8.28 -17.64 -19.07
N ALA B 116 -8.29 -17.67 -17.75
CA ALA B 116 -8.96 -18.75 -17.01
C ALA B 116 -10.40 -18.39 -16.67
N ALA B 117 -11.13 -17.85 -17.65
CA ALA B 117 -12.57 -17.80 -17.56
C ALA B 117 -13.24 -18.12 -18.88
N SER B 118 -12.47 -18.34 -19.95
CA SER B 118 -13.06 -18.69 -21.24
C SER B 118 -13.51 -20.14 -21.26
N LEU B 119 -12.58 -21.06 -21.03
CA LEU B 119 -12.89 -22.48 -21.06
C LEU B 119 -13.63 -22.90 -19.80
N ASP B 120 -14.06 -24.16 -19.79
CA ASP B 120 -14.80 -24.72 -18.69
C ASP B 120 -13.85 -25.18 -17.57
N PRO B 121 -14.30 -25.17 -16.32
CA PRO B 121 -13.45 -25.68 -15.23
C PRO B 121 -13.21 -27.17 -15.30
N GLY B 122 -14.06 -27.93 -15.98
CA GLY B 122 -13.76 -29.33 -16.23
C GLY B 122 -12.64 -29.51 -17.22
N ALA B 123 -12.54 -28.62 -18.21
CA ALA B 123 -11.45 -28.66 -19.16
C ALA B 123 -10.17 -28.03 -18.62
N LEU B 124 -10.29 -27.16 -17.61
CA LEU B 124 -9.10 -26.56 -17.01
C LEU B 124 -8.31 -27.59 -16.22
N GLY B 125 -8.99 -28.56 -15.61
CA GLY B 125 -8.29 -29.67 -14.99
C GLY B 125 -7.58 -30.54 -16.02
N ARG B 126 -8.17 -30.68 -17.20
CA ARG B 126 -7.50 -31.31 -18.32
C ARG B 126 -6.41 -30.44 -18.93
N LEU B 127 -6.33 -29.17 -18.54
CA LEU B 127 -5.24 -28.30 -18.92
C LEU B 127 -4.23 -28.12 -17.79
N GLY B 128 -4.70 -28.06 -16.54
CA GLY B 128 -3.83 -27.78 -15.42
C GLY B 128 -3.01 -28.96 -14.96
N ALA B 129 -3.61 -30.16 -14.96
CA ALA B 129 -2.91 -31.33 -14.46
C ALA B 129 -1.80 -31.77 -15.41
N TRP B 130 -2.03 -31.69 -16.71
CA TRP B 130 -0.96 -31.92 -17.68
C TRP B 130 0.11 -30.84 -17.60
N ALA B 131 -0.26 -29.64 -17.17
CA ALA B 131 0.69 -28.54 -17.04
C ALA B 131 1.64 -28.74 -15.87
N LEU B 132 1.08 -28.91 -14.67
CA LEU B 132 1.90 -29.04 -13.46
C LEU B 132 2.72 -30.32 -13.46
N LEU B 133 2.28 -31.33 -14.20
CA LEU B 133 3.12 -32.50 -14.42
C LEU B 133 4.34 -32.14 -15.26
N PHE B 134 4.17 -31.21 -16.21
CA PHE B 134 5.29 -30.86 -17.09
C PHE B 134 6.31 -29.99 -16.36
N PHE B 135 5.86 -29.09 -15.49
CA PHE B 135 6.80 -28.27 -14.74
C PHE B 135 7.56 -29.10 -13.72
N LEU B 136 6.96 -30.17 -13.22
CA LEU B 136 7.64 -31.02 -12.25
C LEU B 136 8.72 -31.86 -12.92
N VAL B 137 8.45 -32.37 -14.12
CA VAL B 137 9.41 -33.22 -14.81
C VAL B 137 10.61 -32.41 -15.29
N THR B 138 10.34 -31.24 -15.89
CA THR B 138 11.41 -30.41 -16.43
C THR B 138 12.32 -29.86 -15.34
N THR B 139 11.76 -29.56 -14.16
CA THR B 139 12.58 -29.10 -13.06
C THR B 139 13.40 -30.24 -12.48
N LEU B 140 12.79 -31.43 -12.36
CA LEU B 140 13.48 -32.57 -11.76
C LEU B 140 14.55 -33.12 -12.69
N LEU B 141 14.29 -33.10 -14.00
CA LEU B 141 15.28 -33.60 -14.95
C LEU B 141 16.47 -32.65 -15.05
N ALA B 142 16.24 -31.35 -14.84
CA ALA B 142 17.34 -30.40 -14.81
C ALA B 142 18.21 -30.59 -13.58
N SER B 143 17.59 -30.89 -12.44
CA SER B 143 18.36 -31.12 -11.23
C SER B 143 19.07 -32.47 -11.27
N ALA B 144 18.54 -33.42 -12.03
CA ALA B 144 19.24 -34.68 -12.21
C ALA B 144 20.51 -34.52 -13.03
N LEU B 145 20.55 -33.51 -13.90
CA LEU B 145 21.77 -33.19 -14.62
C LEU B 145 22.83 -32.62 -13.69
N GLY B 146 22.40 -31.97 -12.60
CA GLY B 146 23.36 -31.35 -11.70
C GLY B 146 24.22 -32.35 -10.96
N VAL B 147 23.62 -33.46 -10.53
CA VAL B 147 24.42 -34.53 -9.93
C VAL B 147 25.24 -35.24 -11.01
N GLY B 148 24.63 -35.51 -12.16
CA GLY B 148 25.28 -36.27 -13.20
C GLY B 148 26.42 -35.55 -13.90
N LEU B 149 26.49 -34.23 -13.77
CA LEU B 149 27.57 -33.47 -14.37
C LEU B 149 28.65 -33.09 -13.37
N ALA B 150 28.27 -32.82 -12.12
CA ALA B 150 29.26 -32.46 -11.12
C ALA B 150 30.07 -33.67 -10.65
N LEU B 151 29.45 -34.85 -10.62
CA LEU B 151 30.18 -36.04 -10.21
C LEU B 151 31.16 -36.50 -11.28
N ALA B 152 30.81 -36.31 -12.56
CA ALA B 152 31.68 -36.71 -13.65
C ALA B 152 32.73 -35.66 -13.99
N LEU B 153 32.79 -34.57 -13.24
CA LEU B 153 33.76 -33.52 -13.53
C LEU B 153 34.57 -33.19 -12.28
N GLN B 154 33.96 -33.39 -11.11
CA GLN B 154 34.52 -33.14 -9.77
C GLN B 154 35.09 -31.73 -9.63
N PRO B 155 34.23 -30.71 -9.48
CA PRO B 155 34.74 -29.33 -9.40
C PRO B 155 35.52 -29.04 -8.13
N GLY B 156 35.39 -29.86 -7.09
CA GLY B 156 36.24 -29.74 -5.93
C GLY B 156 37.58 -30.40 -6.15
N ALA B 157 38.40 -29.79 -7.00
CA ALA B 157 39.67 -30.36 -7.43
C ALA B 157 40.82 -29.62 -6.79
N ALA B 158 42.01 -30.22 -6.89
CA ALA B 158 43.23 -29.64 -6.32
C ALA B 158 43.61 -28.43 -7.17
N SER B 159 43.23 -27.25 -6.69
CA SER B 159 43.40 -26.02 -7.44
C SER B 159 43.39 -24.86 -6.45
N ALA B 160 43.21 -23.65 -6.96
CA ALA B 160 43.00 -22.50 -6.08
C ALA B 160 41.59 -22.46 -5.50
N ALA B 161 40.68 -23.28 -6.03
CA ALA B 161 39.33 -23.35 -5.50
C ALA B 161 39.29 -23.95 -4.11
N ILE B 162 40.25 -24.83 -3.79
CA ILE B 162 40.29 -25.42 -2.45
C ILE B 162 40.84 -24.45 -1.43
N ASN B 163 41.41 -23.32 -1.86
CA ASN B 163 41.78 -22.23 -0.96
C ASN B 163 40.54 -21.41 -0.63
N ALA B 164 39.68 -22.00 0.20
CA ALA B 164 38.48 -21.33 0.66
C ALA B 164 38.66 -20.65 2.01
N SER B 165 39.77 -20.92 2.70
CA SER B 165 40.01 -20.30 4.00
C SER B 165 40.25 -18.80 3.86
N VAL B 166 40.86 -18.39 2.75
CA VAL B 166 41.02 -16.97 2.47
C VAL B 166 39.69 -16.34 2.06
N GLY B 167 38.74 -17.14 1.59
CA GLY B 167 37.45 -16.61 1.16
C GLY B 167 36.37 -16.71 2.21
N ALA B 168 36.55 -17.58 3.20
CA ALA B 168 35.50 -17.78 4.21
C ALA B 168 35.47 -16.64 5.22
N ALA B 169 36.54 -16.52 6.01
CA ALA B 169 36.80 -15.47 7.01
C ALA B 169 35.72 -15.35 8.09
N GLY B 170 34.79 -16.30 8.19
CA GLY B 170 33.68 -16.19 9.11
C GLY B 170 32.74 -15.05 8.82
N SER B 171 32.69 -14.57 7.58
CA SER B 171 31.97 -13.34 7.26
C SER B 171 30.48 -13.59 7.11
N ALA B 172 30.10 -14.47 6.19
CA ALA B 172 28.70 -14.74 5.89
C ALA B 172 28.05 -15.75 6.83
N GLU B 173 28.73 -16.07 7.94
CA GLU B 173 28.10 -16.90 8.97
C GLU B 173 26.97 -16.14 9.66
N ASN B 174 27.11 -14.82 9.78
CA ASN B 174 26.06 -13.97 10.34
C ASN B 174 24.94 -13.84 9.33
N ALA B 175 24.08 -14.86 9.30
CA ALA B 175 22.95 -14.98 8.39
C ALA B 175 21.72 -15.38 9.17
N PRO B 176 20.51 -15.02 8.69
CA PRO B 176 19.29 -15.48 9.36
C PRO B 176 19.12 -16.99 9.33
N SER B 177 19.11 -17.57 8.12
CA SER B 177 19.10 -19.01 7.86
C SER B 177 17.94 -19.70 8.57
N LYS B 178 16.73 -19.36 8.12
CA LYS B 178 15.52 -19.94 8.70
C LYS B 178 15.45 -21.44 8.43
N GLU B 179 14.71 -22.13 9.30
CA GLU B 179 14.70 -23.58 9.29
C GLU B 179 13.89 -24.12 8.11
N VAL B 180 14.13 -25.38 7.78
CA VAL B 180 13.53 -25.98 6.59
C VAL B 180 12.05 -26.25 6.82
N LEU B 181 11.63 -26.45 8.07
CA LEU B 181 10.21 -26.63 8.34
C LEU B 181 9.47 -25.31 8.27
N ASP B 182 10.15 -24.21 8.57
CA ASP B 182 9.46 -22.92 8.64
C ASP B 182 9.29 -22.31 7.25
N SER B 183 10.33 -22.42 6.40
CA SER B 183 10.25 -21.84 5.07
C SER B 183 9.27 -22.60 4.18
N PHE B 184 9.18 -23.92 4.36
CA PHE B 184 8.16 -24.69 3.67
C PHE B 184 6.77 -24.33 4.20
N LEU B 185 6.68 -23.98 5.48
CA LEU B 185 5.42 -23.51 6.03
C LEU B 185 5.15 -22.08 5.58
N ASP B 186 6.20 -21.31 5.34
CA ASP B 186 6.05 -19.91 4.94
C ASP B 186 5.51 -19.80 3.52
N LEU B 187 5.83 -20.75 2.66
CA LEU B 187 5.38 -20.69 1.26
C LEU B 187 3.90 -20.96 1.17
N ALA B 188 3.37 -21.84 2.01
CA ALA B 188 1.94 -22.09 2.02
C ALA B 188 1.18 -20.91 2.60
N ARG B 189 1.81 -20.15 3.49
CA ARG B 189 1.19 -18.94 4.04
C ARG B 189 1.34 -17.77 3.09
N ASN B 190 2.34 -17.80 2.21
CA ASN B 190 2.50 -16.75 1.22
C ASN B 190 1.46 -16.90 0.12
N ILE B 191 1.13 -18.14 -0.25
CA ILE B 191 -0.10 -18.43 -0.98
C ILE B 191 -1.27 -18.10 -0.05
N PHE B 192 -2.40 -17.67 -0.65
CA PHE B 192 -3.58 -17.13 0.04
C PHE B 192 -3.18 -15.97 0.93
N PRO B 193 -2.94 -14.78 0.36
CA PRO B 193 -2.35 -13.68 1.13
C PRO B 193 -3.29 -13.14 2.19
N SER B 194 -2.70 -12.35 3.10
CA SER B 194 -3.47 -11.76 4.18
C SER B 194 -4.41 -10.69 3.67
N ASN B 195 -3.86 -9.66 3.03
CA ASN B 195 -4.65 -8.58 2.47
C ASN B 195 -4.34 -8.45 0.99
N LEU B 196 -5.36 -8.13 0.21
CA LEU B 196 -5.23 -8.16 -1.24
C LEU B 196 -4.42 -6.99 -1.77
N VAL B 197 -4.61 -5.80 -1.20
CA VAL B 197 -3.82 -4.65 -1.60
C VAL B 197 -2.39 -4.80 -1.09
N SER B 198 -2.22 -5.33 0.12
CA SER B 198 -0.91 -5.46 0.73
C SER B 198 -0.04 -6.49 0.03
N ALA B 199 -0.63 -7.39 -0.75
CA ALA B 199 0.13 -8.40 -1.47
C ALA B 199 0.59 -7.91 -2.84
N ALA B 200 0.37 -6.64 -3.14
CA ALA B 200 0.84 -6.09 -4.40
C ALA B 200 2.26 -5.57 -4.32
N PHE B 201 2.74 -5.27 -3.12
CA PHE B 201 4.10 -4.78 -2.95
C PHE B 201 4.82 -5.42 -1.78
N ARG B 202 4.14 -6.14 -0.91
CA ARG B 202 4.71 -6.55 0.38
C ARG B 202 4.40 -8.03 0.59
N SER B 203 5.42 -8.86 0.50
CA SER B 203 5.25 -10.30 0.66
C SER B 203 5.24 -10.66 2.14
N TYR B 204 5.33 -11.95 2.46
CA TYR B 204 5.40 -12.41 3.84
C TYR B 204 6.64 -13.28 4.01
N SER B 205 7.26 -13.17 5.18
CA SER B 205 8.41 -13.99 5.53
C SER B 205 8.39 -14.21 7.03
N THR B 206 9.51 -14.67 7.59
CA THR B 206 9.59 -14.91 9.02
C THR B 206 11.01 -14.71 9.51
N THR B 207 11.13 -14.28 10.77
CA THR B 207 12.40 -14.06 11.45
C THR B 207 12.39 -14.85 12.76
N TYR B 208 13.37 -14.56 13.62
CA TYR B 208 13.46 -15.23 14.91
C TYR B 208 13.85 -14.24 15.99
N GLU B 209 13.28 -14.43 17.17
CA GLU B 209 13.59 -13.65 18.36
C GLU B 209 13.91 -14.60 19.51
N GLU B 210 14.34 -14.03 20.64
CA GLU B 210 14.74 -14.79 21.81
C GLU B 210 14.16 -14.17 23.08
N ARG B 211 12.85 -13.90 23.09
CA ARG B 211 12.20 -13.22 24.21
C ARG B 211 11.87 -14.18 25.35
N ASN B 212 12.83 -15.00 25.76
CA ASN B 212 12.56 -16.25 26.48
C ASN B 212 13.33 -16.30 27.78
N ILE B 213 13.17 -15.27 28.62
CA ILE B 213 13.80 -15.28 29.93
C ILE B 213 12.92 -16.15 30.82
N THR B 214 13.17 -17.46 30.79
CA THR B 214 12.48 -18.41 31.65
C THR B 214 13.49 -19.47 32.10
N GLY B 215 14.75 -19.33 31.69
CA GLY B 215 15.70 -20.42 31.75
C GLY B 215 15.63 -21.22 30.47
N THR B 216 16.79 -21.59 29.92
CA THR B 216 16.95 -22.27 28.62
C THR B 216 16.31 -21.44 27.50
N ARG B 217 16.94 -20.29 27.24
CA ARG B 217 16.54 -19.35 26.21
C ARG B 217 16.46 -20.01 24.83
N VAL B 218 15.25 -20.05 24.27
CA VAL B 218 15.02 -20.67 22.97
C VAL B 218 14.67 -19.62 21.94
N LYS B 219 14.51 -20.04 20.69
CA LYS B 219 14.12 -19.13 19.62
C LYS B 219 12.61 -19.18 19.41
N VAL B 220 12.06 -18.07 18.95
CA VAL B 220 10.62 -17.98 18.71
C VAL B 220 10.38 -17.39 17.32
N PRO B 221 9.51 -17.99 16.52
CA PRO B 221 9.23 -17.43 15.19
C PRO B 221 8.26 -16.26 15.25
N VAL B 222 8.46 -15.33 14.33
CA VAL B 222 7.61 -14.15 14.21
C VAL B 222 7.67 -13.67 12.77
N GLY B 223 6.52 -13.25 12.24
CA GLY B 223 6.42 -12.76 10.87
C GLY B 223 6.11 -11.28 10.86
N GLN B 224 6.64 -10.57 9.86
CA GLN B 224 6.56 -9.12 9.87
C GLN B 224 6.31 -8.49 8.51
N GLU B 225 6.11 -9.26 7.44
CA GLU B 225 5.76 -8.78 6.10
C GLU B 225 6.81 -7.82 5.54
N VAL B 226 7.97 -8.39 5.20
CA VAL B 226 9.07 -7.62 4.63
C VAL B 226 8.75 -7.13 3.23
N GLU B 227 9.59 -6.22 2.73
CA GLU B 227 9.41 -5.63 1.41
C GLU B 227 9.63 -6.67 0.30
N GLY B 228 8.81 -6.58 -0.74
CA GLY B 228 8.94 -7.48 -1.88
C GLY B 228 7.61 -7.84 -2.49
N MET B 229 7.52 -7.82 -3.82
CA MET B 229 6.24 -8.06 -4.49
C MET B 229 5.89 -9.55 -4.44
N ASN B 230 4.64 -9.83 -4.07
CA ASN B 230 4.14 -11.21 -3.99
C ASN B 230 3.53 -11.56 -5.33
N ILE B 231 4.34 -12.15 -6.21
CA ILE B 231 3.83 -12.59 -7.50
C ILE B 231 2.96 -13.83 -7.32
N LEU B 232 3.44 -14.80 -6.52
CA LEU B 232 2.74 -16.07 -6.36
C LEU B 232 1.42 -15.91 -5.61
N GLY B 233 1.35 -14.93 -4.70
CA GLY B 233 0.12 -14.71 -3.97
C GLY B 233 -1.03 -14.18 -4.80
N LEU B 234 -0.73 -13.53 -5.91
CA LEU B 234 -1.77 -12.99 -6.78
C LEU B 234 -2.10 -13.90 -7.94
N VAL B 235 -1.21 -14.82 -8.31
CA VAL B 235 -1.53 -15.81 -9.34
C VAL B 235 -2.61 -16.75 -8.85
N VAL B 236 -2.50 -17.22 -7.61
CA VAL B 236 -3.49 -18.13 -7.06
C VAL B 236 -4.80 -17.42 -6.76
N PHE B 237 -4.78 -16.09 -6.62
CA PHE B 237 -6.04 -15.38 -6.43
C PHE B 237 -6.79 -15.22 -7.74
N ALA B 238 -6.08 -14.86 -8.81
CA ALA B 238 -6.75 -14.58 -10.08
C ALA B 238 -7.30 -15.84 -10.73
N ILE B 239 -6.67 -16.99 -10.51
CA ILE B 239 -7.19 -18.22 -11.07
C ILE B 239 -8.48 -18.62 -10.38
N VAL B 240 -8.52 -18.53 -9.05
CA VAL B 240 -9.75 -18.82 -8.30
C VAL B 240 -10.82 -17.79 -8.61
N PHE B 241 -10.43 -16.53 -8.78
CA PHE B 241 -11.40 -15.51 -9.13
C PHE B 241 -11.86 -15.64 -10.58
N GLY B 242 -11.03 -16.21 -11.44
CA GLY B 242 -11.43 -16.42 -12.82
C GLY B 242 -12.44 -17.53 -12.99
N VAL B 243 -12.36 -18.56 -12.15
CA VAL B 243 -13.32 -19.66 -12.21
C VAL B 243 -14.69 -19.19 -11.76
N ALA B 244 -14.75 -18.28 -10.79
CA ALA B 244 -16.02 -17.83 -10.23
C ALA B 244 -16.82 -17.01 -11.24
N LEU B 245 -16.16 -16.37 -12.21
CA LEU B 245 -16.89 -15.70 -13.25
C LEU B 245 -17.51 -16.69 -14.22
N ARG B 246 -16.88 -17.86 -14.39
CA ARG B 246 -17.43 -18.88 -15.29
C ARG B 246 -18.66 -19.52 -14.68
N LYS B 247 -18.71 -19.65 -13.35
CA LYS B 247 -19.90 -20.18 -12.70
C LYS B 247 -21.06 -19.20 -12.79
N LEU B 248 -20.76 -17.90 -12.84
CA LEU B 248 -21.80 -16.93 -13.09
C LEU B 248 -22.26 -17.00 -14.55
N GLY B 249 -23.49 -16.57 -14.79
CA GLY B 249 -24.05 -16.60 -16.12
C GLY B 249 -23.67 -15.36 -16.90
N PRO B 250 -24.68 -14.68 -17.45
CA PRO B 250 -24.41 -13.44 -18.20
C PRO B 250 -24.12 -12.23 -17.33
N GLU B 251 -24.19 -12.36 -16.00
CA GLU B 251 -23.81 -11.25 -15.14
C GLU B 251 -22.32 -10.99 -15.18
N GLY B 252 -21.52 -12.04 -15.36
CA GLY B 252 -20.09 -11.87 -15.51
C GLY B 252 -19.64 -11.50 -16.90
N GLU B 253 -20.55 -11.41 -17.85
CA GLU B 253 -20.20 -11.06 -19.22
C GLU B 253 -19.71 -9.62 -19.33
N LEU B 254 -20.28 -8.72 -18.53
CA LEU B 254 -19.75 -7.36 -18.44
C LEU B 254 -18.36 -7.36 -17.81
N LEU B 255 -18.16 -8.19 -16.79
CA LEU B 255 -16.92 -8.12 -16.03
C LEU B 255 -15.77 -8.74 -16.80
N ILE B 256 -16.03 -9.79 -17.58
CA ILE B 256 -14.94 -10.45 -18.30
C ILE B 256 -14.46 -9.60 -19.46
N ARG B 257 -15.35 -8.81 -20.06
CA ARG B 257 -14.94 -7.94 -21.15
C ARG B 257 -14.21 -6.71 -20.63
N PHE B 258 -14.43 -6.35 -19.37
CA PHE B 258 -13.65 -5.31 -18.73
C PHE B 258 -12.20 -5.71 -18.61
N PHE B 259 -11.95 -6.87 -17.99
CA PHE B 259 -10.58 -7.36 -17.83
C PHE B 259 -9.98 -7.85 -19.14
N ASN B 260 -10.79 -8.13 -20.16
CA ASN B 260 -10.22 -8.44 -21.46
C ASN B 260 -9.66 -7.18 -22.12
N SER B 261 -10.37 -6.07 -21.98
CA SER B 261 -9.90 -4.82 -22.58
C SER B 261 -8.73 -4.24 -21.80
N PHE B 262 -8.77 -4.35 -20.47
CA PHE B 262 -7.68 -3.82 -19.65
C PHE B 262 -6.42 -4.64 -19.80
N ASN B 263 -6.56 -5.90 -20.21
CA ASN B 263 -5.41 -6.71 -20.59
C ASN B 263 -4.77 -6.18 -21.87
N GLU B 264 -5.60 -5.82 -22.85
CA GLU B 264 -5.11 -5.49 -24.17
C GLU B 264 -4.41 -4.14 -24.18
N ALA B 265 -4.84 -3.21 -23.33
CA ALA B 265 -4.20 -1.91 -23.27
C ALA B 265 -2.79 -1.98 -22.71
N THR B 266 -2.54 -2.91 -21.79
CA THR B 266 -1.19 -3.11 -21.29
C THR B 266 -0.29 -3.72 -22.36
N MET B 267 -0.85 -4.60 -23.20
CA MET B 267 -0.09 -5.23 -24.27
C MET B 267 0.32 -4.23 -25.34
N VAL B 268 -0.42 -3.13 -25.49
CA VAL B 268 0.06 -2.04 -26.32
C VAL B 268 1.26 -1.37 -25.66
N LEU B 269 1.18 -1.17 -24.34
CA LEU B 269 2.20 -0.41 -23.63
C LEU B 269 3.50 -1.19 -23.47
N VAL B 270 3.44 -2.53 -23.51
CA VAL B 270 4.67 -3.30 -23.42
C VAL B 270 5.44 -3.27 -24.74
N SER B 271 4.77 -2.96 -25.85
CA SER B 271 5.45 -2.88 -27.14
C SER B 271 6.39 -1.68 -27.20
N TRP B 272 6.05 -0.59 -26.50
CA TRP B 272 6.89 0.60 -26.56
C TRP B 272 8.12 0.46 -25.68
N ILE B 273 8.01 -0.30 -24.59
CA ILE B 273 9.17 -0.54 -23.74
C ILE B 273 10.13 -1.50 -24.43
N MET B 274 9.59 -2.35 -25.32
CA MET B 274 10.41 -3.30 -26.07
C MET B 274 11.41 -2.61 -26.99
N TRP B 275 11.04 -1.44 -27.53
CA TRP B 275 12.00 -0.68 -28.34
C TRP B 275 13.09 -0.07 -27.48
N TYR B 276 12.79 0.28 -26.22
CA TYR B 276 13.81 0.81 -25.34
C TYR B 276 14.76 -0.27 -24.85
N ALA B 277 14.33 -1.53 -24.92
CA ALA B 277 15.10 -2.64 -24.35
C ALA B 277 16.50 -2.86 -24.94
N PRO B 278 16.79 -2.66 -26.23
CA PRO B 278 18.21 -2.73 -26.66
C PRO B 278 19.08 -1.61 -26.11
N VAL B 279 18.51 -0.49 -25.68
CA VAL B 279 19.33 0.56 -25.09
C VAL B 279 19.73 0.20 -23.67
N GLY B 280 18.80 -0.40 -22.91
CA GLY B 280 19.06 -0.62 -21.50
C GLY B 280 20.01 -1.77 -21.22
N ILE B 281 19.89 -2.86 -22.00
CA ILE B 281 20.72 -4.05 -21.81
C ILE B 281 22.19 -3.75 -22.06
N MET B 282 22.46 -2.75 -22.91
CA MET B 282 23.81 -2.23 -23.09
C MET B 282 24.37 -1.67 -21.78
N PHE B 283 23.52 -1.13 -20.91
CA PHE B 283 23.99 -0.58 -19.65
C PHE B 283 23.78 -1.52 -18.46
N LEU B 284 22.99 -2.59 -18.61
CA LEU B 284 22.94 -3.60 -17.55
C LEU B 284 24.26 -4.33 -17.43
N VAL B 285 24.79 -4.83 -18.56
CA VAL B 285 26.00 -5.62 -18.53
C VAL B 285 27.20 -4.74 -18.25
N ALA B 286 27.24 -3.55 -18.84
CA ALA B 286 28.34 -2.63 -18.64
C ALA B 286 28.25 -1.86 -17.32
N GLY B 287 27.30 -2.18 -16.46
CA GLY B 287 27.27 -1.62 -15.13
C GLY B 287 27.70 -2.66 -14.11
N LYS B 288 27.26 -3.90 -14.32
CA LYS B 288 27.61 -4.97 -13.40
C LYS B 288 29.07 -5.36 -13.54
N ILE B 289 29.64 -5.24 -14.73
CA ILE B 289 31.02 -5.63 -14.98
C ILE B 289 32.02 -4.65 -14.38
N VAL B 290 31.57 -3.47 -13.97
CA VAL B 290 32.44 -2.46 -13.37
C VAL B 290 32.71 -2.87 -11.93
N GLU B 291 31.79 -3.63 -11.34
CA GLU B 291 31.85 -4.01 -9.94
C GLU B 291 32.98 -4.99 -9.65
N MET B 292 32.95 -6.17 -10.27
CA MET B 292 33.96 -7.18 -10.07
C MET B 292 34.92 -7.21 -11.25
N GLU B 293 35.91 -8.10 -11.18
CA GLU B 293 36.90 -8.25 -12.24
C GLU B 293 37.23 -9.72 -12.43
N ASP B 294 37.29 -10.16 -13.67
CA ASP B 294 37.58 -11.54 -14.01
C ASP B 294 38.52 -11.61 -15.21
N VAL B 295 39.54 -10.75 -15.21
CA VAL B 295 40.53 -10.71 -16.28
C VAL B 295 41.70 -11.64 -15.95
N GLY B 296 41.50 -12.58 -15.03
CA GLY B 296 42.58 -13.43 -14.55
C GLY B 296 42.48 -13.71 -13.07
N LEU B 297 41.45 -13.17 -12.41
CA LEU B 297 41.31 -13.32 -10.96
C LEU B 297 40.18 -14.28 -10.59
N LEU B 298 38.96 -14.03 -11.05
CA LEU B 298 37.86 -14.91 -10.68
C LEU B 298 37.88 -16.22 -11.47
N PHE B 299 38.30 -16.17 -12.73
CA PHE B 299 38.40 -17.40 -13.51
C PHE B 299 39.57 -18.27 -13.07
N ALA B 300 40.54 -17.70 -12.36
CA ALA B 300 41.68 -18.48 -11.90
C ALA B 300 41.32 -19.37 -10.72
N ARG B 301 40.56 -18.82 -9.76
CA ARG B 301 40.30 -19.55 -8.53
C ARG B 301 39.30 -20.68 -8.74
N LEU B 302 38.07 -20.34 -9.13
CA LEU B 302 36.98 -21.30 -9.21
C LEU B 302 36.38 -21.38 -10.60
N GLY B 303 37.20 -21.13 -11.64
CA GLY B 303 36.73 -21.20 -13.01
C GLY B 303 36.31 -22.58 -13.47
N LYS B 304 36.77 -23.63 -12.78
CA LYS B 304 36.27 -24.97 -13.07
C LYS B 304 34.82 -25.10 -12.66
N TYR B 305 34.45 -24.48 -11.54
CA TYR B 305 33.06 -24.46 -11.10
C TYR B 305 32.17 -23.66 -12.03
N ILE B 306 32.68 -22.53 -12.54
CA ILE B 306 31.91 -21.70 -13.45
C ILE B 306 31.65 -22.44 -14.76
N LEU B 307 32.68 -23.12 -15.27
CA LEU B 307 32.51 -23.94 -16.46
C LEU B 307 31.64 -25.16 -16.18
N CYS B 308 31.57 -25.60 -14.92
CA CYS B 308 30.72 -26.72 -14.58
C CYS B 308 29.24 -26.34 -14.64
N CYS B 309 28.90 -25.14 -14.18
CA CYS B 309 27.50 -24.76 -14.10
C CYS B 309 26.98 -24.12 -15.38
N LEU B 310 27.84 -23.43 -16.13
CA LEU B 310 27.45 -22.93 -17.44
C LEU B 310 27.22 -24.07 -18.42
N LEU B 311 27.99 -25.15 -18.29
CA LEU B 311 27.75 -26.33 -19.11
C LEU B 311 26.48 -27.04 -18.70
N GLY B 312 26.10 -26.94 -17.42
CA GLY B 312 24.81 -27.44 -16.98
C GLY B 312 23.65 -26.69 -17.60
N HIS B 313 23.83 -25.40 -17.85
CA HIS B 313 22.87 -24.64 -18.62
C HIS B 313 23.03 -24.85 -20.13
N ALA B 314 24.11 -25.50 -20.56
CA ALA B 314 24.31 -25.70 -21.98
C ALA B 314 23.54 -26.91 -22.50
N ILE B 315 23.68 -28.05 -21.83
CA ILE B 315 22.97 -29.26 -22.26
C ILE B 315 21.48 -29.11 -22.04
N HIS B 316 21.08 -28.71 -20.83
CA HIS B 316 19.67 -28.51 -20.56
C HIS B 316 19.21 -27.21 -21.20
N GLY B 317 18.09 -27.27 -21.92
CA GLY B 317 17.51 -26.09 -22.54
C GLY B 317 18.11 -25.68 -23.86
N LEU B 318 19.11 -26.40 -24.35
CA LEU B 318 19.59 -26.21 -25.72
C LEU B 318 19.76 -27.53 -26.45
N LEU B 319 19.90 -28.64 -25.75
CA LEU B 319 19.92 -29.98 -26.33
C LEU B 319 18.80 -30.84 -25.80
N VAL B 320 18.38 -30.65 -24.55
CA VAL B 320 17.35 -31.51 -23.96
C VAL B 320 15.96 -30.99 -24.31
N LEU B 321 15.69 -29.72 -24.02
CA LEU B 321 14.39 -29.14 -24.34
C LEU B 321 14.04 -29.07 -25.83
N PRO B 322 14.97 -28.86 -26.77
CA PRO B 322 14.60 -29.13 -28.17
C PRO B 322 14.29 -30.58 -28.44
N LEU B 323 14.95 -31.51 -27.75
CA LEU B 323 14.67 -32.92 -27.96
C LEU B 323 13.32 -33.31 -27.38
N ILE B 324 12.91 -32.69 -26.27
CA ILE B 324 11.59 -32.95 -25.72
C ILE B 324 10.51 -32.33 -26.61
N TYR B 325 10.78 -31.13 -27.14
CA TYR B 325 9.80 -30.45 -27.98
C TYR B 325 9.62 -31.15 -29.31
N PHE B 326 10.70 -31.70 -29.86
CA PHE B 326 10.57 -32.45 -31.12
C PHE B 326 9.90 -33.80 -30.89
N LEU B 327 10.02 -34.36 -29.69
CA LEU B 327 9.45 -35.67 -29.44
C LEU B 327 7.93 -35.61 -29.30
N PHE B 328 7.37 -34.43 -29.00
CA PHE B 328 5.93 -34.28 -28.88
C PHE B 328 5.30 -33.50 -30.04
N THR B 329 6.07 -32.74 -30.79
CA THR B 329 5.52 -31.96 -31.90
C THR B 329 5.98 -32.40 -33.26
N ARG B 330 7.20 -32.96 -33.35
CA ARG B 330 7.88 -33.29 -34.61
C ARG B 330 7.98 -32.08 -35.52
N LYS B 331 8.29 -30.93 -34.91
CA LYS B 331 8.46 -29.67 -35.61
C LYS B 331 9.82 -29.11 -35.26
N ASN B 332 10.25 -28.12 -36.03
CA ASN B 332 11.57 -27.51 -35.84
C ASN B 332 11.59 -26.66 -34.59
N PRO B 333 12.37 -27.02 -33.57
CA PRO B 333 12.35 -26.25 -32.31
C PRO B 333 13.12 -24.95 -32.43
N TYR B 334 14.10 -24.90 -33.32
CA TYR B 334 14.95 -23.73 -33.41
C TYR B 334 14.28 -22.60 -34.18
N ARG B 335 13.37 -22.92 -35.09
CA ARG B 335 12.54 -21.90 -35.68
C ARG B 335 11.56 -21.33 -34.66
N PHE B 336 11.12 -22.17 -33.72
CA PHE B 336 10.38 -21.67 -32.57
C PHE B 336 11.29 -20.88 -31.64
N LEU B 337 12.54 -21.31 -31.51
CA LEU B 337 13.46 -20.67 -30.58
C LEU B 337 13.99 -19.36 -31.14
N TRP B 338 14.09 -19.23 -32.46
CA TRP B 338 14.56 -17.97 -33.03
C TRP B 338 13.51 -16.88 -32.93
N GLY B 339 12.22 -17.26 -32.88
CA GLY B 339 11.17 -16.28 -32.68
C GLY B 339 11.15 -15.67 -31.29
N ILE B 340 11.80 -16.32 -30.33
CA ILE B 340 11.95 -15.79 -28.98
C ILE B 340 13.44 -15.69 -28.69
N VAL B 341 14.03 -14.56 -29.06
CA VAL B 341 15.42 -14.28 -28.70
C VAL B 341 15.58 -12.91 -28.05
N THR B 342 14.67 -11.98 -28.28
CA THR B 342 14.67 -10.72 -27.54
C THR B 342 14.33 -10.90 -26.05
N PRO B 343 13.35 -11.72 -25.62
CA PRO B 343 13.20 -11.89 -24.17
C PRO B 343 14.33 -12.68 -23.53
N LEU B 344 14.85 -13.69 -24.23
CA LEU B 344 15.89 -14.53 -23.65
C LEU B 344 17.19 -13.76 -23.47
N ALA B 345 17.50 -12.83 -24.37
CA ALA B 345 18.64 -11.96 -24.15
C ALA B 345 18.35 -10.90 -23.11
N THR B 346 17.08 -10.55 -22.92
CA THR B 346 16.72 -9.58 -21.89
C THR B 346 16.84 -10.19 -20.51
N ALA B 347 16.51 -11.49 -20.39
CA ALA B 347 16.68 -12.19 -19.13
C ALA B 347 18.15 -12.32 -18.75
N PHE B 348 19.04 -12.35 -19.74
CA PHE B 348 20.47 -12.30 -19.43
C PHE B 348 20.88 -10.93 -18.92
N GLY B 349 20.19 -9.88 -19.34
CA GLY B 349 20.52 -8.54 -18.90
C GLY B 349 19.86 -8.18 -17.59
N THR B 350 18.55 -8.40 -17.50
CA THR B 350 17.82 -8.01 -16.30
C THR B 350 18.12 -8.93 -15.13
N SER B 351 18.48 -10.18 -15.42
CA SER B 351 18.76 -11.22 -14.42
C SER B 351 17.59 -11.42 -13.47
N SER B 352 16.39 -11.48 -14.03
CA SER B 352 15.18 -11.67 -13.24
C SER B 352 14.12 -12.30 -14.11
N SER B 353 13.59 -13.45 -13.68
CA SER B 353 12.53 -14.11 -14.43
C SER B 353 11.24 -13.32 -14.37
N SER B 354 10.92 -12.75 -13.21
CA SER B 354 9.70 -11.97 -13.06
C SER B 354 9.76 -10.63 -13.77
N ALA B 355 10.96 -10.17 -14.16
CA ALA B 355 11.05 -8.96 -14.96
C ALA B 355 10.55 -9.21 -16.38
N THR B 356 11.15 -10.16 -17.08
CA THR B 356 10.91 -10.38 -18.50
C THR B 356 9.61 -11.14 -18.79
N LEU B 357 8.71 -11.24 -17.82
CA LEU B 357 7.43 -11.92 -18.04
C LEU B 357 6.53 -11.24 -19.08
N PRO B 358 6.29 -9.91 -19.09
CA PRO B 358 5.46 -9.36 -20.17
C PRO B 358 6.17 -9.30 -21.50
N LEU B 359 7.49 -9.30 -21.52
CA LEU B 359 8.20 -9.20 -22.79
C LEU B 359 8.10 -10.49 -23.57
N MET B 360 8.07 -11.63 -22.87
CA MET B 360 7.91 -12.91 -23.56
C MET B 360 6.47 -13.09 -24.03
N MET B 361 5.50 -12.59 -23.26
CA MET B 361 4.10 -12.72 -23.62
C MET B 361 3.74 -11.96 -24.88
N LYS B 362 4.52 -10.95 -25.25
CA LYS B 362 4.32 -10.31 -26.55
C LYS B 362 4.92 -11.14 -27.67
N CYS B 363 6.13 -11.66 -27.47
CA CYS B 363 6.85 -12.32 -28.56
C CYS B 363 6.27 -13.68 -28.89
N VAL B 364 5.69 -14.37 -27.91
CA VAL B 364 5.17 -15.72 -28.16
C VAL B 364 3.89 -15.66 -28.97
N GLU B 365 2.96 -14.77 -28.59
CA GLU B 365 1.68 -14.73 -29.28
C GLU B 365 1.76 -14.03 -30.63
N GLU B 366 2.81 -13.27 -30.90
CA GLU B 366 2.95 -12.56 -32.17
C GLU B 366 3.80 -13.34 -33.16
N ASN B 367 5.05 -13.64 -32.79
CA ASN B 367 5.98 -14.24 -33.74
C ASN B 367 5.64 -15.70 -34.00
N ASN B 368 5.63 -16.52 -32.96
CA ASN B 368 5.33 -17.93 -33.11
C ASN B 368 3.83 -18.15 -33.15
N GLY B 369 3.43 -19.23 -33.82
CA GLY B 369 2.02 -19.51 -34.01
C GLY B 369 1.36 -20.22 -32.85
N VAL B 370 1.07 -19.50 -31.78
CA VAL B 370 0.35 -20.05 -30.65
C VAL B 370 -1.02 -19.40 -30.58
N ALA B 371 -1.87 -19.94 -29.70
CA ALA B 371 -3.20 -19.38 -29.52
C ALA B 371 -3.13 -18.15 -28.63
N LYS B 372 -4.19 -17.33 -28.71
CA LYS B 372 -4.20 -16.06 -28.01
C LYS B 372 -4.45 -16.24 -26.52
N HIS B 373 -5.48 -17.02 -26.17
CA HIS B 373 -5.88 -17.10 -24.77
C HIS B 373 -4.98 -18.04 -23.98
N ILE B 374 -4.52 -19.14 -24.57
CA ILE B 374 -3.80 -20.13 -23.78
C ILE B 374 -2.35 -19.73 -23.57
N SER B 375 -1.82 -18.83 -24.41
CA SER B 375 -0.47 -18.35 -24.20
C SER B 375 -0.40 -17.38 -23.02
N ARG B 376 -1.50 -16.68 -22.74
CA ARG B 376 -1.56 -15.75 -21.63
C ARG B 376 -1.99 -16.39 -20.33
N PHE B 377 -2.05 -17.72 -20.27
CA PHE B 377 -2.34 -18.42 -19.03
C PHE B 377 -1.16 -19.26 -18.55
N ILE B 378 -0.64 -20.15 -19.40
CA ILE B 378 0.41 -21.06 -18.97
C ILE B 378 1.75 -20.35 -18.79
N LEU B 379 1.98 -19.25 -19.47
CA LEU B 379 3.24 -18.55 -19.36
C LEU B 379 3.32 -17.68 -18.10
N PRO B 380 2.29 -16.94 -17.66
CA PRO B 380 2.43 -16.24 -16.36
C PRO B 380 2.46 -17.16 -15.16
N ILE B 381 1.77 -18.30 -15.18
CA ILE B 381 1.86 -19.21 -14.06
C ILE B 381 3.22 -19.91 -14.05
N GLY B 382 3.87 -19.99 -15.21
CA GLY B 382 5.21 -20.51 -15.31
C GLY B 382 6.30 -19.55 -14.90
N ALA B 383 5.94 -18.34 -14.48
CA ALA B 383 6.98 -17.39 -14.08
C ALA B 383 7.60 -17.78 -12.75
N THR B 384 6.81 -18.29 -11.82
CA THR B 384 7.26 -18.57 -10.47
C THR B 384 6.96 -20.00 -10.06
N VAL B 385 7.09 -20.95 -10.98
CA VAL B 385 6.87 -22.35 -10.61
C VAL B 385 7.96 -23.29 -11.11
N ASN B 386 8.80 -22.90 -12.07
CA ASN B 386 9.72 -23.86 -12.69
C ASN B 386 11.14 -23.32 -12.71
N MET B 387 11.64 -22.88 -11.55
CA MET B 387 13.02 -22.41 -11.48
C MET B 387 14.01 -23.56 -11.59
N ASP B 388 14.08 -24.16 -12.79
CA ASP B 388 14.93 -25.32 -13.01
C ASP B 388 16.39 -24.93 -13.14
N GLY B 389 16.66 -23.69 -13.57
CA GLY B 389 18.01 -23.17 -13.46
C GLY B 389 18.46 -23.09 -12.02
N ALA B 390 17.57 -22.62 -11.13
CA ALA B 390 17.85 -22.67 -9.70
C ALA B 390 17.92 -24.09 -9.20
N ALA B 391 17.14 -24.99 -9.78
CA ALA B 391 17.29 -26.41 -9.47
C ALA B 391 18.57 -26.99 -10.07
N LEU B 392 19.14 -26.31 -11.06
CA LEU B 392 20.46 -26.69 -11.57
C LEU B 392 21.57 -25.92 -10.86
N PHE B 393 21.28 -24.70 -10.40
CA PHE B 393 22.29 -23.93 -9.68
C PHE B 393 22.48 -24.45 -8.27
N GLN B 394 21.39 -24.63 -7.53
CA GLN B 394 21.48 -25.07 -6.14
C GLN B 394 21.82 -26.55 -6.01
N CYS B 395 21.72 -27.31 -7.10
CA CYS B 395 22.15 -28.71 -7.05
C CYS B 395 23.67 -28.81 -7.15
N VAL B 396 24.27 -28.12 -8.12
CA VAL B 396 25.71 -28.20 -8.34
C VAL B 396 26.47 -27.55 -7.19
N ALA B 397 25.99 -26.41 -6.72
CA ALA B 397 26.64 -25.68 -5.63
C ALA B 397 26.57 -26.44 -4.31
N ALA B 398 25.61 -27.33 -4.16
CA ALA B 398 25.55 -28.18 -2.98
C ALA B 398 26.36 -29.45 -3.13
N VAL B 399 26.86 -29.75 -4.33
CA VAL B 399 27.80 -30.84 -4.53
C VAL B 399 29.20 -30.25 -4.47
N PHE B 400 29.31 -28.99 -4.91
CA PHE B 400 30.61 -28.31 -5.02
C PHE B 400 31.29 -28.18 -3.67
N ILE B 401 30.53 -27.78 -2.64
CA ILE B 401 31.12 -27.68 -1.32
C ILE B 401 31.30 -29.06 -0.68
N ALA B 402 30.65 -30.09 -1.23
CA ALA B 402 30.83 -31.43 -0.73
C ALA B 402 31.82 -32.24 -1.54
N GLN B 403 32.12 -31.83 -2.78
CA GLN B 403 33.28 -32.38 -3.47
C GLN B 403 34.56 -32.02 -2.73
N LEU B 404 34.63 -30.81 -2.20
CA LEU B 404 35.67 -30.47 -1.26
C LEU B 404 35.23 -30.86 0.15
N SER B 405 36.16 -30.72 1.10
CA SER B 405 35.98 -30.98 2.53
C SER B 405 35.55 -32.41 2.85
N GLN B 406 35.78 -33.34 1.92
CA GLN B 406 35.75 -34.79 2.15
C GLN B 406 34.41 -35.29 2.68
N GLN B 407 33.37 -35.16 1.86
CA GLN B 407 32.05 -35.62 2.25
C GLN B 407 31.56 -36.68 1.27
N SER B 408 30.76 -37.63 1.79
CA SER B 408 30.49 -38.86 1.06
C SER B 408 29.38 -38.70 0.02
N LEU B 409 28.16 -38.44 0.48
CA LEU B 409 26.93 -38.44 -0.33
C LEU B 409 26.83 -39.66 -1.26
N ASP B 410 26.74 -40.84 -0.64
CA ASP B 410 26.83 -42.06 -1.43
C ASP B 410 25.54 -42.34 -2.22
N PHE B 411 24.44 -42.63 -1.54
CA PHE B 411 23.17 -42.75 -2.24
C PHE B 411 21.98 -42.15 -1.49
N VAL B 412 22.01 -42.07 -0.17
CA VAL B 412 20.84 -41.65 0.58
C VAL B 412 20.67 -40.14 0.52
N LYS B 413 21.78 -39.41 0.60
CA LYS B 413 21.73 -37.96 0.50
C LYS B 413 21.46 -37.50 -0.94
N ILE B 414 21.69 -38.36 -1.93
CA ILE B 414 21.53 -37.96 -3.32
C ILE B 414 20.06 -37.79 -3.67
N ILE B 415 19.20 -38.67 -3.16
CA ILE B 415 17.78 -38.52 -3.44
C ILE B 415 17.15 -37.41 -2.60
N THR B 416 17.78 -37.02 -1.50
CA THR B 416 17.26 -35.90 -0.72
C THR B 416 17.71 -34.58 -1.30
N ILE B 417 18.94 -34.51 -1.80
CA ILE B 417 19.44 -33.28 -2.41
C ILE B 417 18.81 -33.08 -3.78
N LEU B 418 18.24 -34.13 -4.37
CA LEU B 418 17.54 -34.00 -5.64
C LEU B 418 16.12 -33.47 -5.44
N VAL B 419 15.44 -33.93 -4.39
CA VAL B 419 14.05 -33.56 -4.18
C VAL B 419 13.92 -32.24 -3.42
N THR B 420 14.96 -31.80 -2.72
CA THR B 420 14.87 -30.53 -2.00
C THR B 420 15.00 -29.36 -2.95
N ALA B 421 15.93 -29.45 -3.91
CA ALA B 421 16.16 -28.35 -4.83
C ALA B 421 15.01 -28.15 -5.80
N THR B 422 14.31 -29.23 -6.15
CA THR B 422 13.12 -29.07 -6.99
C THR B 422 11.90 -28.62 -6.21
N ALA B 423 11.98 -28.60 -4.88
CA ALA B 423 10.90 -28.07 -4.07
C ALA B 423 11.11 -26.60 -3.73
N SER B 424 12.34 -26.23 -3.36
CA SER B 424 12.62 -24.83 -3.03
C SER B 424 12.66 -23.94 -4.26
N SER B 425 12.77 -24.53 -5.45
CA SER B 425 12.68 -23.76 -6.68
C SER B 425 11.29 -23.17 -6.88
N VAL B 426 10.26 -23.87 -6.42
CA VAL B 426 8.90 -23.33 -6.46
C VAL B 426 8.79 -22.15 -5.52
N GLY B 427 9.35 -22.26 -4.31
CA GLY B 427 9.31 -21.18 -3.36
C GLY B 427 10.20 -20.00 -3.69
N ALA B 428 11.06 -20.12 -4.68
CA ALA B 428 11.91 -19.00 -5.07
C ALA B 428 11.08 -17.92 -5.74
N ALA B 429 11.59 -16.70 -5.66
CA ALA B 429 10.95 -15.54 -6.25
C ALA B 429 11.63 -15.18 -7.56
N GLY B 430 11.18 -14.08 -8.16
CA GLY B 430 11.79 -13.58 -9.37
C GLY B 430 12.75 -12.44 -9.07
N ILE B 431 13.10 -12.29 -7.79
CA ILE B 431 14.02 -11.26 -7.34
C ILE B 431 15.42 -11.64 -7.83
N PRO B 432 16.21 -10.72 -8.38
CA PRO B 432 17.58 -11.03 -8.74
C PRO B 432 18.42 -11.35 -7.51
N ALA B 433 19.26 -12.40 -7.65
CA ALA B 433 20.09 -12.97 -6.56
C ALA B 433 19.24 -13.35 -5.36
N GLY B 434 18.08 -13.95 -5.61
CA GLY B 434 17.20 -14.38 -4.55
C GLY B 434 17.36 -15.85 -4.21
N GLY B 435 17.91 -16.61 -5.14
CA GLY B 435 18.10 -18.04 -4.94
C GLY B 435 19.26 -18.41 -4.04
N VAL B 436 20.09 -17.43 -3.68
CA VAL B 436 21.20 -17.70 -2.78
C VAL B 436 20.70 -17.93 -1.35
N LEU B 437 19.60 -17.26 -0.99
CA LEU B 437 19.04 -17.41 0.35
C LEU B 437 18.44 -18.81 0.54
N THR B 438 17.88 -19.38 -0.52
CA THR B 438 17.31 -20.72 -0.46
C THR B 438 18.36 -21.82 -0.61
N LEU B 439 19.63 -21.46 -0.75
CA LEU B 439 20.68 -22.47 -0.81
C LEU B 439 21.03 -22.99 0.56
N ALA B 440 20.92 -22.15 1.60
CA ALA B 440 21.32 -22.55 2.94
C ALA B 440 20.35 -23.54 3.55
N ILE B 441 19.08 -23.49 3.16
CA ILE B 441 18.11 -24.43 3.72
C ILE B 441 18.24 -25.82 3.13
N ILE B 442 18.89 -25.95 1.96
CA ILE B 442 19.18 -27.26 1.42
C ILE B 442 20.30 -27.92 2.22
N LEU B 443 21.31 -27.12 2.57
CA LEU B 443 22.54 -27.67 3.12
C LEU B 443 22.34 -28.18 4.55
N GLU B 444 21.50 -27.49 5.34
CA GLU B 444 21.24 -27.96 6.68
C GLU B 444 20.39 -29.22 6.67
N ALA B 445 19.47 -29.34 5.71
CA ALA B 445 18.65 -30.54 5.61
C ALA B 445 19.45 -31.74 5.15
N VAL B 446 20.52 -31.52 4.39
CA VAL B 446 21.41 -32.59 3.96
C VAL B 446 22.69 -32.60 4.80
N ASN B 447 22.70 -31.85 5.91
CA ASN B 447 23.74 -31.71 6.96
C ASN B 447 25.18 -31.72 6.42
N LEU B 448 25.40 -30.92 5.39
CA LEU B 448 26.68 -30.53 4.84
C LEU B 448 27.17 -29.25 5.51
N PRO B 449 28.47 -29.01 5.58
CA PRO B 449 28.95 -27.80 6.24
C PRO B 449 28.68 -26.55 5.42
N VAL B 450 28.32 -25.48 6.11
CA VAL B 450 28.01 -24.20 5.50
C VAL B 450 29.16 -23.26 5.87
N ASP B 451 30.34 -23.86 6.07
CA ASP B 451 31.50 -23.15 6.60
C ASP B 451 32.01 -22.08 5.65
N HIS B 452 31.75 -22.22 4.35
CA HIS B 452 31.99 -21.13 3.41
C HIS B 452 30.95 -21.21 2.29
N ILE B 453 29.87 -20.45 2.47
CA ILE B 453 28.92 -20.24 1.38
C ILE B 453 29.32 -19.04 0.55
N SER B 454 30.29 -18.25 1.03
CA SER B 454 30.69 -17.02 0.35
C SER B 454 31.50 -17.27 -0.91
N LEU B 455 31.84 -18.52 -1.23
CA LEU B 455 32.44 -18.82 -2.52
C LEU B 455 31.38 -18.92 -3.60
N ILE B 456 30.24 -19.54 -3.29
CA ILE B 456 29.11 -19.53 -4.21
C ILE B 456 28.52 -18.13 -4.30
N LEU B 457 28.54 -17.39 -3.19
CA LEU B 457 28.23 -15.97 -3.24
C LEU B 457 29.38 -15.23 -3.92
N ALA B 458 29.06 -14.03 -4.42
CA ALA B 458 29.94 -13.08 -5.10
C ALA B 458 30.46 -13.57 -6.45
N VAL B 459 29.99 -14.72 -6.93
CA VAL B 459 30.11 -15.10 -8.33
C VAL B 459 28.77 -15.20 -9.00
N ASP B 460 27.69 -14.83 -8.31
CA ASP B 460 26.34 -14.90 -8.83
C ASP B 460 25.95 -13.66 -9.61
N TRP B 461 26.87 -12.75 -9.88
CA TRP B 461 26.56 -11.71 -10.86
C TRP B 461 26.67 -12.22 -12.29
N LEU B 462 27.35 -13.36 -12.48
CA LEU B 462 27.56 -13.94 -13.79
C LEU B 462 26.74 -15.21 -14.00
N VAL B 463 26.75 -16.12 -13.04
CA VAL B 463 26.11 -17.43 -13.25
C VAL B 463 24.60 -17.30 -13.13
N ASP B 464 24.10 -16.33 -12.37
CA ASP B 464 22.66 -16.17 -12.24
C ASP B 464 22.04 -15.55 -13.48
N ARG B 465 22.84 -14.83 -14.28
CA ARG B 465 22.32 -14.33 -15.54
C ARG B 465 22.12 -15.46 -16.54
N SER B 466 22.97 -16.48 -16.48
CA SER B 466 22.70 -17.70 -17.24
C SER B 466 21.54 -18.49 -16.66
N CYS B 467 21.26 -18.30 -15.37
CA CYS B 467 20.19 -19.05 -14.74
C CYS B 467 18.82 -18.58 -15.21
N THR B 468 18.64 -17.28 -15.38
CA THR B 468 17.33 -16.75 -15.75
C THR B 468 16.98 -17.07 -17.20
N VAL B 469 18.00 -17.21 -18.06
CA VAL B 469 17.75 -17.54 -19.46
C VAL B 469 17.22 -18.95 -19.57
N LEU B 470 17.84 -19.89 -18.85
CA LEU B 470 17.34 -21.25 -18.79
C LEU B 470 16.01 -21.33 -18.04
N ASN B 471 15.78 -20.40 -17.12
CA ASN B 471 14.56 -20.43 -16.31
C ASN B 471 13.34 -20.07 -17.15
N VAL B 472 13.43 -18.98 -17.91
CA VAL B 472 12.27 -18.49 -18.65
C VAL B 472 12.08 -19.21 -19.97
N GLU B 473 13.05 -20.03 -20.39
CA GLU B 473 12.95 -20.69 -21.68
C GLU B 473 11.95 -21.84 -21.64
N GLY B 474 11.93 -22.60 -20.54
CA GLY B 474 11.04 -23.74 -20.43
C GLY B 474 9.57 -23.39 -20.37
N ASP B 475 9.25 -22.14 -20.09
CA ASP B 475 7.86 -21.69 -20.13
C ASP B 475 7.33 -21.68 -21.54
N ALA B 476 8.03 -21.00 -22.45
CA ALA B 476 7.56 -20.86 -23.82
C ALA B 476 7.68 -22.16 -24.58
N LEU B 477 8.68 -22.99 -24.25
CA LEU B 477 8.72 -24.34 -24.81
C LEU B 477 7.56 -25.18 -24.31
N GLY B 478 7.18 -25.00 -23.05
CA GLY B 478 5.96 -25.60 -22.55
C GLY B 478 4.71 -24.96 -23.10
N ALA B 479 4.78 -23.69 -23.49
CA ALA B 479 3.63 -23.02 -24.07
C ALA B 479 3.32 -23.57 -25.45
N GLY B 480 4.35 -23.69 -26.29
CA GLY B 480 4.17 -24.29 -27.60
C GLY B 480 3.89 -25.77 -27.56
N LEU B 481 4.25 -26.45 -26.47
CA LEU B 481 3.95 -27.86 -26.34
C LEU B 481 2.46 -28.12 -26.14
N LEU B 482 1.74 -27.15 -25.59
CA LEU B 482 0.30 -27.29 -25.43
C LEU B 482 -0.47 -26.90 -26.68
N GLN B 483 0.21 -26.35 -27.69
CA GLN B 483 -0.46 -26.07 -28.95
C GLN B 483 -0.73 -27.37 -29.72
N ASN B 484 0.20 -28.33 -29.64
CA ASN B 484 -0.05 -29.63 -30.25
C ASN B 484 -1.11 -30.41 -29.47
N TYR B 485 -1.22 -30.16 -28.17
CA TYR B 485 -2.15 -30.91 -27.34
C TYR B 485 -3.61 -30.54 -27.64
N VAL B 486 -3.85 -29.31 -28.10
CA VAL B 486 -5.21 -28.91 -28.44
C VAL B 486 -5.57 -29.30 -29.88
N ASP B 487 -4.58 -29.71 -30.69
CA ASP B 487 -4.86 -30.11 -32.06
C ASP B 487 -5.57 -31.47 -32.11
N ARG B 488 -5.31 -32.33 -31.13
CA ARG B 488 -6.00 -33.61 -31.07
C ARG B 488 -7.28 -33.50 -30.24
N ASP C 43 -35.41 43.54 -2.14
CA ASP C 43 -34.20 44.24 -2.57
C ASP C 43 -33.52 43.49 -3.72
N GLN C 44 -33.01 44.26 -4.69
CA GLN C 44 -32.25 43.67 -5.78
C GLN C 44 -30.86 43.22 -5.33
N VAL C 45 -30.36 43.78 -4.24
CA VAL C 45 -29.06 43.38 -3.71
C VAL C 45 -29.12 41.98 -3.08
N ARG C 46 -30.31 41.52 -2.69
CA ARG C 46 -30.46 40.15 -2.22
C ARG C 46 -30.33 39.14 -3.35
N ARG C 47 -30.54 39.55 -4.60
CA ARG C 47 -30.48 38.63 -5.72
C ARG C 47 -29.04 38.22 -6.04
N CYS C 48 -28.12 39.19 -6.01
CA CYS C 48 -26.73 38.88 -6.35
C CYS C 48 -26.04 38.11 -5.25
N LEU C 49 -26.48 38.27 -4.00
CA LEU C 49 -25.83 37.56 -2.90
C LEU C 49 -26.21 36.09 -2.88
N ARG C 50 -27.41 35.75 -3.35
CA ARG C 50 -27.79 34.35 -3.43
C ARG C 50 -27.04 33.63 -4.54
N ALA C 51 -26.71 34.34 -5.63
CA ALA C 51 -25.95 33.76 -6.72
C ALA C 51 -24.45 33.80 -6.48
N ASN C 52 -24.00 34.49 -5.44
CA ASN C 52 -22.59 34.59 -5.10
C ASN C 52 -22.38 34.15 -3.66
N LEU C 53 -23.00 33.02 -3.31
CA LEU C 53 -22.99 32.57 -1.92
C LEU C 53 -21.63 32.00 -1.52
N LEU C 54 -21.03 31.20 -2.40
CA LEU C 54 -19.72 30.62 -2.10
C LEU C 54 -18.63 31.68 -2.11
N VAL C 55 -18.76 32.67 -3.00
CA VAL C 55 -17.78 33.75 -3.08
C VAL C 55 -17.82 34.59 -1.81
N LEU C 56 -19.03 34.88 -1.30
CA LEU C 56 -19.17 35.72 -0.12
C LEU C 56 -18.73 34.99 1.14
N LEU C 57 -19.07 33.71 1.24
CA LEU C 57 -18.77 32.96 2.46
C LEU C 57 -17.29 32.62 2.59
N THR C 58 -16.57 32.52 1.48
CA THR C 58 -15.18 32.13 1.55
C THR C 58 -14.30 33.28 2.02
N VAL C 59 -14.50 34.48 1.45
CA VAL C 59 -13.67 35.61 1.82
C VAL C 59 -14.06 36.20 3.16
N VAL C 60 -15.27 35.93 3.66
CA VAL C 60 -15.64 36.43 4.98
C VAL C 60 -15.06 35.53 6.06
N ALA C 61 -14.66 34.32 5.72
CA ALA C 61 -14.12 33.40 6.71
C ALA C 61 -12.61 33.49 6.83
N VAL C 62 -11.92 33.85 5.75
CA VAL C 62 -10.47 34.00 5.83
C VAL C 62 -10.10 35.23 6.63
N VAL C 63 -10.97 36.24 6.68
CA VAL C 63 -10.77 37.36 7.59
C VAL C 63 -11.37 37.09 8.97
N ALA C 64 -12.23 36.07 9.09
CA ALA C 64 -12.82 35.76 10.38
C ALA C 64 -11.80 35.12 11.31
N GLY C 65 -10.99 34.20 10.78
CA GLY C 65 -10.01 33.51 11.61
C GLY C 65 -8.86 34.40 12.04
N VAL C 66 -8.53 35.40 11.22
CA VAL C 66 -7.53 36.39 11.63
C VAL C 66 -8.03 37.20 12.81
N ALA C 67 -9.30 37.60 12.76
CA ALA C 67 -9.92 38.23 13.92
C ALA C 67 -10.11 37.24 15.06
N LEU C 68 -10.32 35.96 14.73
CA LEU C 68 -10.50 34.96 15.77
C LEU C 68 -9.16 34.63 16.42
N GLY C 69 -8.12 34.42 15.61
CA GLY C 69 -6.86 33.94 16.15
C GLY C 69 -6.08 34.98 16.91
N LEU C 70 -6.16 36.24 16.47
CA LEU C 70 -5.48 37.32 17.18
C LEU C 70 -6.13 37.56 18.54
N GLY C 71 -7.44 37.36 18.65
CA GLY C 71 -8.07 37.38 19.96
C GLY C 71 -7.65 36.22 20.84
N VAL C 72 -7.32 35.09 20.23
CA VAL C 72 -6.78 33.98 20.99
C VAL C 72 -5.32 34.22 21.32
N SER C 73 -4.53 34.70 20.35
CA SER C 73 -3.11 34.93 20.58
C SER C 73 -2.89 36.13 21.50
N GLY C 74 -3.74 37.14 21.40
CA GLY C 74 -3.63 38.29 22.27
C GLY C 74 -4.09 37.98 23.68
N ALA C 75 -5.37 37.67 23.83
CA ALA C 75 -5.94 37.35 25.13
C ALA C 75 -5.63 35.90 25.46
N GLY C 76 -4.74 35.69 26.41
CA GLY C 76 -4.39 34.34 26.83
C GLY C 76 -3.19 33.74 26.13
N GLY C 77 -3.16 33.82 24.80
CA GLY C 77 -2.06 33.27 24.05
C GLY C 77 -2.17 31.77 23.85
N ALA C 78 -1.08 31.21 23.31
CA ALA C 78 -1.04 29.77 23.03
C ALA C 78 -0.96 28.95 24.30
N LEU C 79 -0.35 29.49 25.36
CA LEU C 79 -0.18 28.74 26.59
C LEU C 79 -1.46 28.62 27.39
N ALA C 80 -2.45 29.46 27.12
CA ALA C 80 -3.70 29.41 27.87
C ALA C 80 -4.55 28.21 27.47
N LEU C 81 -4.35 27.68 26.27
CA LEU C 81 -5.16 26.56 25.80
C LEU C 81 -4.61 25.22 26.24
N GLY C 82 -3.29 25.06 26.27
CA GLY C 82 -2.68 23.79 26.59
C GLY C 82 -2.52 22.92 25.37
N PRO C 83 -1.46 22.11 25.34
CA PRO C 83 -1.23 21.25 24.17
C PRO C 83 -2.26 20.14 24.01
N GLU C 84 -2.88 19.69 25.11
CA GLU C 84 -3.90 18.65 25.00
C GLU C 84 -5.21 19.18 24.44
N ARG C 85 -5.39 20.50 24.42
CA ARG C 85 -6.58 21.10 23.85
C ARG C 85 -6.31 21.78 22.51
N LEU C 86 -5.05 22.15 22.24
CA LEU C 86 -4.72 22.87 21.01
C LEU C 86 -4.94 22.01 19.77
N SER C 87 -4.68 20.70 19.88
CA SER C 87 -4.97 19.81 18.76
C SER C 87 -6.46 19.66 18.54
N ALA C 88 -7.27 19.76 19.59
CA ALA C 88 -8.71 19.74 19.43
C ALA C 88 -9.24 21.02 18.81
N PHE C 89 -8.52 22.14 18.99
CA PHE C 89 -8.96 23.39 18.41
C PHE C 89 -8.67 23.46 16.91
N VAL C 90 -7.51 22.94 16.49
CA VAL C 90 -7.11 23.02 15.09
C VAL C 90 -7.74 21.93 14.26
N PHE C 91 -8.47 21.00 14.89
CA PHE C 91 -9.03 19.86 14.16
C PHE C 91 -10.08 20.18 13.10
N PRO C 92 -11.06 21.08 13.27
CA PRO C 92 -12.01 21.32 12.17
C PRO C 92 -11.40 21.96 10.95
N GLY C 93 -10.22 22.56 11.07
CA GLY C 93 -9.47 22.96 9.90
C GLY C 93 -8.63 21.82 9.37
N GLU C 94 -8.04 21.06 10.28
CA GLU C 94 -7.21 19.92 9.89
C GLU C 94 -8.04 18.79 9.29
N LEU C 95 -9.33 18.72 9.63
CA LEU C 95 -10.20 17.75 8.99
C LEU C 95 -10.49 18.12 7.54
N LEU C 96 -10.49 19.43 7.24
CA LEU C 96 -10.73 19.87 5.86
C LEU C 96 -9.61 19.43 4.94
N LEU C 97 -8.36 19.62 5.36
CA LEU C 97 -7.21 19.25 4.55
C LEU C 97 -7.10 17.73 4.38
N ARG C 98 -7.75 16.97 5.25
CA ARG C 98 -7.67 15.52 5.16
C ARG C 98 -8.59 14.98 4.08
N LEU C 99 -9.90 15.24 4.19
CA LEU C 99 -10.86 14.60 3.28
C LEU C 99 -10.81 15.20 1.89
N LEU C 100 -10.32 16.41 1.75
CA LEU C 100 -10.14 17.04 0.45
C LEU C 100 -8.90 16.53 -0.27
N ARG C 101 -8.06 15.76 0.43
CA ARG C 101 -6.88 15.16 -0.17
C ARG C 101 -7.11 13.71 -0.57
N MET C 102 -8.12 13.04 0.00
CA MET C 102 -8.32 11.64 -0.33
C MET C 102 -8.94 11.43 -1.71
N ILE C 103 -9.47 12.48 -2.33
CA ILE C 103 -10.15 12.33 -3.61
C ILE C 103 -9.25 12.64 -4.79
N ILE C 104 -8.03 13.10 -4.55
CA ILE C 104 -7.16 13.37 -5.69
C ILE C 104 -6.58 12.10 -6.28
N LEU C 105 -6.58 11.00 -5.52
CA LEU C 105 -6.12 9.74 -6.09
C LEU C 105 -7.14 9.14 -7.07
N PRO C 106 -8.48 9.07 -6.77
CA PRO C 106 -9.38 8.59 -7.82
C PRO C 106 -9.81 9.66 -8.81
N LEU C 107 -9.11 10.79 -8.82
CA LEU C 107 -9.37 11.83 -9.81
C LEU C 107 -8.24 11.97 -10.82
N VAL C 108 -7.01 12.15 -10.34
CA VAL C 108 -5.89 12.47 -11.24
C VAL C 108 -5.56 11.28 -12.13
N VAL C 109 -5.54 10.07 -11.55
CA VAL C 109 -5.30 8.90 -12.38
C VAL C 109 -6.52 8.52 -13.20
N CYS C 110 -7.68 9.10 -12.89
CA CYS C 110 -8.91 8.80 -13.63
C CYS C 110 -9.26 9.87 -14.66
N SER C 111 -9.15 11.15 -14.30
CA SER C 111 -9.58 12.19 -15.21
C SER C 111 -8.60 12.41 -16.36
N LEU C 112 -7.34 12.05 -16.18
CA LEU C 112 -6.38 12.18 -17.28
C LEU C 112 -6.58 11.10 -18.34
N ILE C 113 -7.27 10.01 -18.01
CA ILE C 113 -7.54 8.99 -19.01
C ILE C 113 -8.55 9.49 -20.04
N GLY C 114 -9.73 9.88 -19.56
CA GLY C 114 -10.78 10.37 -20.45
C GLY C 114 -10.44 11.67 -21.14
N GLY C 115 -9.56 12.47 -20.53
CA GLY C 115 -9.04 13.63 -21.20
C GLY C 115 -8.14 13.25 -22.34
N ALA C 116 -7.05 12.55 -22.04
CA ALA C 116 -6.05 12.22 -23.06
C ALA C 116 -6.33 10.88 -23.72
N ALA C 117 -7.58 10.64 -24.08
CA ALA C 117 -7.91 9.59 -25.02
C ALA C 117 -8.96 10.01 -26.03
N SER C 118 -9.50 11.21 -25.91
CA SER C 118 -10.51 11.68 -26.87
C SER C 118 -9.85 12.09 -28.18
N LEU C 119 -8.94 13.06 -28.12
CA LEU C 119 -8.28 13.56 -29.31
C LEU C 119 -7.21 12.59 -29.80
N ASP C 120 -6.64 12.91 -30.95
CA ASP C 120 -5.63 12.08 -31.57
C ASP C 120 -4.25 12.35 -30.96
N PRO C 121 -3.36 11.36 -30.95
CA PRO C 121 -2.00 11.60 -30.45
C PRO C 121 -1.19 12.54 -31.32
N GLY C 122 -1.55 12.70 -32.60
CA GLY C 122 -0.92 13.73 -33.41
C GLY C 122 -1.34 15.13 -33.00
N ALA C 123 -2.59 15.28 -32.56
CA ALA C 123 -3.07 16.57 -32.07
C ALA C 123 -2.65 16.84 -30.64
N LEU C 124 -2.34 15.79 -29.88
CA LEU C 124 -1.88 15.98 -28.51
C LEU C 124 -0.50 16.60 -28.47
N GLY C 125 0.35 16.28 -29.45
CA GLY C 125 1.62 16.98 -29.58
C GLY C 125 1.43 18.44 -29.93
N ARG C 126 0.41 18.74 -30.72
CA ARG C 126 0.01 20.12 -30.98
C ARG C 126 -0.67 20.76 -29.78
N LEU C 127 -1.02 19.98 -28.76
CA LEU C 127 -1.52 20.49 -27.51
C LEU C 127 -0.46 20.49 -26.42
N GLY C 128 0.39 19.47 -26.39
CA GLY C 128 1.36 19.32 -25.33
C GLY C 128 2.57 20.21 -25.47
N ALA C 129 3.06 20.39 -26.69
CA ALA C 129 4.28 21.18 -26.89
C ALA C 129 4.02 22.67 -26.66
N TRP C 130 2.87 23.17 -27.08
CA TRP C 130 2.49 24.53 -26.75
C TRP C 130 2.24 24.70 -25.25
N ALA C 131 1.84 23.62 -24.57
CA ALA C 131 1.59 23.67 -23.14
C ALA C 131 2.88 23.77 -22.34
N LEU C 132 3.80 22.82 -22.54
CA LEU C 132 5.05 22.80 -21.77
C LEU C 132 5.94 23.99 -22.08
N LEU C 133 5.77 24.59 -23.27
CA LEU C 133 6.43 25.85 -23.54
C LEU C 133 5.86 26.95 -22.66
N PHE C 134 4.56 26.91 -22.38
CA PHE C 134 3.95 27.96 -21.58
C PHE C 134 4.32 27.85 -20.11
N PHE C 135 4.42 26.62 -19.60
CA PHE C 135 4.82 26.46 -18.20
C PHE C 135 6.28 26.83 -17.99
N LEU C 136 7.10 26.68 -19.02
CA LEU C 136 8.51 27.04 -18.89
C LEU C 136 8.69 28.56 -18.89
N VAL C 137 7.93 29.27 -19.72
CA VAL C 137 8.08 30.71 -19.81
C VAL C 137 7.55 31.39 -18.55
N THR C 138 6.38 30.96 -18.07
CA THR C 138 5.75 31.58 -16.91
C THR C 138 6.57 31.33 -15.63
N THR C 139 7.20 30.17 -15.52
CA THR C 139 8.06 29.90 -14.38
C THR C 139 9.35 30.71 -14.46
N LEU C 140 9.92 30.82 -15.66
CA LEU C 140 11.19 31.53 -15.81
C LEU C 140 11.00 33.04 -15.68
N LEU C 141 9.88 33.55 -16.17
CA LEU C 141 9.62 34.99 -16.07
C LEU C 141 9.33 35.38 -14.63
N ALA C 142 8.74 34.48 -13.84
CA ALA C 142 8.52 34.74 -12.43
C ALA C 142 9.83 34.77 -11.66
N SER C 143 10.76 33.87 -12.02
CA SER C 143 12.06 33.86 -11.35
C SER C 143 12.93 35.03 -11.79
N ALA C 144 12.68 35.55 -12.99
CA ALA C 144 13.39 36.75 -13.42
C ALA C 144 12.96 37.98 -12.63
N LEU C 145 11.73 37.97 -12.13
CA LEU C 145 11.28 39.04 -11.25
C LEU C 145 11.98 38.98 -9.90
N GLY C 146 12.41 37.79 -9.48
CA GLY C 146 13.04 37.65 -8.18
C GLY C 146 14.39 38.32 -8.09
N VAL C 147 15.18 38.24 -9.16
CA VAL C 147 16.43 38.98 -9.20
C VAL C 147 16.16 40.47 -9.38
N GLY C 148 15.22 40.81 -10.27
CA GLY C 148 14.95 42.19 -10.60
C GLY C 148 14.28 42.98 -9.49
N LEU C 149 13.69 42.31 -8.51
CA LEU C 149 13.07 43.01 -7.40
C LEU C 149 13.93 43.01 -6.16
N ALA C 150 14.71 41.95 -5.92
CA ALA C 150 15.57 41.92 -4.75
C ALA C 150 16.79 42.80 -4.91
N LEU C 151 17.30 42.94 -6.13
CA LEU C 151 18.46 43.81 -6.34
C LEU C 151 18.08 45.28 -6.25
N ALA C 152 16.88 45.63 -6.67
CA ALA C 152 16.41 47.01 -6.61
C ALA C 152 15.84 47.41 -5.26
N LEU C 153 15.87 46.50 -4.28
CA LEU C 153 15.32 46.80 -2.97
C LEU C 153 16.35 46.52 -1.89
N GLN C 154 17.25 45.56 -2.16
CA GLN C 154 18.33 45.11 -1.28
C GLN C 154 17.82 44.72 0.11
N PRO C 155 17.18 43.56 0.27
CA PRO C 155 16.63 43.18 1.58
C PRO C 155 17.69 42.90 2.63
N GLY C 156 18.93 42.64 2.22
CA GLY C 156 20.01 42.54 3.18
C GLY C 156 20.52 43.89 3.59
N ALA C 157 19.71 44.62 4.36
CA ALA C 157 20.00 45.99 4.73
C ALA C 157 20.40 46.07 6.20
N ALA C 158 20.94 47.23 6.58
CA ALA C 158 21.38 47.48 7.95
C ALA C 158 20.15 47.60 8.83
N SER C 159 19.81 46.50 9.50
CA SER C 159 18.58 46.41 10.27
C SER C 159 18.75 45.30 11.30
N ALA C 160 17.65 44.85 11.89
CA ALA C 160 17.68 43.67 12.73
C ALA C 160 17.77 42.37 11.94
N ALA C 161 17.56 42.44 10.62
CA ALA C 161 17.69 41.26 9.78
C ALA C 161 19.13 40.79 9.68
N ILE C 162 20.10 41.70 9.83
CA ILE C 162 21.50 41.30 9.77
C ILE C 162 21.94 40.64 11.06
N ASN C 163 21.12 40.70 12.13
CA ASN C 163 21.37 39.95 13.35
C ASN C 163 20.88 38.51 13.13
N ALA C 164 21.65 37.76 12.34
CA ALA C 164 21.36 36.36 12.09
C ALA C 164 22.12 35.43 13.01
N SER C 165 23.11 35.94 13.76
CA SER C 165 23.87 35.10 14.67
C SER C 165 23.02 34.62 15.83
N VAL C 166 22.04 35.42 16.24
CA VAL C 166 21.09 34.98 17.26
C VAL C 166 20.10 33.98 16.67
N GLY C 167 19.92 33.99 15.35
CA GLY C 167 18.98 33.08 14.73
C GLY C 167 19.59 31.82 14.18
N ALA C 168 20.91 31.83 13.95
CA ALA C 168 21.56 30.67 13.35
C ALA C 168 21.76 29.54 14.35
N ALA C 169 22.61 29.79 15.36
CA ALA C 169 22.91 28.92 16.50
C ALA C 169 23.45 27.54 16.11
N GLY C 170 23.81 27.31 14.84
CA GLY C 170 24.21 26.00 14.38
C GLY C 170 23.12 24.95 14.44
N SER C 171 21.86 25.36 14.43
CA SER C 171 20.76 24.43 14.70
C SER C 171 20.41 23.62 13.47
N ALA C 172 20.05 24.29 12.37
CA ALA C 172 19.59 23.62 11.16
C ALA C 172 20.74 23.17 10.26
N GLU C 173 21.98 23.19 10.76
CA GLU C 173 23.09 22.61 10.03
C GLU C 173 22.97 21.10 9.95
N ASN C 174 22.38 20.47 10.97
CA ASN C 174 22.11 19.03 10.97
C ASN C 174 20.94 18.76 10.03
N ALA C 175 21.26 18.68 8.74
CA ALA C 175 20.31 18.48 7.66
C ALA C 175 20.85 17.40 6.74
N PRO C 176 19.97 16.66 6.03
CA PRO C 176 20.45 15.69 5.04
C PRO C 176 21.20 16.34 3.89
N SER C 177 20.53 17.26 3.18
CA SER C 177 21.10 18.11 2.13
C SER C 177 21.75 17.27 1.03
N LYS C 178 20.91 16.52 0.32
CA LYS C 178 21.37 15.67 -0.76
C LYS C 178 21.96 16.50 -1.91
N GLU C 179 22.84 15.87 -2.66
CA GLU C 179 23.61 16.59 -3.68
C GLU C 179 22.74 16.93 -4.89
N VAL C 180 23.23 17.90 -5.66
CA VAL C 180 22.44 18.42 -6.78
C VAL C 180 22.40 17.41 -7.92
N LEU C 181 23.41 16.55 -8.04
CA LEU C 181 23.37 15.53 -9.08
C LEU C 181 22.42 14.41 -8.70
N ASP C 182 22.24 14.17 -7.39
CA ASP C 182 21.44 13.03 -6.98
C ASP C 182 19.95 13.36 -7.01
N SER C 183 19.58 14.57 -6.58
CA SER C 183 18.17 14.95 -6.56
C SER C 183 17.62 15.13 -7.97
N PHE C 184 18.45 15.63 -8.89
CA PHE C 184 18.06 15.67 -10.30
C PHE C 184 17.95 14.27 -10.88
N LEU C 185 18.77 13.36 -10.38
CA LEU C 185 18.65 11.97 -10.79
C LEU C 185 17.46 11.31 -10.11
N ASP C 186 17.10 11.79 -8.92
CA ASP C 186 15.99 11.21 -8.17
C ASP C 186 14.65 11.55 -8.80
N LEU C 187 14.55 12.71 -9.44
CA LEU C 187 13.28 13.12 -10.05
C LEU C 187 12.97 12.29 -11.28
N ALA C 188 14.01 11.92 -12.05
CA ALA C 188 13.79 11.05 -13.20
C ALA C 188 13.43 9.63 -12.76
N ARG C 189 13.89 9.20 -11.59
CA ARG C 189 13.53 7.90 -11.06
C ARG C 189 12.18 7.95 -10.38
N ASN C 190 11.74 9.11 -9.93
CA ASN C 190 10.40 9.23 -9.36
C ASN C 190 9.35 9.19 -10.45
N ILE C 191 9.63 9.78 -11.61
CA ILE C 191 8.90 9.48 -12.82
C ILE C 191 9.18 8.02 -13.18
N PHE C 192 8.18 7.34 -13.80
CA PHE C 192 8.16 5.91 -14.08
C PHE C 192 8.35 5.12 -12.79
N PRO C 193 7.31 5.02 -11.95
CA PRO C 193 7.48 4.47 -10.61
C PRO C 193 7.81 2.98 -10.62
N SER C 194 8.26 2.51 -9.46
CA SER C 194 8.63 1.10 -9.31
C SER C 194 7.41 0.20 -9.35
N ASN C 195 6.48 0.43 -8.43
CA ASN C 195 5.25 -0.35 -8.37
C ASN C 195 4.07 0.60 -8.43
N LEU C 196 2.99 0.16 -9.10
CA LEU C 196 1.89 1.05 -9.39
C LEU C 196 1.03 1.31 -8.16
N VAL C 197 0.80 0.29 -7.34
CA VAL C 197 0.06 0.49 -6.10
C VAL C 197 0.91 1.26 -5.10
N SER C 198 2.21 0.98 -5.06
CA SER C 198 3.09 1.62 -4.08
C SER C 198 3.30 3.09 -4.37
N ALA C 199 3.01 3.56 -5.58
CA ALA C 199 3.16 4.96 -5.93
C ALA C 199 1.92 5.77 -5.61
N ALA C 200 0.93 5.16 -4.97
CA ALA C 200 -0.26 5.89 -4.58
C ALA C 200 -0.13 6.55 -3.22
N PHE C 201 0.80 6.09 -2.39
CA PHE C 201 1.01 6.68 -1.09
C PHE C 201 2.48 6.86 -0.74
N ARG C 202 3.40 6.28 -1.49
CA ARG C 202 4.79 6.18 -1.07
C ARG C 202 5.68 6.57 -2.24
N SER C 203 6.31 7.74 -2.14
CA SER C 203 7.17 8.24 -3.19
C SER C 203 8.56 7.61 -3.08
N TYR C 204 9.53 8.14 -3.81
CA TYR C 204 10.90 7.67 -3.75
C TYR C 204 11.82 8.85 -3.45
N SER C 205 12.85 8.60 -2.66
CA SER C 205 13.87 9.60 -2.35
C SER C 205 15.18 8.87 -2.15
N THR C 206 16.16 9.56 -1.55
CA THR C 206 17.46 8.96 -1.31
C THR C 206 18.11 9.57 -0.07
N THR C 207 18.92 8.77 0.60
CA THR C 207 19.66 9.16 1.79
C THR C 207 21.14 8.83 1.58
N TYR C 208 21.92 8.89 2.65
CA TYR C 208 23.34 8.59 2.58
C TYR C 208 23.78 7.79 3.79
N GLU C 209 24.70 6.85 3.55
CA GLU C 209 25.30 6.04 4.59
C GLU C 209 26.83 6.10 4.44
N GLU C 210 27.52 5.51 5.40
CA GLU C 210 28.98 5.52 5.44
C GLU C 210 29.52 4.13 5.79
N ARG C 211 29.06 3.11 5.07
CA ARG C 211 29.44 1.73 5.36
C ARG C 211 30.80 1.35 4.75
N ASN C 212 31.81 2.20 4.96
CA ASN C 212 32.98 2.24 4.10
C ASN C 212 34.26 2.08 4.90
N ILE C 213 34.33 1.02 5.71
CA ILE C 213 35.55 0.74 6.45
C ILE C 213 36.52 0.09 5.47
N THR C 214 37.27 0.92 4.75
CA THR C 214 38.30 0.46 3.83
C THR C 214 39.48 1.43 3.90
N GLY C 215 39.39 2.44 4.76
CA GLY C 215 40.26 3.59 4.68
C GLY C 215 39.63 4.63 3.78
N THR C 216 39.69 5.90 4.18
CA THR C 216 39.04 7.03 3.52
C THR C 216 37.53 6.79 3.37
N ARG C 217 36.87 6.81 4.53
CA ARG C 217 35.42 6.62 4.63
C ARG C 217 34.65 7.64 3.79
N VAL C 218 33.92 7.14 2.80
CA VAL C 218 33.15 8.00 1.90
C VAL C 218 31.67 7.79 2.12
N LYS C 219 30.84 8.55 1.42
CA LYS C 219 29.40 8.42 1.51
C LYS C 219 28.88 7.53 0.39
N VAL C 220 27.77 6.85 0.66
CA VAL C 220 27.17 5.96 -0.33
C VAL C 220 25.68 6.25 -0.43
N PRO C 221 25.13 6.39 -1.63
CA PRO C 221 23.70 6.64 -1.78
C PRO C 221 22.88 5.36 -1.62
N VAL C 222 21.68 5.54 -1.07
CA VAL C 222 20.75 4.44 -0.89
C VAL C 222 19.34 5.02 -0.86
N GLY C 223 18.40 4.31 -1.49
CA GLY C 223 17.01 4.74 -1.57
C GLY C 223 16.12 3.80 -0.77
N GLN C 224 15.08 4.37 -0.16
CA GLN C 224 14.28 3.60 0.77
C GLN C 224 12.78 3.84 0.70
N GLU C 225 12.29 4.66 -0.22
CA GLU C 225 10.86 4.91 -0.47
C GLU C 225 10.15 5.46 0.78
N VAL C 226 10.48 6.71 1.10
CA VAL C 226 9.89 7.39 2.25
C VAL C 226 8.41 7.69 2.02
N GLU C 227 7.72 8.09 3.09
CA GLU C 227 6.30 8.38 3.04
C GLU C 227 6.02 9.63 2.22
N GLY C 228 4.93 9.60 1.46
CA GLY C 228 4.52 10.74 0.66
C GLY C 228 3.89 10.33 -0.66
N MET C 229 2.79 10.98 -1.04
CA MET C 229 2.07 10.59 -2.24
C MET C 229 2.81 11.05 -3.49
N ASN C 230 2.96 10.15 -4.45
CA ASN C 230 3.64 10.44 -5.71
C ASN C 230 2.59 10.92 -6.69
N ILE C 231 2.41 12.24 -6.76
CA ILE C 231 1.47 12.80 -7.74
C ILE C 231 2.07 12.72 -9.13
N LEU C 232 3.35 13.09 -9.27
CA LEU C 232 3.99 13.16 -10.58
C LEU C 232 4.19 11.77 -11.19
N GLY C 233 4.37 10.74 -10.36
CA GLY C 233 4.54 9.39 -10.87
C GLY C 233 3.30 8.80 -11.50
N LEU C 234 2.12 9.29 -11.11
CA LEU C 234 0.89 8.78 -11.67
C LEU C 234 0.35 9.63 -12.82
N VAL C 235 0.78 10.89 -12.92
CA VAL C 235 0.40 11.71 -14.06
C VAL C 235 1.03 11.17 -15.33
N VAL C 236 2.31 10.82 -15.27
CA VAL C 236 3.00 10.29 -16.44
C VAL C 236 2.53 8.89 -16.78
N PHE C 237 1.92 8.18 -15.83
CA PHE C 237 1.39 6.86 -16.16
C PHE C 237 0.06 6.97 -16.88
N ALA C 238 -0.82 7.86 -16.42
CA ALA C 238 -2.16 7.94 -16.99
C ALA C 238 -2.15 8.55 -18.38
N ILE C 239 -1.19 9.41 -18.68
CA ILE C 239 -1.10 9.97 -20.03
C ILE C 239 -0.66 8.91 -21.02
N VAL C 240 0.35 8.12 -20.65
CA VAL C 240 0.81 7.03 -21.51
C VAL C 240 -0.26 5.96 -21.63
N PHE C 241 -0.97 5.69 -20.53
CA PHE C 241 -2.06 4.71 -20.59
C PHE C 241 -3.25 5.24 -21.35
N GLY C 242 -3.43 6.56 -21.38
CA GLY C 242 -4.54 7.13 -22.13
C GLY C 242 -4.32 7.08 -23.63
N VAL C 243 -3.07 7.19 -24.08
CA VAL C 243 -2.77 7.11 -25.50
C VAL C 243 -3.00 5.70 -26.02
N ALA C 244 -2.72 4.69 -25.19
CA ALA C 244 -2.84 3.30 -25.62
C ALA C 244 -4.28 2.89 -25.85
N LEU C 245 -5.23 3.55 -25.20
CA LEU C 245 -6.63 3.28 -25.49
C LEU C 245 -7.04 3.88 -26.84
N ARG C 246 -6.39 4.97 -27.25
CA ARG C 246 -6.69 5.58 -28.54
C ARG C 246 -6.17 4.73 -29.68
N LYS C 247 -5.03 4.04 -29.48
CA LYS C 247 -4.53 3.13 -30.50
C LYS C 247 -5.41 1.91 -30.65
N LEU C 248 -6.08 1.50 -29.57
CA LEU C 248 -7.06 0.44 -29.68
C LEU C 248 -8.31 0.95 -30.40
N GLY C 249 -9.04 0.03 -31.01
CA GLY C 249 -10.23 0.38 -31.73
C GLY C 249 -11.44 0.44 -30.83
N PRO C 250 -12.50 -0.28 -31.18
CA PRO C 250 -13.70 -0.30 -30.34
C PRO C 250 -13.58 -1.17 -29.09
N GLU C 251 -12.46 -1.86 -28.90
CA GLU C 251 -12.27 -2.62 -27.68
C GLU C 251 -12.07 -1.71 -26.48
N GLY C 252 -11.45 -0.55 -26.69
CA GLY C 252 -11.30 0.43 -25.64
C GLY C 252 -12.50 1.30 -25.40
N GLU C 253 -13.55 1.15 -26.21
CA GLU C 253 -14.76 1.96 -26.06
C GLU C 253 -15.50 1.64 -24.77
N LEU C 254 -15.47 0.38 -24.35
CA LEU C 254 -16.00 0.02 -23.04
C LEU C 254 -15.16 0.62 -21.92
N LEU C 255 -13.84 0.62 -22.10
CA LEU C 255 -12.95 1.03 -21.02
C LEU C 255 -12.95 2.53 -20.83
N ILE C 256 -13.08 3.29 -21.92
CA ILE C 256 -13.03 4.75 -21.81
C ILE C 256 -14.31 5.29 -21.18
N ARG C 257 -15.44 4.61 -21.40
CA ARG C 257 -16.69 5.05 -20.79
C ARG C 257 -16.75 4.67 -19.33
N PHE C 258 -15.97 3.66 -18.92
CA PHE C 258 -15.83 3.33 -17.51
C PHE C 258 -15.15 4.46 -16.75
N PHE C 259 -13.97 4.87 -17.23
CA PHE C 259 -13.24 5.95 -16.59
C PHE C 259 -13.88 7.31 -16.82
N ASN C 260 -14.75 7.44 -17.82
CA ASN C 260 -15.49 8.69 -17.96
C ASN C 260 -16.56 8.81 -16.88
N SER C 261 -17.23 7.70 -16.57
CA SER C 261 -18.26 7.72 -15.55
C SER C 261 -17.65 7.82 -14.15
N PHE C 262 -16.53 7.13 -13.92
CA PHE C 262 -15.89 7.17 -12.61
C PHE C 262 -15.26 8.52 -12.35
N ASN C 263 -14.94 9.27 -13.41
CA ASN C 263 -14.52 10.66 -13.26
C ASN C 263 -15.68 11.52 -12.78
N GLU C 264 -16.87 11.30 -13.35
CA GLU C 264 -18.00 12.19 -13.10
C GLU C 264 -18.56 12.00 -11.70
N ALA C 265 -18.47 10.79 -11.14
CA ALA C 265 -18.97 10.56 -9.80
C ALA C 265 -18.12 11.25 -8.75
N THR C 266 -16.82 11.39 -8.99
CA THR C 266 -15.98 12.14 -8.07
C THR C 266 -16.29 13.63 -8.14
N MET C 267 -16.63 14.13 -9.33
CA MET C 267 -16.96 15.54 -9.50
C MET C 267 -18.27 15.91 -8.80
N VAL C 268 -19.16 14.96 -8.59
CA VAL C 268 -20.30 15.18 -7.72
C VAL C 268 -19.82 15.32 -6.27
N LEU C 269 -18.89 14.45 -5.87
CA LEU C 269 -18.48 14.40 -4.47
C LEU C 269 -17.61 15.58 -4.08
N VAL C 270 -16.94 16.22 -5.04
CA VAL C 270 -16.13 17.39 -4.70
C VAL C 270 -17.02 18.62 -4.47
N SER C 271 -18.25 18.60 -4.99
CA SER C 271 -19.17 19.72 -4.79
C SER C 271 -19.63 19.80 -3.34
N TRP C 272 -19.72 18.66 -2.66
CA TRP C 272 -20.21 18.67 -1.28
C TRP C 272 -19.12 19.11 -0.32
N ILE C 273 -17.86 18.82 -0.64
CA ILE C 273 -16.76 19.27 0.19
C ILE C 273 -16.56 20.77 0.03
N MET C 274 -16.95 21.31 -1.13
CA MET C 274 -16.84 22.75 -1.41
C MET C 274 -17.71 23.57 -0.47
N TRP C 275 -18.86 23.05 -0.06
CA TRP C 275 -19.68 23.75 0.92
C TRP C 275 -19.05 23.74 2.30
N TYR C 276 -18.31 22.68 2.64
CA TYR C 276 -17.62 22.64 3.92
C TYR C 276 -16.41 23.56 3.94
N ALA C 277 -15.90 23.93 2.77
CA ALA C 277 -14.65 24.69 2.69
C ALA C 277 -14.66 26.07 3.36
N PRO C 278 -15.74 26.87 3.37
CA PRO C 278 -15.69 28.09 4.19
C PRO C 278 -15.63 27.84 5.69
N VAL C 279 -16.02 26.67 6.17
CA VAL C 279 -15.92 26.41 7.60
C VAL C 279 -14.48 26.08 7.96
N GLY C 280 -13.77 25.34 7.12
CA GLY C 280 -12.45 24.86 7.48
C GLY C 280 -11.38 25.93 7.42
N ILE C 281 -11.45 26.80 6.40
CA ILE C 281 -10.44 27.85 6.19
C ILE C 281 -10.45 28.84 7.36
N MET C 282 -11.60 29.00 8.02
CA MET C 282 -11.69 29.76 9.26
C MET C 282 -10.80 29.16 10.35
N PHE C 283 -10.60 27.84 10.35
CA PHE C 283 -9.76 27.21 11.34
C PHE C 283 -8.35 26.89 10.86
N LEU C 284 -8.09 26.96 9.55
CA LEU C 284 -6.71 26.85 9.08
C LEU C 284 -5.89 28.05 9.52
N VAL C 285 -6.40 29.25 9.26
CA VAL C 285 -5.65 30.47 9.55
C VAL C 285 -5.60 30.70 11.05
N ALA C 286 -6.70 30.46 11.75
CA ALA C 286 -6.77 30.64 13.19
C ALA C 286 -6.14 29.50 13.97
N GLY C 287 -5.51 28.54 13.31
CA GLY C 287 -4.75 27.53 14.01
C GLY C 287 -3.27 27.78 13.84
N LYS C 288 -2.87 28.20 12.63
CA LYS C 288 -1.46 28.48 12.37
C LYS C 288 -1.00 29.74 13.08
N ILE C 289 -1.90 30.72 13.25
CA ILE C 289 -1.54 31.98 13.87
C ILE C 289 -1.33 31.86 15.37
N VAL C 290 -1.74 30.75 15.98
CA VAL C 290 -1.59 30.53 17.41
C VAL C 290 -0.14 30.12 17.67
N GLU C 291 0.50 29.56 16.66
CA GLU C 291 1.86 29.03 16.79
C GLU C 291 2.89 30.14 16.96
N MET C 292 3.02 31.02 15.97
CA MET C 292 3.98 32.10 16.03
C MET C 292 3.28 33.41 16.39
N GLU C 293 4.06 34.49 16.47
CA GLU C 293 3.54 35.80 16.78
C GLU C 293 4.27 36.86 15.97
N ASP C 294 3.51 37.78 15.40
CA ASP C 294 4.06 38.86 14.57
C ASP C 294 3.35 40.18 14.88
N VAL C 295 3.15 40.45 16.16
CA VAL C 295 2.51 41.68 16.61
C VAL C 295 3.57 42.77 16.85
N GLY C 296 4.77 42.59 16.30
CA GLY C 296 5.87 43.47 16.58
C GLY C 296 7.20 42.75 16.69
N LEU C 297 7.19 41.43 16.51
CA LEU C 297 8.39 40.63 16.66
C LEU C 297 8.93 40.13 15.33
N LEU C 298 8.13 39.42 14.55
CA LEU C 298 8.62 38.90 13.27
C LEU C 298 8.69 39.98 12.19
N PHE C 299 7.75 40.93 12.21
CA PHE C 299 7.81 42.02 11.25
C PHE C 299 8.93 43.01 11.56
N ALA C 300 9.43 43.02 12.79
CA ALA C 300 10.50 43.93 13.15
C ALA C 300 11.84 43.48 12.59
N ARG C 301 12.14 42.18 12.68
CA ARG C 301 13.45 41.69 12.30
C ARG C 301 13.64 41.67 10.79
N LEU C 302 12.83 40.89 10.09
CA LEU C 302 13.03 40.66 8.66
C LEU C 302 11.79 41.04 7.85
N GLY C 303 11.04 42.03 8.33
CA GLY C 303 9.85 42.49 7.62
C GLY C 303 10.11 43.13 6.28
N LYS C 304 11.35 43.59 6.04
CA LYS C 304 11.71 44.07 4.71
C LYS C 304 11.75 42.91 3.73
N TYR C 305 12.23 41.74 4.17
CA TYR C 305 12.23 40.55 3.34
C TYR C 305 10.82 40.05 3.05
N ILE C 306 9.93 40.13 4.05
CA ILE C 306 8.56 39.67 3.86
C ILE C 306 7.84 40.57 2.87
N LEU C 307 8.05 41.88 2.97
CA LEU C 307 7.48 42.81 2.00
C LEU C 307 8.15 42.66 0.64
N CYS C 308 9.39 42.16 0.61
CA CYS C 308 10.05 41.94 -0.68
C CYS C 308 9.43 40.78 -1.43
N CYS C 309 9.07 39.71 -0.73
CA CYS C 309 8.58 38.52 -1.43
C CYS C 309 7.08 38.55 -1.66
N LEU C 310 6.33 39.19 -0.77
CA LEU C 310 4.89 39.39 -1.02
C LEU C 310 4.67 40.31 -2.20
N LEU C 311 5.55 41.31 -2.38
CA LEU C 311 5.46 42.17 -3.55
C LEU C 311 5.85 41.42 -4.82
N GLY C 312 6.74 40.43 -4.68
CA GLY C 312 7.04 39.56 -5.82
C GLY C 312 5.85 38.74 -6.24
N HIS C 313 5.00 38.35 -5.30
CA HIS C 313 3.72 37.74 -5.62
C HIS C 313 2.67 38.76 -6.03
N ALA C 314 2.93 40.05 -5.84
CA ALA C 314 1.94 41.06 -6.18
C ALA C 314 2.00 41.41 -7.66
N ILE C 315 3.19 41.70 -8.19
CA ILE C 315 3.31 42.04 -9.61
C ILE C 315 3.04 40.83 -10.47
N HIS C 316 3.69 39.72 -10.18
CA HIS C 316 3.45 38.50 -10.95
C HIS C 316 2.13 37.90 -10.53
N GLY C 317 1.30 37.55 -11.52
CA GLY C 317 0.03 36.90 -11.26
C GLY C 317 -1.10 37.83 -10.89
N LEU C 318 -0.87 39.13 -10.82
CA LEU C 318 -1.95 40.10 -10.69
C LEU C 318 -1.80 41.26 -11.66
N LEU C 319 -0.60 41.52 -12.15
CA LEU C 319 -0.34 42.50 -13.19
C LEU C 319 0.28 41.88 -14.43
N VAL C 320 1.08 40.83 -14.28
CA VAL C 320 1.75 40.22 -15.42
C VAL C 320 0.84 39.22 -16.12
N LEU C 321 0.33 38.25 -15.36
CA LEU C 321 -0.56 37.24 -15.94
C LEU C 321 -1.87 37.77 -16.49
N PRO C 322 -2.54 38.81 -15.94
CA PRO C 322 -3.60 39.45 -16.71
C PRO C 322 -3.12 40.10 -17.99
N LEU C 323 -1.89 40.63 -18.00
CA LEU C 323 -1.37 41.26 -19.22
C LEU C 323 -1.04 40.21 -20.27
N ILE C 324 -0.58 39.03 -19.85
CA ILE C 324 -0.32 37.96 -20.81
C ILE C 324 -1.64 37.40 -21.33
N TYR C 325 -2.64 37.27 -20.46
CA TYR C 325 -3.92 36.71 -20.86
C TYR C 325 -4.67 37.66 -21.79
N PHE C 326 -4.55 38.97 -21.57
CA PHE C 326 -5.18 39.92 -22.47
C PHE C 326 -4.45 40.02 -23.80
N LEU C 327 -3.15 39.72 -23.81
CA LEU C 327 -2.39 39.83 -25.05
C LEU C 327 -2.68 38.69 -26.01
N PHE C 328 -3.21 37.56 -25.52
CA PHE C 328 -3.56 36.45 -26.37
C PHE C 328 -5.06 36.26 -26.56
N THR C 329 -5.89 36.82 -25.69
CA THR C 329 -7.34 36.65 -25.80
C THR C 329 -8.08 37.92 -26.11
N ARG C 330 -7.56 39.08 -25.69
CA ARG C 330 -8.22 40.38 -25.76
C ARG C 330 -9.58 40.34 -25.09
N LYS C 331 -9.63 39.67 -23.94
CA LYS C 331 -10.83 39.53 -23.14
C LYS C 331 -10.51 39.99 -21.72
N ASN C 332 -11.56 40.23 -20.94
CA ASN C 332 -11.40 40.72 -19.58
C ASN C 332 -10.84 39.65 -18.67
N PRO C 333 -9.63 39.81 -18.12
CA PRO C 333 -9.04 38.73 -17.32
C PRO C 333 -9.64 38.67 -15.92
N TYR C 334 -10.15 39.81 -15.42
CA TYR C 334 -10.64 39.86 -14.06
C TYR C 334 -12.04 39.26 -13.94
N ARG C 335 -12.82 39.29 -15.01
CA ARG C 335 -14.06 38.53 -15.03
C ARG C 335 -13.77 37.04 -15.05
N PHE C 336 -12.68 36.64 -15.71
CA PHE C 336 -12.22 35.26 -15.59
C PHE C 336 -11.66 35.00 -14.19
N LEU C 337 -11.01 36.00 -13.60
CA LEU C 337 -10.38 35.81 -12.30
C LEU C 337 -11.39 35.82 -11.18
N TRP C 338 -12.51 36.54 -11.35
CA TRP C 338 -13.54 36.56 -10.31
C TRP C 338 -14.30 35.24 -10.26
N GLY C 339 -14.38 34.52 -11.38
CA GLY C 339 -15.00 33.21 -11.39
C GLY C 339 -14.21 32.16 -10.64
N ILE C 340 -12.92 32.39 -10.40
CA ILE C 340 -12.08 31.51 -9.62
C ILE C 340 -11.54 32.33 -8.44
N VAL C 341 -12.30 32.37 -7.36
CA VAL C 341 -11.81 32.98 -6.12
C VAL C 341 -11.99 32.07 -4.92
N THR C 342 -12.90 31.11 -4.96
CA THR C 342 -12.98 30.09 -3.92
C THR C 342 -11.77 29.15 -3.91
N PRO C 343 -11.22 28.65 -5.04
CA PRO C 343 -9.99 27.85 -4.90
C PRO C 343 -8.78 28.66 -4.52
N LEU C 344 -8.67 29.89 -5.01
CA LEU C 344 -7.49 30.71 -4.73
C LEU C 344 -7.44 31.12 -3.26
N ALA C 345 -8.59 31.35 -2.65
CA ALA C 345 -8.59 31.60 -1.21
C ALA C 345 -8.40 30.30 -0.43
N THR C 346 -8.76 29.16 -1.03
CA THR C 346 -8.54 27.89 -0.35
C THR C 346 -7.07 27.52 -0.35
N ALA C 347 -6.35 27.88 -1.43
CA ALA C 347 -4.91 27.66 -1.49
C ALA C 347 -4.17 28.52 -0.47
N PHE C 348 -4.73 29.67 -0.12
CA PHE C 348 -4.15 30.46 0.96
C PHE C 348 -4.38 29.79 2.32
N GLY C 349 -5.46 29.03 2.45
CA GLY C 349 -5.74 28.36 3.71
C GLY C 349 -5.04 27.02 3.82
N THR C 350 -5.17 26.18 2.79
CA THR C 350 -4.60 24.84 2.86
C THR C 350 -3.09 24.87 2.72
N SER C 351 -2.55 25.90 2.04
CA SER C 351 -1.12 26.06 1.77
C SER C 351 -0.54 24.84 1.06
N SER C 352 -1.26 24.35 0.05
CA SER C 352 -0.83 23.19 -0.71
C SER C 352 -1.46 23.24 -2.09
N SER C 353 -0.62 23.23 -3.13
CA SER C 353 -1.13 23.23 -4.49
C SER C 353 -1.82 21.93 -4.83
N SER C 354 -1.27 20.81 -4.37
CA SER C 354 -1.87 19.50 -4.63
C SER C 354 -3.16 19.27 -3.85
N ALA C 355 -3.41 20.07 -2.81
CA ALA C 355 -4.69 19.97 -2.11
C ALA C 355 -5.82 20.51 -2.98
N THR C 356 -5.73 21.78 -3.40
CA THR C 356 -6.81 22.48 -4.06
C THR C 356 -6.96 22.13 -5.53
N LEU C 357 -6.35 21.04 -5.99
CA LEU C 357 -6.48 20.61 -7.39
C LEU C 357 -7.90 20.22 -7.80
N PRO C 358 -8.68 19.41 -7.05
CA PRO C 358 -10.06 19.15 -7.50
C PRO C 358 -10.99 20.33 -7.31
N LEU C 359 -10.67 21.24 -6.39
CA LEU C 359 -11.58 22.35 -6.16
C LEU C 359 -11.53 23.36 -7.30
N MET C 360 -10.36 23.52 -7.93
CA MET C 360 -10.29 24.41 -9.08
C MET C 360 -10.91 23.77 -10.32
N MET C 361 -10.80 22.45 -10.44
CA MET C 361 -11.37 21.74 -11.59
C MET C 361 -12.89 21.80 -11.63
N LYS C 362 -13.54 22.04 -10.49
CA LYS C 362 -14.97 22.28 -10.51
C LYS C 362 -15.28 23.71 -10.94
N CYS C 363 -14.54 24.69 -10.41
CA CYS C 363 -14.88 26.08 -10.63
C CYS C 363 -14.55 26.54 -12.05
N VAL C 364 -13.54 25.95 -12.68
CA VAL C 364 -13.15 26.40 -14.01
C VAL C 364 -14.15 25.93 -15.05
N GLU C 365 -14.56 24.66 -14.99
CA GLU C 365 -15.45 24.13 -16.01
C GLU C 365 -16.89 24.58 -15.81
N GLU C 366 -17.26 25.05 -14.63
CA GLU C 366 -18.63 25.49 -14.36
C GLU C 366 -18.80 27.00 -14.55
N ASN C 367 -18.03 27.80 -13.81
CA ASN C 367 -18.23 29.24 -13.82
C ASN C 367 -17.75 29.86 -15.12
N ASN C 368 -16.47 29.68 -15.42
CA ASN C 368 -15.91 30.26 -16.63
C ASN C 368 -16.19 29.37 -17.83
N GLY C 369 -16.26 29.99 -19.01
CA GLY C 369 -16.61 29.27 -20.21
C GLY C 369 -15.45 28.55 -20.86
N VAL C 370 -15.05 27.41 -20.30
CA VAL C 370 -14.02 26.58 -20.90
C VAL C 370 -14.65 25.28 -21.39
N ALA C 371 -13.86 24.50 -22.12
CA ALA C 371 -14.35 23.22 -22.60
C ALA C 371 -14.28 22.17 -21.50
N LYS C 372 -15.04 21.10 -21.69
CA LYS C 372 -15.17 20.09 -20.65
C LYS C 372 -13.94 19.20 -20.59
N HIS C 373 -13.49 18.70 -21.74
CA HIS C 373 -12.42 17.71 -21.72
C HIS C 373 -11.05 18.35 -21.55
N ILE C 374 -10.82 19.53 -22.14
CA ILE C 374 -9.48 20.08 -22.13
C ILE C 374 -9.17 20.76 -20.80
N SER C 375 -10.19 21.13 -20.02
CA SER C 375 -9.95 21.71 -18.71
C SER C 375 -9.49 20.64 -17.73
N ARG C 376 -9.92 19.40 -17.93
CA ARG C 376 -9.55 18.31 -17.05
C ARG C 376 -8.26 17.62 -17.48
N PHE C 377 -7.51 18.20 -18.40
CA PHE C 377 -6.20 17.68 -18.78
C PHE C 377 -5.08 18.64 -18.42
N ILE C 378 -5.15 19.89 -18.88
CA ILE C 378 -4.06 20.83 -18.69
C ILE C 378 -3.96 21.29 -17.24
N LEU C 379 -5.05 21.27 -16.50
CA LEU C 379 -5.02 21.73 -15.13
C LEU C 379 -4.45 20.68 -14.15
N PRO C 380 -4.75 19.36 -14.26
CA PRO C 380 -4.05 18.42 -13.37
C PRO C 380 -2.57 18.25 -13.68
N ILE C 381 -2.15 18.35 -14.93
CA ILE C 381 -0.73 18.25 -15.23
C ILE C 381 -0.01 19.52 -14.76
N GLY C 382 -0.74 20.63 -14.66
CA GLY C 382 -0.20 21.85 -14.12
C GLY C 382 -0.13 21.90 -12.62
N ALA C 383 -0.52 20.84 -11.92
CA ALA C 383 -0.46 20.86 -10.47
C ALA C 383 0.98 20.76 -9.97
N THR C 384 1.80 19.97 -10.65
CA THR C 384 3.16 19.69 -10.20
C THR C 384 4.18 19.97 -11.28
N VAL C 385 3.99 21.02 -12.07
CA VAL C 385 4.98 21.35 -13.08
C VAL C 385 5.35 22.84 -13.10
N ASN C 386 4.58 23.74 -12.50
CA ASN C 386 4.82 25.17 -12.67
C ASN C 386 4.88 25.88 -11.33
N MET C 387 5.69 25.38 -10.40
CA MET C 387 5.84 26.05 -9.12
C MET C 387 6.61 27.37 -9.26
N ASP C 388 5.99 28.35 -9.89
CA ASP C 388 6.64 29.63 -10.17
C ASP C 388 6.69 30.50 -8.93
N GLY C 389 5.75 30.31 -8.00
CA GLY C 389 5.89 30.91 -6.69
C GLY C 389 7.12 30.40 -5.97
N ALA C 390 7.36 29.09 -6.04
CA ALA C 390 8.61 28.52 -5.53
C ALA C 390 9.80 29.00 -6.34
N ALA C 391 9.62 29.23 -7.64
CA ALA C 391 10.67 29.86 -8.42
C ALA C 391 10.81 31.33 -8.10
N LEU C 392 9.80 31.94 -7.47
CA LEU C 392 9.92 33.29 -6.95
C LEU C 392 10.34 33.30 -5.50
N PHE C 393 9.99 32.25 -4.75
CA PHE C 393 10.40 32.17 -3.35
C PHE C 393 11.87 31.79 -3.23
N GLN C 394 12.29 30.73 -3.91
CA GLN C 394 13.67 30.27 -3.81
C GLN C 394 14.65 31.16 -4.56
N CYS C 395 14.16 32.06 -5.42
CA CYS C 395 15.06 33.01 -6.06
C CYS C 395 15.41 34.16 -5.11
N VAL C 396 14.41 34.74 -4.47
CA VAL C 396 14.64 35.89 -3.59
C VAL C 396 15.40 35.47 -2.34
N ALA C 397 15.04 34.32 -1.77
CA ALA C 397 15.69 33.82 -0.57
C ALA C 397 17.14 33.43 -0.81
N ALA C 398 17.51 33.13 -2.05
CA ALA C 398 18.90 32.87 -2.38
C ALA C 398 19.66 34.13 -2.73
N VAL C 399 18.97 35.26 -2.87
CA VAL C 399 19.64 36.55 -3.03
C VAL C 399 19.71 37.19 -1.65
N PHE C 400 18.71 36.89 -0.81
CA PHE C 400 18.59 37.49 0.51
C PHE C 400 19.77 37.17 1.40
N ILE C 401 20.20 35.90 1.41
CA ILE C 401 21.36 35.54 2.20
C ILE C 401 22.64 35.99 1.54
N ALA C 402 22.61 36.35 0.26
CA ALA C 402 23.78 36.86 -0.43
C ALA C 402 23.81 38.39 -0.49
N GLN C 403 22.66 39.05 -0.30
CA GLN C 403 22.68 40.49 -0.05
C GLN C 403 23.40 40.78 1.25
N LEU C 404 23.19 39.95 2.26
CA LEU C 404 24.03 39.98 3.43
C LEU C 404 25.27 39.12 3.20
N SER C 405 26.19 39.18 4.17
CA SER C 405 27.43 38.40 4.23
C SER C 405 28.36 38.65 3.04
N GLN C 406 28.16 39.75 2.32
CA GLN C 406 29.12 40.34 1.37
C GLN C 406 29.48 39.37 0.24
N GLN C 407 28.49 39.03 -0.58
CA GLN C 407 28.73 38.15 -1.72
C GLN C 407 28.40 38.87 -3.02
N SER C 408 29.12 38.51 -4.08
CA SER C 408 29.13 39.33 -5.30
C SER C 408 27.93 39.06 -6.20
N LEU C 409 27.85 37.85 -6.75
CA LEU C 409 26.90 37.44 -7.80
C LEU C 409 26.78 38.47 -8.93
N ASP C 410 27.88 38.65 -9.64
CA ASP C 410 27.94 39.75 -10.62
C ASP C 410 27.13 39.43 -11.87
N PHE C 411 27.56 38.45 -12.67
CA PHE C 411 26.75 38.02 -13.80
C PHE C 411 26.73 36.51 -14.01
N VAL C 412 27.76 35.78 -13.61
CA VAL C 412 27.84 34.37 -13.95
C VAL C 412 26.95 33.55 -13.05
N LYS C 413 26.89 33.90 -11.77
CA LYS C 413 26.01 33.20 -10.84
C LYS C 413 24.55 33.57 -11.06
N ILE C 414 24.27 34.68 -11.73
CA ILE C 414 22.89 35.13 -11.91
C ILE C 414 22.15 34.23 -12.89
N ILE C 415 22.82 33.81 -13.96
CA ILE C 415 22.16 32.91 -14.89
C ILE C 415 22.09 31.49 -14.36
N THR C 416 22.92 31.12 -13.39
CA THR C 416 22.82 29.79 -12.79
C THR C 416 21.75 29.76 -11.72
N ILE C 417 21.62 30.84 -10.95
CA ILE C 417 20.59 30.91 -9.93
C ILE C 417 19.21 31.12 -10.55
N LEU C 418 19.16 31.55 -11.81
CA LEU C 418 17.90 31.70 -12.51
C LEU C 418 17.43 30.36 -13.07
N VAL C 419 18.35 29.57 -13.59
CA VAL C 419 17.97 28.31 -14.24
C VAL C 419 17.84 27.16 -13.25
N THR C 420 18.42 27.28 -12.06
CA THR C 420 18.30 26.21 -11.08
C THR C 420 16.94 26.23 -10.42
N ALA C 421 16.45 27.42 -10.08
CA ALA C 421 15.17 27.55 -9.38
C ALA C 421 14.00 27.18 -10.29
N THR C 422 14.11 27.43 -11.59
CA THR C 422 13.06 26.99 -12.50
C THR C 422 13.15 25.51 -12.83
N ALA C 423 14.22 24.84 -12.45
CA ALA C 423 14.33 23.40 -12.63
C ALA C 423 13.86 22.64 -11.40
N SER C 424 14.26 23.09 -10.21
CA SER C 424 13.85 22.42 -8.98
C SER C 424 12.38 22.67 -8.65
N SER C 425 11.77 23.68 -9.26
CA SER C 425 10.34 23.91 -9.09
C SER C 425 9.52 22.77 -9.69
N VAL C 426 10.01 22.17 -10.77
CA VAL C 426 9.35 21.00 -11.34
C VAL C 426 9.44 19.82 -10.38
N GLY C 427 10.61 19.62 -9.78
CA GLY C 427 10.80 18.54 -8.83
C GLY C 427 10.12 18.74 -7.50
N ALA C 428 9.60 19.93 -7.22
CA ALA C 428 8.89 20.17 -5.98
C ALA C 428 7.57 19.43 -5.96
N ALA C 429 7.10 19.13 -4.76
CA ALA C 429 5.84 18.44 -4.56
C ALA C 429 4.75 19.44 -4.15
N GLY C 430 3.57 18.92 -3.86
CA GLY C 430 2.48 19.73 -3.39
C GLY C 430 2.35 19.66 -1.88
N ILE C 431 3.38 19.14 -1.23
CA ILE C 431 3.42 19.03 0.23
C ILE C 431 3.59 20.43 0.80
N PRO C 432 2.84 20.80 1.83
CA PRO C 432 3.06 22.10 2.48
C PRO C 432 4.43 22.17 3.14
N ALA C 433 5.09 23.32 2.96
CA ALA C 433 6.46 23.58 3.41
C ALA C 433 7.45 22.55 2.86
N GLY C 434 7.26 22.18 1.59
CA GLY C 434 8.14 21.22 0.95
C GLY C 434 9.24 21.86 0.14
N GLY C 435 9.05 23.13 -0.24
CA GLY C 435 10.02 23.85 -1.03
C GLY C 435 11.23 24.32 -0.26
N VAL C 436 11.21 24.22 1.06
CA VAL C 436 12.35 24.64 1.86
C VAL C 436 13.48 23.63 1.71
N LEU C 437 13.15 22.36 1.50
CA LEU C 437 14.17 21.33 1.33
C LEU C 437 14.93 21.50 0.02
N THR C 438 14.24 21.97 -1.03
CA THR C 438 14.88 22.21 -2.31
C THR C 438 15.60 23.55 -2.37
N LEU C 439 15.62 24.32 -1.29
CA LEU C 439 16.36 25.56 -1.28
C LEU C 439 17.85 25.32 -1.05
N ALA C 440 18.20 24.28 -0.30
CA ALA C 440 19.59 24.01 0.03
C ALA C 440 20.38 23.52 -1.18
N ILE C 441 19.72 22.83 -2.11
CA ILE C 441 20.44 22.33 -3.28
C ILE C 441 20.73 23.43 -4.28
N ILE C 442 20.02 24.55 -4.21
CA ILE C 442 20.37 25.70 -5.05
C ILE C 442 21.65 26.35 -4.53
N LEU C 443 21.75 26.47 -3.20
CA LEU C 443 22.81 27.28 -2.60
C LEU C 443 24.17 26.62 -2.73
N GLU C 444 24.23 25.29 -2.64
CA GLU C 444 25.50 24.61 -2.82
C GLU C 444 25.95 24.65 -4.27
N ALA C 445 25.01 24.61 -5.22
CA ALA C 445 25.37 24.69 -6.62
C ALA C 445 25.85 26.08 -7.01
N VAL C 446 25.39 27.10 -6.30
CA VAL C 446 25.84 28.47 -6.52
C VAL C 446 26.83 28.91 -5.45
N ASN C 447 27.33 27.94 -4.66
CA ASN C 447 28.35 28.02 -3.59
C ASN C 447 28.28 29.29 -2.74
N LEU C 448 27.09 29.61 -2.30
CA LEU C 448 26.75 30.59 -1.29
C LEU C 448 26.72 29.93 0.08
N PRO C 449 26.97 30.66 1.16
CA PRO C 449 26.97 30.03 2.49
C PRO C 449 25.57 29.68 2.95
N VAL C 450 25.46 28.53 3.61
CA VAL C 450 24.20 28.01 4.12
C VAL C 450 24.27 28.15 5.65
N ASP C 451 25.06 29.14 6.10
CA ASP C 451 25.39 29.30 7.51
C ASP C 451 24.16 29.62 8.35
N HIS C 452 23.13 30.22 7.76
CA HIS C 452 21.86 30.36 8.44
C HIS C 452 20.74 30.29 7.40
N ILE C 453 20.20 29.08 7.22
CA ILE C 453 18.99 28.91 6.44
C ILE C 453 17.77 29.05 7.34
N SER C 454 17.96 29.07 8.66
CA SER C 454 16.86 29.09 9.61
C SER C 454 16.18 30.45 9.68
N LEU C 455 16.68 31.47 8.98
CA LEU C 455 15.94 32.72 8.88
C LEU C 455 14.86 32.63 7.81
N ILE C 456 15.17 31.98 6.69
CA ILE C 456 14.14 31.70 5.69
C ILE C 456 13.18 30.66 6.23
N LEU C 457 13.67 29.72 7.01
CA LEU C 457 12.79 28.84 7.75
C LEU C 457 12.12 29.62 8.89
N ALA C 458 11.00 29.09 9.36
CA ALA C 458 10.16 29.58 10.46
C ALA C 458 9.46 30.90 10.14
N VAL C 459 9.58 31.41 8.91
CA VAL C 459 8.69 32.43 8.41
C VAL C 459 7.86 31.93 7.24
N ASP C 460 7.96 30.65 6.93
CA ASP C 460 7.24 30.03 5.83
C ASP C 460 5.84 29.57 6.21
N TRP C 461 5.37 29.91 7.40
CA TRP C 461 3.94 29.71 7.66
C TRP C 461 3.11 30.80 7.03
N LEU C 462 3.72 31.93 6.68
CA LEU C 462 3.03 33.06 6.09
C LEU C 462 3.33 33.24 4.62
N VAL C 463 4.61 33.19 4.24
CA VAL C 463 4.98 33.51 2.86
C VAL C 463 4.63 32.35 1.92
N ASP C 464 4.59 31.12 2.44
CA ASP C 464 4.27 29.99 1.59
C ASP C 464 2.77 29.93 1.28
N ARG C 465 1.94 30.54 2.13
CA ARG C 465 0.53 30.63 1.81
C ARG C 465 0.28 31.58 0.66
N SER C 466 1.09 32.63 0.55
CA SER C 466 1.06 33.45 -0.64
C SER C 466 1.68 32.74 -1.84
N CYS C 467 2.54 31.77 -1.60
CA CYS C 467 3.19 31.06 -2.69
C CYS C 467 2.21 30.16 -3.43
N THR C 468 1.33 29.48 -2.70
CA THR C 468 0.42 28.52 -3.33
C THR C 468 -0.66 29.22 -4.13
N VAL C 469 -1.03 30.44 -3.76
CA VAL C 469 -2.03 31.19 -4.49
C VAL C 469 -1.49 31.59 -5.85
N LEU C 470 -0.26 32.08 -5.88
CA LEU C 470 0.40 32.38 -7.15
C LEU C 470 0.71 31.11 -7.93
N ASN C 471 0.90 29.99 -7.22
CA ASN C 471 1.26 28.74 -7.89
C ASN C 471 0.08 28.19 -8.68
N VAL C 472 -1.09 28.12 -8.06
CA VAL C 472 -2.23 27.48 -8.71
C VAL C 472 -2.96 28.42 -9.64
N GLU C 473 -2.61 29.71 -9.65
CA GLU C 473 -3.32 30.66 -10.49
C GLU C 473 -2.92 30.53 -11.95
N GLY C 474 -1.63 30.29 -12.21
CA GLY C 474 -1.14 30.19 -13.58
C GLY C 474 -1.65 28.98 -14.33
N ASP C 475 -2.18 27.99 -13.63
CA ASP C 475 -2.79 26.85 -14.28
C ASP C 475 -4.08 27.24 -14.99
N ALA C 476 -4.99 27.87 -14.26
CA ALA C 476 -6.29 28.22 -14.83
C ALA C 476 -6.17 29.35 -15.83
N LEU C 477 -5.22 30.27 -15.64
CA LEU C 477 -4.94 31.27 -16.66
C LEU C 477 -4.37 30.61 -17.91
N GLY C 478 -3.54 29.59 -17.73
CA GLY C 478 -3.12 28.79 -18.86
C GLY C 478 -4.21 27.90 -19.42
N ALA C 479 -5.19 27.54 -18.59
CA ALA C 479 -6.31 26.73 -19.07
C ALA C 479 -7.21 27.54 -19.99
N GLY C 480 -7.56 28.76 -19.58
CA GLY C 480 -8.33 29.64 -20.43
C GLY C 480 -7.58 30.15 -21.63
N LEU C 481 -6.24 30.13 -21.58
CA LEU C 481 -5.45 30.57 -22.72
C LEU C 481 -5.53 29.57 -23.86
N LEU C 482 -5.78 28.30 -23.56
CA LEU C 482 -5.93 27.29 -24.61
C LEU C 482 -7.34 27.26 -25.18
N GLN C 483 -8.29 27.99 -24.59
CA GLN C 483 -9.62 28.09 -25.17
C GLN C 483 -9.60 28.95 -26.42
N ASN C 484 -8.79 30.01 -26.42
CA ASN C 484 -8.65 30.81 -27.63
C ASN C 484 -7.86 30.06 -28.70
N TYR C 485 -6.98 29.16 -28.29
CA TYR C 485 -6.13 28.43 -29.24
C TYR C 485 -6.93 27.42 -30.06
N VAL C 486 -8.03 26.91 -29.50
CA VAL C 486 -8.86 25.96 -30.25
C VAL C 486 -9.89 26.68 -31.10
N ASP C 487 -10.08 27.98 -30.90
CA ASP C 487 -11.03 28.74 -31.71
C ASP C 487 -10.53 28.95 -33.13
N ARG C 488 -9.21 29.01 -33.31
CA ARG C 488 -8.64 29.15 -34.64
C ARG C 488 -8.35 27.78 -35.24
#